data_5AI7
#
_entry.id   5AI7
#
_cell.length_a   1.000
_cell.length_b   1.000
_cell.length_c   1.000
_cell.angle_alpha   90.00
_cell.angle_beta   90.00
_cell.angle_gamma   90.00
#
_symmetry.space_group_name_H-M   'P 1'
#
_entity_poly.entity_id   1
_entity_poly.type   'polypeptide(L)'
_entity_poly.pdbx_seq_one_letter_code
;MLVFIDDGSTNIKLQWQESDGTIKQHISPNSFKREWAVSFGDKKVFNYTLNGEQYSFDPISPDAVVTTNIAWQYSDVNVV
AVHHALLTSGLPVSEVDIVCTLPLTEYYDRNNQPNTENIERKKANFRKKITLNGGDTFTIKDVKVMPESIPAGYEVLQEL
DELDSLLIIDLGGTTLDISQVMGKLSGISKIYGDSSLGVSLVTSAVKDALSLARTKGSSYLADDIIIHRKDNNYLKQRIN
DENKISIVTEAMNEALRKLEQRVLNTLNEFSGYTHVMVIGGGAELICDAVKKHTQIRDERFFKTNNSQYDLVNGMYLI
;
_entity_poly.pdbx_strand_id   A,B,C,D,E,F,G,H,I,J,K,L,M,N
#
# COMPACT_ATOMS: atom_id res chain seq x y z
CA MET A 1 -24.45 -14.24 -58.91
CA LEU A 2 -24.00 -11.17 -56.79
CA VAL A 3 -23.82 -8.44 -59.46
CA PHE A 4 -22.96 -4.84 -58.98
CA ILE A 5 -25.20 -2.08 -60.21
CA ASP A 6 -24.20 1.48 -59.59
CA ASP A 7 -27.57 2.93 -60.50
CA GLY A 8 -26.78 6.56 -61.33
CA SER A 9 -29.50 8.98 -62.47
CA THR A 10 -28.22 9.08 -66.03
CA ASN A 11 -26.16 5.93 -66.53
CA ILE A 12 -26.49 2.44 -65.06
CA LYS A 13 -23.03 1.00 -64.43
CA LEU A 14 -22.58 -2.75 -64.03
CA GLN A 15 -19.75 -4.81 -62.65
CA TRP A 16 -20.03 -8.60 -62.74
CA GLN A 17 -17.65 -11.56 -62.68
CA GLU A 18 -18.51 -14.53 -64.87
CA SER A 19 -17.18 -17.41 -62.74
CA ASP A 20 -14.20 -17.71 -65.13
CA GLY A 21 -12.62 -14.82 -63.19
CA THR A 22 -14.15 -12.65 -65.89
CA ILE A 23 -15.04 -9.29 -64.37
CA LYS A 24 -17.02 -7.16 -66.84
CA GLN A 25 -17.87 -3.42 -66.86
CA HIS A 26 -21.03 -2.48 -68.76
CA ILE A 27 -22.71 0.94 -68.93
CA SER A 28 -26.21 1.84 -70.05
CA PRO A 29 -27.64 5.36 -70.64
CA ASN A 30 -31.17 5.88 -69.30
CA SER A 31 -33.62 7.43 -71.76
CA PHE A 32 -37.20 6.13 -71.66
CA LYS A 33 -40.46 7.17 -73.31
CA ARG A 34 -43.81 6.37 -71.68
CA GLU A 35 -45.10 4.29 -74.59
CA TRP A 36 -44.23 1.27 -76.63
CA ALA A 37 -41.87 1.07 -79.58
CA VAL A 38 -43.04 0.37 -83.12
CA SER A 39 -41.66 -2.71 -84.83
CA PHE A 40 -40.08 -3.71 -88.07
CA GLY A 41 -38.83 -7.21 -87.38
CA ASP A 42 -35.08 -7.53 -86.80
CA LYS A 43 -34.82 -7.52 -82.97
CA LYS A 44 -36.62 -4.18 -82.76
CA VAL A 45 -37.93 -4.64 -79.29
CA PHE A 46 -37.79 -3.80 -75.54
CA ASN A 47 -41.21 -2.64 -74.44
CA TYR A 48 -41.79 -2.89 -70.65
CA THR A 49 -44.96 -2.91 -68.59
CA LEU A 50 -45.14 -2.08 -64.90
CA ASN A 51 -48.00 -0.91 -62.72
CA GLY A 52 -50.29 0.52 -65.37
CA GLU A 53 -48.09 2.67 -67.62
CA GLN A 54 -45.63 1.22 -70.12
CA TYR A 55 -42.18 2.20 -71.34
CA SER A 56 -39.68 1.73 -74.05
CA PHE A 57 -36.24 2.99 -74.85
CA ASP A 58 -35.67 6.19 -76.84
CA PRO A 59 -32.22 7.80 -77.03
CA ILE A 60 -33.03 10.70 -79.34
CA SER A 61 -36.33 12.52 -78.78
CA PRO A 62 -38.08 14.71 -76.18
CA ASP A 63 -40.70 13.23 -73.85
CA ALA A 64 -38.09 10.73 -72.76
CA VAL A 65 -38.62 11.41 -69.06
CA VAL A 66 -36.02 13.65 -67.40
CA THR A 67 -34.44 11.89 -64.44
CA THR A 68 -32.41 14.74 -62.86
CA ASN A 69 -34.97 15.05 -60.00
CA ILE A 70 -33.74 13.81 -56.62
CA ALA A 71 -36.41 11.11 -56.17
CA TRP A 72 -34.98 9.02 -59.01
CA GLN A 73 -33.78 6.55 -56.36
CA TYR A 74 -37.38 5.57 -55.63
CA SER A 75 -38.79 5.95 -59.16
CA ASP A 76 -40.60 3.14 -61.00
CA VAL A 77 -38.58 4.27 -64.02
CA ASN A 78 -35.47 3.29 -62.03
CA VAL A 79 -36.64 -0.34 -61.92
CA VAL A 80 -37.29 -0.23 -65.66
CA ALA A 81 -33.87 1.29 -66.30
CA VAL A 82 -31.97 -1.27 -64.25
CA HIS A 83 -33.81 -4.23 -65.80
CA HIS A 84 -33.16 -2.86 -69.23
CA ALA A 85 -29.46 -2.37 -68.56
CA LEU A 86 -29.08 -5.94 -67.31
CA LEU A 87 -31.08 -7.27 -70.27
CA THR A 88 -28.30 -6.00 -72.57
CA SER A 89 -25.47 -7.54 -70.51
CA GLY A 90 -25.03 -10.79 -72.41
CA LEU A 91 -25.89 -12.70 -69.26
CA PRO A 92 -27.88 -15.91 -68.88
CA VAL A 93 -31.36 -14.73 -67.86
CA SER A 94 -32.05 -15.95 -64.29
CA GLU A 95 -32.59 -15.16 -60.66
CA VAL A 96 -29.61 -13.18 -59.33
CA ASP A 97 -28.66 -10.93 -56.40
CA ILE A 98 -27.44 -7.38 -56.54
CA VAL A 99 -25.85 -4.52 -54.74
CA CYS A 100 -26.85 -1.00 -55.66
CA THR A 101 -26.19 2.61 -54.60
CA LEU A 102 -27.69 5.36 -52.50
CA PRO A 103 -26.57 9.01 -52.62
CA LEU A 104 -24.52 10.19 -49.63
CA THR A 105 -27.39 12.21 -48.13
CA GLU A 106 -29.84 9.29 -48.29
CA TYR A 107 -28.06 6.87 -45.96
CA TYR A 108 -27.43 9.37 -43.22
CA ASP A 109 -29.08 12.00 -41.05
CA ARG A 110 -28.37 14.34 -38.08
CA ASN A 111 -26.60 11.72 -36.01
CA ASN A 112 -24.62 10.20 -38.88
CA GLN A 113 -26.05 6.73 -38.73
CA PRO A 114 -27.63 4.56 -41.44
CA ASN A 115 -31.14 5.70 -42.44
CA THR A 116 -32.67 2.22 -42.37
CA GLU A 117 -35.99 3.63 -43.51
CA ASN A 118 -34.57 5.06 -46.72
CA ILE A 119 -32.28 2.04 -47.18
CA GLU A 120 -35.30 -0.27 -47.05
CA ARG A 121 -37.57 1.81 -49.26
CA LYS A 122 -34.75 1.34 -51.79
CA LYS A 123 -34.69 -2.48 -51.43
CA ALA A 124 -38.46 -2.64 -51.75
CA ASN A 125 -38.48 -0.76 -55.07
CA PHE A 126 -36.67 -3.67 -56.78
CA ARG A 127 -39.50 -6.03 -55.77
CA LYS A 128 -41.86 -4.28 -58.18
CA LYS A 129 -43.16 -6.66 -60.85
CA ILE A 130 -42.36 -5.91 -64.48
CA THR A 131 -43.06 -7.57 -67.84
CA LEU A 132 -41.14 -7.48 -71.09
CA ASN A 133 -43.39 -8.89 -73.90
CA GLY A 134 -41.81 -11.61 -76.08
CA GLY A 135 -39.16 -12.68 -73.57
CA ASP A 136 -38.35 -13.37 -69.93
CA THR A 137 -36.75 -10.81 -67.64
CA PHE A 138 -34.01 -11.67 -65.12
CA THR A 139 -35.45 -12.02 -61.62
CA ILE A 140 -33.83 -9.87 -58.95
CA LYS A 141 -33.70 -11.82 -55.67
CA ASP A 142 -31.52 -10.42 -52.85
CA VAL A 143 -30.78 -6.68 -52.63
CA LYS A 144 -28.26 -4.65 -50.61
CA VAL A 145 -27.12 -1.05 -50.66
CA MET A 146 -23.80 0.83 -50.45
CA PRO A 147 -23.23 4.60 -50.22
CA GLU A 148 -22.01 6.70 -53.17
CA SER A 149 -18.59 8.00 -51.95
CA ILE A 150 -16.27 5.54 -50.21
CA PRO A 151 -15.47 2.64 -52.48
CA ALA A 152 -13.99 4.64 -55.39
CA GLY A 153 -11.03 5.53 -53.14
CA TYR A 154 -10.52 1.87 -52.29
CA GLU A 155 -7.22 0.86 -53.89
CA VAL A 156 -5.60 4.28 -53.30
CA LEU A 157 -6.73 4.35 -49.66
CA GLN A 158 -5.00 1.01 -49.10
CA GLU A 159 -1.47 2.29 -49.78
CA LEU A 160 -1.95 5.59 -47.95
CA ASP A 161 -1.03 5.11 -44.22
CA GLU A 162 -2.99 5.80 -40.97
CA LEU A 163 -2.53 9.51 -40.16
CA ASP A 164 -3.51 11.17 -43.47
CA SER A 165 -6.75 11.80 -45.39
CA LEU A 166 -8.08 11.34 -48.89
CA LEU A 167 -10.74 13.70 -50.25
CA ILE A 168 -13.00 11.87 -52.69
CA ILE A 169 -14.99 14.26 -54.91
CA ASP A 170 -17.90 12.45 -56.63
CA LEU A 171 -19.66 14.68 -59.16
CA GLY A 172 -22.65 13.03 -60.81
CA GLY A 173 -25.59 14.23 -62.91
CA THR A 174 -27.72 15.09 -59.90
CA THR A 175 -25.45 15.03 -56.82
CA LEU A 176 -22.10 16.38 -55.60
CA ASP A 177 -20.90 13.88 -53.00
CA ILE A 178 -17.74 14.69 -51.03
CA SER A 179 -16.05 12.54 -48.43
CA GLN A 180 -12.80 12.75 -46.52
CA VAL A 181 -11.42 9.40 -45.39
CA MET A 182 -8.38 9.23 -43.08
CA GLY A 183 -5.62 6.81 -44.11
CA LYS A 184 -7.23 3.67 -45.50
CA LEU A 185 -10.87 3.04 -44.58
CA SER A 186 -9.53 3.06 -41.02
CA GLY A 187 -11.65 6.18 -40.46
CA ILE A 188 -14.02 8.54 -42.29
CA SER A 189 -13.79 12.08 -41.00
CA LYS A 190 -16.51 13.95 -42.82
CA ILE A 191 -19.10 13.48 -45.55
CA TYR A 192 -21.24 15.93 -47.47
CA GLY A 193 -23.98 15.55 -50.07
CA ASP A 194 -25.48 18.30 -52.19
CA SER A 195 -28.31 16.89 -54.34
CA SER A 196 -28.97 20.23 -56.07
CA LEU A 197 -25.43 20.48 -57.44
CA GLY A 198 -24.94 18.14 -60.37
CA VAL A 199 -23.82 18.25 -63.98
CA SER A 200 -27.54 18.89 -64.63
CA LEU A 201 -26.84 22.56 -64.17
CA VAL A 202 -25.28 22.94 -67.61
CA THR A 203 -27.28 20.17 -69.34
CA SER A 204 -30.54 21.89 -68.30
CA ALA A 205 -29.36 25.20 -69.80
CA VAL A 206 -27.99 23.63 -72.98
CA LYS A 207 -31.28 21.77 -73.56
CA ASP A 208 -33.02 25.11 -73.76
CA ALA A 209 -30.24 26.47 -76.05
CA LEU A 210 -30.65 23.58 -78.41
CA SER A 211 -34.41 24.34 -78.56
CA LEU A 212 -33.52 27.94 -79.51
CA ALA A 213 -31.32 26.37 -82.19
CA ARG A 214 -34.35 24.42 -83.42
CA THR A 215 -32.93 21.16 -82.13
CA LYS A 216 -35.48 20.20 -79.48
CA GLY A 217 -34.05 16.89 -78.31
CA SER A 218 -33.31 14.27 -75.67
CA SER A 219 -31.19 14.84 -72.60
CA TYR A 220 -28.87 12.25 -74.09
CA LEU A 221 -28.25 14.27 -77.27
CA ALA A 222 -27.54 17.30 -75.12
CA ASP A 223 -24.99 15.34 -73.11
CA ASP A 224 -23.53 14.23 -76.39
CA ILE A 225 -22.95 17.89 -77.20
CA ILE A 226 -21.34 18.46 -73.83
CA ILE A 227 -19.06 15.44 -74.32
CA HIS A 228 -17.90 16.71 -77.72
CA ARG A 229 -17.71 20.36 -76.69
CA LYS A 230 -14.20 20.63 -78.23
CA ASP A 231 -14.95 19.77 -81.89
CA ASN A 232 -16.97 22.39 -83.78
CA ASN A 233 -17.12 19.99 -86.73
CA TYR A 234 -18.67 17.27 -84.60
CA LEU A 235 -21.19 19.78 -83.31
CA LYS A 236 -22.01 20.67 -86.94
CA GLN A 237 -23.18 17.06 -87.38
CA ARG A 238 -25.60 17.38 -84.43
CA ILE A 239 -26.84 21.01 -84.32
CA ASN A 240 -29.68 21.09 -86.82
CA ASP A 241 -28.93 23.54 -89.56
CA GLU A 242 -27.30 26.78 -88.45
CA ASN A 243 -24.55 29.35 -88.28
CA LYS A 244 -26.01 29.58 -84.76
CA ILE A 245 -23.63 27.01 -83.38
CA SER A 246 -22.62 30.43 -81.99
CA ILE A 247 -25.72 30.87 -79.84
CA VAL A 248 -25.36 27.41 -78.30
CA THR A 249 -21.61 27.32 -77.62
CA GLU A 250 -21.53 30.60 -75.70
CA ALA A 251 -24.63 29.78 -73.64
CA MET A 252 -23.00 26.43 -72.90
CA ASN A 253 -19.65 28.06 -72.05
CA GLU A 254 -21.18 30.62 -69.71
CA ALA A 255 -23.15 28.04 -67.78
CA LEU A 256 -20.04 25.80 -67.62
CA ARG A 257 -18.01 28.60 -65.99
CA LYS A 258 -20.81 29.17 -63.55
CA LEU A 259 -20.78 25.54 -62.43
CA GLU A 260 -17.18 25.75 -61.19
CA GLN A 261 -17.72 28.60 -58.73
CA ARG A 262 -20.50 26.90 -56.82
CA VAL A 263 -18.70 23.54 -56.72
CA LEU A 264 -15.46 25.10 -55.42
CA ASN A 265 -17.33 27.10 -52.79
CA THR A 266 -18.75 23.79 -51.56
CA LEU A 267 -15.27 22.31 -51.20
CA ASN A 268 -14.19 25.04 -48.80
CA GLU A 269 -16.46 23.29 -46.27
CA PHE A 270 -13.69 20.70 -45.80
CA SER A 271 -10.08 20.99 -44.72
CA GLY A 272 -6.98 19.02 -43.82
CA TYR A 273 -7.12 16.70 -46.81
CA THR A 274 -3.68 15.29 -47.72
CA HIS A 275 -4.79 13.55 -50.90
CA VAL A 276 -7.48 14.51 -53.38
CA MET A 277 -9.35 12.37 -55.88
CA VAL A 278 -12.09 13.23 -58.38
CA ILE A 279 -14.44 10.45 -59.65
CA GLY A 280 -17.55 10.30 -61.86
CA GLY A 281 -17.98 11.26 -65.51
CA GLY A 282 -18.19 14.87 -64.37
CA ALA A 283 -14.63 14.64 -62.96
CA GLU A 284 -13.38 15.26 -66.50
CA LEU A 285 -15.20 18.61 -66.54
CA ILE A 286 -13.91 20.14 -63.28
CA CYS A 287 -10.57 18.37 -62.64
CA ASP A 288 -8.15 21.18 -63.49
CA ALA A 289 -9.98 23.87 -61.46
CA VAL A 290 -10.01 21.64 -58.39
CA LYS A 291 -6.38 20.54 -58.70
CA LYS A 292 -5.29 24.15 -59.06
CA HIS A 293 -7.58 25.50 -56.31
CA THR A 294 -6.30 22.99 -53.72
CA GLN A 295 -2.58 23.44 -54.36
CA ILE A 296 -1.96 19.69 -54.04
CA ARG A 297 1.39 18.51 -55.43
CA ASP A 298 1.20 16.14 -58.36
CA GLU A 299 1.95 12.93 -56.44
CA ARG A 300 -1.03 13.50 -54.11
CA PHE A 301 -3.62 13.94 -56.88
CA PHE A 302 -5.24 10.84 -58.48
CA LYS A 303 -7.65 11.17 -61.40
CA THR A 304 -8.24 7.99 -63.36
CA ASN A 305 -8.72 7.09 -67.02
CA ASN A 306 -12.24 5.64 -66.50
CA SER A 307 -13.60 8.08 -63.91
CA GLN A 308 -17.16 7.13 -64.81
CA TYR A 309 -16.60 3.60 -63.49
CA ASP A 310 -14.54 4.20 -60.37
CA LEU A 311 -17.48 3.70 -58.00
CA VAL A 312 -18.93 0.42 -59.33
CA ASN A 313 -15.41 -1.03 -59.50
CA GLY A 314 -14.91 -0.08 -55.85
CA MET A 315 -18.24 -1.64 -54.91
CA TYR A 316 -17.02 -4.80 -56.61
CA LEU A 317 -13.52 -4.92 -55.11
CA ILE A 318 -15.05 -4.76 -51.70
CA MET B 1 -22.88 60.08 -46.03
CA LEU B 2 -20.92 57.79 -43.78
CA VAL B 3 -23.51 55.07 -43.08
CA PHE B 4 -23.24 52.23 -40.65
CA ILE B 5 -23.77 48.65 -41.67
CA ASP B 6 -23.42 45.94 -39.09
CA ASP B 7 -23.34 43.13 -41.64
CA GLY B 8 -24.32 40.08 -39.61
CA SER B 9 -24.64 36.62 -41.19
CA THR B 10 -28.39 36.61 -40.87
CA ASN B 11 -29.49 40.22 -40.54
CA ILE B 12 -28.05 43.42 -41.99
CA LYS B 13 -28.39 46.23 -39.48
CA LEU B 14 -28.19 49.85 -40.64
CA GLN B 15 -27.64 53.06 -38.72
CA TRP B 16 -27.70 56.32 -40.65
CA GLN B 17 -28.36 60.00 -39.85
CA GLU B 18 -30.26 62.03 -42.43
CA SER B 19 -28.60 65.45 -42.03
CA ASP B 20 -31.71 66.64 -40.14
CA GLY B 21 -30.21 64.97 -37.04
CA THR B 22 -32.39 62.02 -38.07
CA ILE B 23 -30.64 58.81 -37.01
CA LYS B 24 -32.47 55.76 -38.41
CA GLN B 25 -32.21 52.05 -37.53
CA HIS B 26 -33.16 49.64 -40.32
CA ILE B 27 -32.81 45.85 -40.31
CA SER B 28 -32.94 43.41 -43.21
CA PRO B 29 -33.05 39.57 -43.05
CA ASN B 30 -30.79 37.82 -45.57
CA SER B 31 -32.44 35.08 -47.62
CA PHE B 32 -31.38 34.77 -51.25
CA LYS B 33 -32.08 32.27 -54.04
CA ARG B 34 -29.60 31.82 -56.90
CA GLU B 35 -32.08 32.77 -59.62
CA TRP B 36 -34.29 35.59 -60.65
CA ALA B 37 -37.80 36.39 -59.43
CA VAL B 38 -40.88 36.04 -61.60
CA SER B 39 -42.95 39.17 -62.15
CA PHE B 40 -46.51 40.30 -62.01
CA GLY B 41 -46.23 44.07 -62.31
CA ASP B 42 -46.70 46.00 -59.06
CA LYS B 43 -43.10 46.57 -57.89
CA LYS B 44 -42.37 42.83 -57.95
CA VAL B 45 -38.67 43.17 -58.44
CA PHE B 46 -35.10 42.97 -57.05
CA ASN B 47 -33.07 40.65 -59.24
CA TYR B 48 -29.28 41.12 -58.93
CA THR B 49 -26.43 40.10 -61.20
CA LEU B 50 -22.82 39.76 -60.11
CA ASN B 51 -19.94 37.80 -61.57
CA GLY B 52 -21.84 35.20 -63.57
CA GLU B 53 -24.59 33.88 -61.26
CA GLN B 54 -27.67 35.89 -60.37
CA TYR B 55 -29.76 36.29 -57.24
CA SER B 56 -33.07 37.39 -55.92
CA PHE B 57 -34.74 37.58 -52.57
CA ASP B 58 -36.78 34.69 -51.17
CA PRO B 59 -37.90 34.64 -47.52
CA ILE B 60 -39.86 31.39 -47.52
CA SER B 61 -38.38 28.45 -49.44
CA PRO B 62 -35.37 26.10 -49.39
CA ASP B 63 -32.45 26.66 -51.75
CA ALA B 64 -32.14 30.12 -50.31
CA VAL B 65 -28.43 29.77 -49.57
CA VAL B 66 -27.52 29.06 -45.94
CA THR B 67 -25.15 31.68 -44.62
CA THR B 68 -24.13 30.18 -41.25
CA ASN B 69 -20.69 29.20 -42.64
CA ILE B 70 -17.77 31.28 -41.32
CA ALA B 71 -16.68 32.63 -44.75
CA TRP B 72 -19.83 34.73 -45.10
CA GLN B 73 -17.65 37.80 -44.45
CA TYR B 74 -15.96 37.27 -47.82
CA SER B 75 -18.93 35.88 -49.74
CA ASP B 76 -20.23 37.44 -52.96
CA VAL B 77 -23.66 36.86 -51.41
CA ASN B 78 -22.63 39.32 -48.69
CA VAL B 79 -22.27 42.10 -51.26
CA VAL B 80 -25.67 41.24 -52.65
CA ALA B 81 -27.19 41.22 -49.19
CA VAL B 82 -25.79 44.58 -48.15
CA HIS B 83 -26.81 46.27 -51.40
CA HIS B 84 -30.29 44.86 -51.08
CA ALA B 85 -30.64 46.05 -47.51
CA LEU B 86 -29.59 49.59 -48.41
CA LEU B 87 -31.89 49.59 -51.44
CA THR B 88 -34.85 49.29 -49.04
CA SER B 89 -33.66 52.11 -46.76
CA GLY B 90 -35.64 54.98 -48.24
CA LEU B 91 -32.40 56.73 -49.05
CA PRO B 92 -31.54 58.84 -52.09
CA VAL B 93 -29.61 56.47 -54.35
CA SER B 94 -25.99 57.76 -54.63
CA GLU B 95 -22.36 57.30 -53.89
CA VAL B 96 -21.85 56.95 -50.13
CA ASP B 97 -19.27 55.67 -47.63
CA ILE B 98 -19.68 52.95 -45.06
CA VAL B 99 -18.35 51.28 -42.01
CA CYS B 100 -18.92 47.59 -41.54
CA THR B 101 -18.05 44.74 -39.17
CA LEU B 102 -15.60 41.89 -38.79
CA PRO B 103 -16.00 39.09 -36.23
CA LEU B 104 -13.66 39.25 -33.23
CA THR B 105 -11.41 36.43 -34.50
CA GLU B 106 -10.93 38.03 -37.91
CA TYR B 107 -9.19 41.26 -36.88
CA TYR B 108 -6.71 39.62 -34.57
CA ASP B 109 -4.14 36.85 -34.31
CA ARG B 110 -1.46 35.43 -31.92
CA ASN B 111 0.02 38.80 -31.05
CA ASN B 112 -3.29 40.62 -30.70
CA GLN B 113 -2.79 43.17 -33.44
CA PRO B 114 -5.02 44.12 -36.40
CA ASN B 115 -4.98 41.49 -39.17
CA THR B 116 -4.52 43.98 -42.00
CA GLU B 117 -4.69 41.18 -44.53
CA ASN B 118 -8.17 40.08 -43.46
CA ILE B 119 -9.25 43.70 -42.90
CA GLU B 120 -8.32 44.53 -46.49
CA ARG B 121 -9.79 41.43 -48.07
CA LYS B 122 -13.00 42.72 -46.43
CA LYS B 123 -12.71 46.22 -47.98
CA ALA B 124 -12.01 44.74 -51.40
CA ASN B 125 -15.17 42.61 -51.38
CA PHE B 126 -17.35 45.76 -51.50
CA ARG B 127 -15.62 46.85 -54.72
CA LYS B 128 -17.29 43.99 -56.60
CA LYS B 129 -19.54 45.24 -59.39
CA ILE B 130 -23.24 44.43 -59.24
CA THR B 131 -26.29 45.19 -61.40
CA LEU B 132 -29.95 45.48 -60.49
CA ASN B 133 -32.07 45.44 -63.72
CA GLY B 134 -34.62 48.26 -64.06
CA GLY B 135 -32.94 50.65 -61.64
CA ASP B 136 -29.67 52.08 -60.35
CA THR B 137 -27.86 50.74 -57.29
CA PHE B 138 -26.20 52.99 -54.68
CA THR B 139 -22.45 53.15 -55.24
CA ILE B 140 -20.30 52.25 -52.26
CA LYS B 141 -17.22 54.47 -52.20
CA ASP B 142 -15.05 54.50 -49.03
CA VAL B 143 -14.98 51.49 -46.70
CA LYS B 144 -13.71 50.96 -43.15
CA VAL B 145 -14.03 48.17 -40.61
CA MET B 146 -14.72 47.87 -36.88
CA PRO B 147 -14.63 44.74 -34.70
CA GLU B 148 -17.80 43.00 -33.44
CA SER B 149 -17.54 43.39 -29.62
CA ILE B 150 -16.53 46.80 -28.25
CA PRO B 151 -18.99 49.41 -29.37
CA ALA B 152 -22.15 47.88 -27.88
CA GLY B 153 -20.78 48.60 -24.39
CA TYR B 154 -20.13 52.22 -25.33
CA GLU B 155 -22.59 54.28 -23.29
CA VAL B 156 -22.42 51.96 -20.26
CA LEU B 157 -18.61 51.90 -20.32
CA GLN B 158 -18.58 55.71 -20.13
CA GLU B 159 -20.18 55.94 -16.69
CA LEU B 160 -18.25 53.01 -15.21
CA ASP B 161 -14.93 54.29 -13.72
CA GLU B 162 -11.26 53.29 -14.35
CA LEU B 163 -10.55 50.23 -12.14
CA ASP B 164 -13.44 47.90 -13.08
CA SER B 165 -14.40 45.74 -16.07
CA LEU B 166 -17.41 45.14 -18.28
CA LEU B 167 -17.96 41.75 -19.89
CA ILE B 168 -19.71 42.15 -23.23
CA ILE B 169 -21.27 38.89 -24.45
CA ASP B 170 -22.15 39.08 -28.18
CA LEU B 171 -24.08 36.01 -29.34
CA GLY B 172 -24.87 36.05 -33.04
CA GLY B 173 -26.05 33.47 -35.57
CA THR B 174 -22.56 32.19 -36.31
CA THR B 175 -20.24 33.59 -33.64
CA LEU B 176 -19.95 33.94 -29.86
CA ASP B 177 -17.83 37.03 -29.29
CA ILE B 178 -16.78 37.86 -25.72
CA SER B 179 -14.77 40.83 -24.54
CA GLN B 180 -13.81 42.21 -21.15
CA VAL B 181 -13.15 45.96 -21.17
CA MET B 182 -11.76 47.69 -18.04
CA GLY B 183 -13.56 50.87 -16.95
CA LYS B 184 -14.48 52.86 -20.04
CA LEU B 185 -12.60 52.02 -23.25
CA SER B 186 -9.56 53.03 -21.23
CA GLY B 187 -8.40 49.41 -21.52
CA ILE B 188 -9.46 46.06 -23.03
CA SER B 189 -8.22 43.15 -20.97
CA LYS B 190 -9.23 40.11 -22.98
CA ILE B 191 -11.15 39.10 -26.09
CA TYR B 192 -12.39 35.76 -27.37
CA GLY B 193 -14.15 34.61 -30.53
CA ASP B 194 -15.74 31.23 -31.11
CA SER B 195 -17.03 31.04 -34.69
CA SER B 196 -18.47 27.54 -34.24
CA LEU B 197 -20.77 28.61 -31.39
CA GLY B 198 -23.74 30.54 -32.68
CA VAL B 199 -27.52 30.44 -32.55
CA SER B 200 -27.13 28.24 -35.66
CA LEU B 201 -26.83 25.28 -33.33
CA VAL B 202 -30.56 25.11 -32.64
CA THR B 203 -31.73 26.56 -35.98
CA SER B 204 -29.77 23.82 -37.78
CA ALA B 205 -31.52 21.12 -35.73
CA VAL B 206 -34.97 22.68 -35.99
CA LYS B 207 -34.62 22.89 -39.79
CA ASP B 208 -34.30 19.16 -39.86
CA ALA B 209 -37.26 18.80 -37.43
CA LEU B 210 -39.44 20.92 -39.63
CA SER B 211 -38.56 18.65 -42.58
CA LEU B 212 -39.67 15.66 -40.47
CA ALA B 213 -42.87 17.64 -39.90
CA ARG B 214 -43.25 17.97 -43.68
CA THR B 215 -42.44 21.67 -43.55
CA LYS B 216 -39.19 21.80 -45.53
CA GLY B 217 -38.49 25.52 -45.45
CA SER B 218 -36.21 28.54 -45.31
CA SER B 219 -33.83 29.28 -42.48
CA TYR B 220 -35.90 32.41 -41.96
CA LEU B 221 -39.13 30.45 -41.31
CA ALA B 222 -37.23 28.28 -38.86
CA ASP B 223 -36.01 31.36 -37.01
CA ASP B 224 -39.57 32.56 -37.02
CA ILE B 225 -40.47 29.39 -35.13
CA ILE B 226 -37.68 29.98 -32.66
CA ILE B 227 -38.79 33.59 -32.12
CA HIS B 228 -42.35 32.52 -31.38
CA ARG B 229 -41.38 29.45 -29.39
CA LYS B 230 -43.82 30.46 -26.61
CA ASP B 231 -47.17 30.42 -28.48
CA ASN B 232 -48.38 26.97 -29.57
CA ASN B 233 -51.21 28.70 -31.44
CA TYR B 234 -48.76 30.77 -33.45
CA LEU B 235 -46.82 27.62 -34.23
CA LYS B 236 -50.06 26.01 -35.44
CA GLN B 237 -50.20 28.72 -38.13
CA ARG B 238 -46.69 27.81 -39.36
CA ILE B 239 -46.23 24.03 -38.88
CA ASN B 240 -47.89 22.51 -41.95
CA ASP B 241 -50.72 20.24 -40.87
CA GLU B 242 -50.00 18.13 -37.78
CA ASN B 243 -50.55 16.98 -34.22
CA LYS B 244 -46.76 16.62 -34.51
CA ILE B 245 -46.11 20.09 -33.23
CA SER B 246 -45.01 17.61 -30.55
CA ILE B 247 -42.08 16.20 -32.52
CA VAL B 248 -40.75 19.66 -33.33
CA THR B 249 -41.13 21.41 -29.97
CA GLU B 250 -39.25 18.75 -28.01
CA ALA B 251 -36.43 18.47 -30.54
CA MET B 252 -36.23 22.25 -30.42
CA ASN B 253 -36.30 22.30 -26.61
CA GLU B 254 -33.60 19.65 -26.23
CA ALA B 255 -31.23 21.41 -28.60
CA LEU B 256 -31.96 24.73 -26.85
CA ARG B 257 -30.91 23.28 -23.48
CA LYS B 258 -27.79 21.91 -25.08
CA LEU B 259 -26.80 25.34 -26.37
CA GLU B 260 -26.58 26.83 -22.89
CA GLN B 261 -24.03 24.35 -21.54
CA ARG B 262 -21.45 24.97 -24.22
CA VAL B 263 -21.89 28.76 -24.09
CA LEU B 264 -21.51 28.86 -20.29
CA ASN B 265 -18.42 26.62 -20.39
CA THR B 266 -16.90 29.18 -22.76
CA LEU B 267 -17.52 32.01 -20.29
CA ASN B 268 -15.49 30.30 -17.58
CA GLU B 269 -12.44 31.25 -19.69
CA PHE B 270 -12.81 34.80 -18.30
CA SER B 271 -12.75 36.18 -14.79
CA GLY B 272 -12.77 39.34 -12.70
CA TYR B 273 -15.60 41.00 -14.60
CA THR B 274 -17.43 43.59 -12.48
CA HIS B 275 -20.22 44.27 -14.95
CA VAL B 276 -21.85 41.94 -17.47
CA MET B 277 -23.77 42.80 -20.62
CA VAL B 278 -25.42 40.54 -23.22
CA ILE B 279 -26.04 41.90 -26.77
CA GLY B 280 -27.31 40.48 -30.07
CA GLY B 281 -30.71 38.95 -30.89
CA GLY B 282 -29.48 35.76 -29.24
CA ALA B 283 -29.10 37.63 -25.92
CA GLU B 284 -32.84 37.12 -25.43
CA LEU B 285 -32.33 33.34 -25.56
CA ILE B 286 -29.55 32.93 -22.98
CA CYS B 287 -29.90 35.98 -20.69
CA ASP B 288 -31.30 34.36 -17.55
CA ALA B 289 -28.82 31.45 -17.51
CA VAL B 290 -25.90 33.85 -17.76
CA LYS B 291 -27.20 36.31 -15.17
CA LYS B 292 -27.79 33.47 -12.73
CA HIS B 293 -24.50 31.67 -13.46
CA THR B 294 -22.39 34.80 -12.83
CA GLN B 295 -24.00 35.84 -9.54
CA ILE B 296 -23.93 39.51 -10.56
CA ARG B 297 -26.22 41.78 -8.50
CA ASP B 298 -29.01 43.47 -10.41
CA GLU B 299 -27.37 46.91 -10.68
CA ARG B 300 -24.32 45.45 -12.45
CA PHE B 301 -26.28 43.63 -15.20
CA PHE B 302 -27.41 45.54 -18.33
CA LYS B 303 -29.57 43.85 -20.98
CA THR B 304 -31.34 46.19 -23.36
CA ASN B 305 -34.74 46.35 -25.03
CA ASN B 306 -33.32 46.27 -28.60
CA SER B 307 -30.42 43.84 -28.10
CA GLN B 308 -30.30 43.10 -31.81
CA TYR B 309 -29.24 46.68 -32.55
CA ASP B 310 -26.79 47.41 -29.76
CA LEU B 311 -23.71 46.94 -31.95
CA VAL B 312 -24.62 49.11 -34.95
CA ASN B 313 -25.77 51.86 -32.59
CA GLY B 314 -22.38 51.68 -30.86
CA MET B 315 -20.61 51.82 -34.20
CA TYR B 316 -22.59 54.96 -34.93
CA LEU B 317 -22.11 56.72 -31.60
CA ILE B 318 -18.40 56.36 -32.07
CA MET C 1 -10.14 -4.43 -9.01
CA LEU C 2 -8.57 -1.24 -7.77
CA VAL C 3 -7.20 0.23 -11.02
CA PHE C 4 -4.99 3.21 -11.40
CA ILE C 5 -5.91 6.06 -13.63
CA ASP C 6 -3.58 9.00 -13.90
CA ASP C 7 -6.05 11.23 -15.72
CA GLY C 8 -3.83 13.84 -17.37
CA SER C 9 -5.30 16.60 -19.56
CA THR C 10 -3.94 15.09 -22.75
CA ASN C 11 -3.29 11.42 -22.02
CA ILE C 12 -5.05 8.95 -19.73
CA LYS C 13 -2.51 6.63 -18.16
CA LEU C 14 -3.59 3.30 -16.70
CA GLN C 15 -1.85 0.88 -14.39
CA TRP C 16 -3.66 -2.34 -13.47
CA GLN C 17 -2.70 -5.79 -12.20
CA GLU C 18 -4.59 -8.76 -13.59
CA SER C 19 -4.62 -11.08 -10.56
CA ASP C 20 -1.93 -13.21 -12.27
CA GLY C 21 0.60 -10.66 -10.95
CA THR C 22 0.18 -9.06 -14.36
CA ILE C 23 0.68 -5.31 -14.00
CA LYS C 24 -0.17 -3.51 -17.25
CA GLN C 25 0.55 0.06 -18.44
CA HIS C 26 -1.90 1.46 -21.00
CA ILE C 27 -2.05 5.01 -22.37
CA SER C 28 -4.85 6.74 -24.25
CA PRO C 29 -4.69 10.17 -26.01
CA ASN C 30 -7.78 12.34 -25.46
CA SER C 31 -9.30 13.83 -28.63
CA PHE C 32 -13.10 14.04 -28.79
CA LYS C 33 -15.59 15.62 -31.16
CA ARG C 34 -19.04 16.69 -29.94
CA GLU C 35 -20.93 14.43 -32.34
CA TRP C 36 -21.22 10.82 -33.25
CA ALA C 37 -19.04 8.83 -35.64
CA VAL C 38 -20.25 7.55 -38.98
CA SER C 39 -20.13 3.80 -39.55
CA PHE C 40 -18.98 1.31 -42.09
CA GLY C 41 -19.31 -1.99 -40.25
CA ASP C 42 -16.03 -3.49 -39.00
CA LYS C 43 -15.93 -2.33 -35.35
CA LYS C 44 -16.23 1.32 -36.39
CA VAL C 45 -17.75 2.49 -33.17
CA PHE C 46 -17.47 4.35 -29.84
CA ASN C 47 -20.18 6.98 -29.64
CA TYR C 48 -20.99 8.16 -26.10
CA THR C 49 -23.97 9.98 -24.67
CA LEU C 50 -23.98 11.94 -21.44
CA ASN C 51 -26.21 14.71 -20.15
CA GLY C 52 -27.61 15.96 -23.43
CA GLU C 53 -24.65 16.32 -25.81
CA GLN C 54 -22.88 13.37 -27.38
CA TYR C 55 -19.28 12.56 -28.22
CA SER C 56 -17.03 10.37 -30.22
CA PHE C 57 -13.36 9.95 -30.78
CA ASP C 58 -11.47 11.88 -33.44
CA PRO C 59 -7.66 11.97 -33.52
CA ILE C 60 -7.14 14.07 -36.62
CA SER C 61 -9.41 17.08 -37.13
CA PRO C 62 -10.29 20.42 -35.55
CA ASP C 63 -13.37 20.82 -33.36
CA ALA C 64 -12.04 18.04 -31.21
CA VAL C 65 -12.40 20.01 -27.98
CA VAL C 66 -9.17 21.51 -26.61
CA THR C 67 -8.55 20.33 -23.06
CA THR C 68 -5.64 22.57 -22.00
CA ASN C 69 -7.96 24.70 -19.80
CA ILE C 70 -7.47 24.24 -16.04
CA ALA C 71 -11.03 23.00 -15.30
CA TRP C 72 -10.44 19.75 -17.19
CA GLN C 73 -10.45 17.99 -13.80
CA TYR C 74 -14.18 18.68 -13.46
CA SER C 75 -15.16 18.45 -17.13
CA ASP C 76 -17.86 16.07 -18.39
CA VAL C 77 -15.43 15.35 -21.24
CA ASN C 78 -13.07 13.97 -18.58
CA VAL C 79 -15.60 11.27 -17.68
CA VAL C 80 -15.99 10.42 -21.35
CA ALA C 81 -12.22 10.29 -21.81
CA VAL C 82 -11.61 7.99 -18.86
CA HIS C 83 -14.42 5.60 -19.84
CA HIS C 84 -13.13 5.47 -23.36
CA ALA C 85 -9.59 4.74 -22.24
CA LEU C 86 -10.71 1.88 -20.01
CA LEU C 87 -12.95 0.52 -22.78
CA THR C 88 -9.81 -0.14 -24.85
CA SER C 89 -7.92 -1.87 -22.01
CA GLY C 90 -8.77 -5.48 -22.84
CA LEU C 91 -10.43 -5.82 -19.47
CA PRO C 92 -13.56 -7.78 -18.56
CA VAL C 93 -16.31 -5.14 -18.49
CA SER C 94 -17.57 -4.81 -14.89
CA GLU C 95 -17.91 -2.78 -11.75
CA VAL C 96 -14.45 -1.72 -10.54
CA ASP C 97 -12.80 0.80 -8.21
CA ILE C 98 -10.26 3.42 -9.09
CA VAL C 99 -7.77 5.94 -7.92
CA CYS C 100 -7.20 9.09 -9.92
CA THR C 101 -5.17 12.32 -9.81
CA LEU C 102 -5.54 15.93 -8.83
CA PRO C 103 -3.02 18.66 -9.77
CA LEU C 104 -0.82 19.90 -6.92
CA THR C 105 -2.71 23.19 -6.54
CA GLU C 106 -6.10 21.47 -6.28
CA TYR C 107 -5.53 19.43 -3.11
CA TYR C 108 -4.07 22.26 -1.10
CA ASP C 109 -4.61 25.86 -0.05
CA ARG C 110 -3.12 28.58 2.24
CA ASN C 111 -2.65 26.29 5.21
CA ASN C 112 -1.35 23.31 3.24
CA GLN C 113 -4.08 20.85 4.08
CA PRO C 114 -6.28 18.68 1.85
CA ASN C 115 -8.97 20.69 0.03
CA THR C 116 -11.79 18.24 0.81
CA GLU C 117 -14.20 20.34 -1.22
CA ASN C 118 -12.18 20.04 -4.42
CA ILE C 119 -11.29 16.41 -3.63
CA GLU C 120 -14.99 15.54 -3.37
CA ARG C 121 -16.13 17.50 -6.41
CA LYS C 122 -13.63 15.25 -8.21
CA LYS C 123 -15.14 12.00 -6.81
CA ALA C 124 -18.63 13.15 -7.70
CA ASN C 125 -17.75 13.76 -11.35
CA PHE C 126 -17.20 10.01 -11.89
CA ARG C 127 -20.77 9.30 -10.75
CA LYS C 128 -22.13 10.94 -13.91
CA LYS C 129 -24.16 8.50 -16.01
CA ILE C 130 -22.98 7.71 -19.53
CA THR C 131 -24.13 5.45 -22.36
CA LEU C 132 -22.21 3.78 -25.15
CA ASN C 133 -24.71 2.48 -27.79
CA GLY C 134 -24.24 -1.17 -28.84
CA GLY C 135 -22.37 -2.30 -25.74
CA ASP C 136 -22.08 -2.03 -21.97
CA THR C 137 -19.68 0.34 -20.23
CA PHE C 138 -17.62 -0.61 -17.17
CA THR C 139 -19.23 0.72 -13.99
CA ILE C 140 -17.01 2.84 -11.78
CA LYS C 141 -17.80 2.13 -8.13
CA ASP C 142 -15.38 3.44 -5.46
CA VAL C 143 -13.21 6.50 -6.14
CA LYS C 144 -10.18 8.00 -4.36
CA VAL C 145 -7.66 10.71 -5.21
CA MET C 146 -3.89 11.19 -4.99
CA PRO C 147 -1.87 14.35 -5.73
CA GLU C 148 0.22 14.76 -8.93
CA SER C 149 3.82 15.04 -7.57
CA ILE C 150 4.87 12.58 -4.86
CA PRO C 151 4.53 9.05 -6.10
CA ALA C 152 6.83 9.32 -9.14
CA GLY C 153 9.80 9.72 -6.77
CA TYR C 154 8.76 6.60 -4.86
CA GLU C 155 11.45 4.01 -5.56
CA VAL C 156 14.28 6.56 -5.67
CA LEU C 157 13.13 8.21 -2.43
CA GLN C 158 13.34 4.84 -0.69
CA GLU C 159 17.11 4.42 -1.08
CA LEU C 160 17.92 8.06 -0.35
CA ASP C 161 18.42 8.50 3.46
CA GLU C 162 16.75 10.84 6.03
CA LEU C 163 18.63 14.17 5.85
CA ASP C 164 18.51 14.93 2.11
CA SER C 165 15.89 16.08 -0.42
CA LEU C 166 14.65 15.06 -3.84
CA LEU C 167 13.21 17.66 -6.20
CA ILE C 168 10.53 16.11 -8.39
CA ILE C 169 9.77 18.24 -11.46
CA ASP C 170 6.45 17.17 -13.08
CA LEU C 171 5.85 18.99 -16.37
CA GLY C 172 2.52 18.12 -17.98
CA GLY C 173 0.40 19.60 -20.77
CA THR C 174 -1.32 22.10 -18.51
CA THR C 175 0.59 22.17 -15.21
CA LEU C 176 4.15 22.50 -13.86
CA ASP C 177 4.11 20.67 -10.53
CA ILE C 178 7.26 20.85 -8.37
CA SER C 179 7.83 19.18 -5.02
CA GLN C 180 10.82 18.79 -2.74
CA VAL C 181 10.68 15.70 -0.53
CA MET C 182 13.30 15.17 2.22
CA GLY C 183 14.89 11.69 2.33
CA LYS C 184 12.21 9.10 1.63
CA LEU C 185 8.59 10.19 2.08
CA SER C 186 9.67 10.84 5.66
CA GLY C 187 9.02 14.53 4.99
CA ILE C 188 7.83 16.90 2.24
CA SER C 189 9.41 20.32 2.54
CA LYS C 190 7.74 22.36 -0.16
CA ILE C 191 5.30 22.04 -3.05
CA TYR C 192 4.39 24.34 -5.91
CA GLY C 193 1.86 24.21 -8.73
CA ASP C 194 1.69 26.51 -11.74
CA SER C 195 -1.38 25.65 -13.83
CA SER C 196 -0.57 28.27 -16.50
CA LEU C 197 2.83 26.73 -17.28
CA GLY C 198 2.46 23.58 -19.33
CA VAL C 199 3.69 22.12 -22.60
CA SER C 200 0.57 23.85 -24.01
CA LEU C 201 2.67 26.94 -24.46
CA VAL C 202 4.39 25.62 -27.57
CA THR C 203 1.52 23.38 -28.78
CA SER C 204 -0.80 26.42 -28.79
CA ALA C 205 1.67 28.41 -30.93
CA VAL C 206 2.41 25.52 -33.30
CA LYS C 207 -1.33 24.93 -33.88
CA ASP C 208 -1.55 28.43 -35.27
CA ALA C 209 1.62 27.87 -37.36
CA LEU C 210 0.18 24.74 -38.86
CA SER C 211 -2.94 26.73 -39.85
CA LEU C 212 -0.64 29.25 -41.58
CA ALA C 213 0.84 26.22 -43.33
CA ARG C 214 -2.65 25.24 -44.45
CA THR C 215 -2.72 22.28 -42.10
CA LYS C 216 -5.52 23.25 -39.72
CA GLY C 217 -5.61 20.21 -37.47
CA SER C 218 -6.10 18.44 -34.16
CA SER C 219 -4.07 19.14 -31.07
CA TYR C 220 -2.92 15.54 -31.36
CA LEU C 221 -1.40 16.06 -34.83
CA ALA C 222 0.37 19.13 -33.52
CA ASP C 223 1.83 17.12 -30.65
CA ASP C 224 2.87 14.56 -33.21
CA ILE C 225 4.89 17.30 -34.89
CA ILE C 226 6.46 18.27 -31.60
CA ILE C 227 7.35 14.64 -30.84
CA HIS C 228 9.06 14.24 -34.22
CA ARG C 229 10.65 17.68 -34.21
CA LYS C 230 14.03 16.14 -35.18
CA ASP C 231 13.17 14.51 -38.55
CA ASN C 232 12.44 16.93 -41.40
CA ASN C 233 11.47 13.95 -43.56
CA TYR C 234 8.86 12.82 -41.05
CA LEU C 235 7.52 16.36 -40.93
CA LYS C 236 7.27 16.30 -44.74
CA GLN C 237 4.78 13.42 -44.34
CA ARG C 238 2.56 15.54 -42.06
CA ILE C 239 2.88 19.21 -43.17
CA ASN C 240 0.39 19.48 -46.02
CA ASP C 241 2.21 20.48 -49.19
CA GLU C 242 4.95 23.08 -48.72
CA ASN C 243 8.49 24.38 -48.81
CA LYS C 244 7.11 26.22 -45.77
CA ILE C 245 8.20 23.55 -43.36
CA SER C 246 10.43 26.60 -42.82
CA ILE C 247 7.69 28.82 -41.42
CA VAL C 248 6.57 26.16 -38.94
CA THR C 249 9.93 24.91 -37.66
CA GLU C 250 11.24 28.36 -36.72
CA ALA C 251 8.00 29.43 -35.05
CA MET C 252 8.10 26.14 -33.17
CA ASN C 253 11.78 26.59 -32.25
CA GLU C 254 11.32 30.14 -30.98
CA ALA C 255 8.40 29.22 -28.77
CA LEU C 256 10.33 26.17 -27.50
CA ARG C 257 13.23 28.37 -26.38
CA LYS C 258 10.80 30.68 -24.67
CA LEU C 259 9.32 27.86 -22.62
CA GLU C 260 12.63 27.09 -20.93
CA GLN C 261 13.20 30.57 -19.47
CA ARG C 262 9.88 30.71 -17.66
CA VAL C 263 10.17 27.14 -16.34
CA LEU C 264 13.70 27.72 -15.00
CA ASN C 265 12.69 30.99 -13.36
CA THR C 266 10.01 29.01 -11.52
CA LEU C 267 12.59 26.55 -10.19
CA ASN C 268 14.58 29.31 -8.50
CA GLU C 269 11.69 29.42 -5.99
CA PHE C 270 13.16 26.28 -4.39
CA SER C 271 16.54 25.54 -2.86
CA GLY C 272 18.59 22.97 -0.97
CA TYR C 273 17.61 20.04 -3.17
CA THR C 274 20.20 17.24 -3.07
CA HIS C 275 18.64 15.14 -5.80
CA VAL C 276 16.66 16.19 -8.85
CA MET C 277 14.20 14.19 -10.93
CA VAL C 278 12.16 15.18 -13.99
CA ILE C 279 8.95 13.22 -14.83
CA GLY C 280 6.12 13.53 -17.38
CA GLY C 281 6.26 13.39 -21.18
CA GLY C 282 7.49 16.98 -21.12
CA ALA C 283 10.60 15.90 -19.15
CA GLU C 284 12.14 14.86 -22.45
CA LEU C 285 11.82 18.43 -23.72
CA ILE C 286 13.48 20.34 -20.85
CA CYS C 287 15.80 17.77 -19.22
CA ASP C 288 19.19 19.06 -20.37
CA ALA C 289 18.49 22.72 -19.49
CA VAL C 290 17.43 21.74 -15.98
CA LYS C 291 20.33 19.33 -15.36
CA LYS C 292 22.80 21.99 -16.50
CA HIS C 293 21.13 24.87 -14.64
CA THR C 294 21.16 23.03 -11.29
CA GLN C 295 24.79 21.86 -11.38
CA ILE C 296 23.84 18.47 -9.97
CA ARG C 297 26.49 15.74 -10.45
CA ASP C 298 25.49 12.80 -12.59
CA GLU C 299 24.80 10.35 -9.73
CA ARG C 300 22.21 12.70 -8.19
CA PHE C 301 20.12 13.15 -11.36
CA PHE C 302 17.47 10.54 -12.32
CA LYS C 303 15.53 10.79 -15.57
CA THR C 304 13.78 7.62 -16.66
CA ASN C 305 13.14 5.84 -19.94
CA ASN C 306 9.32 6.03 -19.64
CA SER C 307 8.94 9.48 -18.07
CA GLN C 308 5.33 9.68 -19.25
CA TYR C 309 4.38 6.80 -16.95
CA ASP C 310 6.37 7.55 -13.81
CA LEU C 311 3.37 8.97 -11.92
CA VAL C 312 0.79 6.21 -12.51
CA ASN C 313 3.43 3.59 -11.70
CA GLY C 314 4.10 5.39 -8.42
CA MET C 315 0.40 5.56 -7.66
CA TYR C 316 0.30 1.81 -8.20
CA LEU C 317 3.38 0.88 -6.17
CA ILE C 318 1.87 2.65 -3.23
CA MET D 1 20.86 63.90 -16.93
CA LEU D 2 21.63 61.86 -13.87
CA VAL D 3 18.15 60.67 -12.87
CA PHE D 4 17.19 58.86 -9.74
CA ILE D 5 15.29 55.61 -9.82
CA ASP D 6 14.44 53.90 -6.58
CA ASP D 7 13.44 50.64 -8.20
CA GLY D 8 11.26 48.97 -5.57
CA SER D 9 9.62 45.58 -6.16
CA THR D 10 6.16 47.08 -6.46
CA ASN D 11 6.62 50.75 -7.34
CA ILE D 12 9.29 52.54 -9.36
CA LYS D 13 10.02 55.90 -7.77
CA LEU D 14 11.71 58.63 -9.82
CA GLN D 15 13.43 61.83 -8.81
CA TRP D 16 14.76 64.11 -11.54
CA GLN D 17 15.63 67.80 -11.87
CA GLU D 18 14.79 69.50 -15.16
CA SER D 19 17.67 71.98 -15.45
CA ASP D 20 15.24 74.79 -14.48
CA GLY D 21 15.81 73.73 -10.85
CA THR D 22 12.67 71.64 -11.37
CA ILE D 23 12.95 68.53 -9.21
CA LYS D 24 10.11 66.10 -9.97
CA GLN D 25 8.82 63.03 -8.08
CA HIS D 26 7.08 60.41 -10.23
CA ILE D 27 5.85 56.97 -9.14
CA SER D 28 4.86 53.98 -11.27
CA PRO D 29 3.18 50.73 -10.09
CA ASN D 30 4.61 47.57 -11.66
CA SER D 31 2.04 45.16 -13.11
CA PHE D 32 3.02 43.38 -16.33
CA LYS D 33 1.47 40.58 -18.39
CA ARG D 34 3.64 38.36 -20.60
CA GLU D 35 1.84 39.28 -23.83
CA TRP D 36 0.96 42.25 -25.92
CA ALA D 37 -1.96 44.62 -25.50
CA VAL D 38 -4.84 44.82 -27.93
CA SER D 39 -5.45 48.15 -29.64
CA PHE D 40 -8.25 50.53 -30.35
CA GLY D 41 -6.47 53.62 -31.59
CA ASP D 42 -6.23 56.50 -29.09
CA LYS D 43 -2.72 56.02 -27.61
CA LYS D 44 -3.56 52.46 -26.54
CA VAL D 45 -0.02 51.21 -26.53
CA PHE D 46 3.11 50.12 -24.61
CA ASN D 47 4.09 46.64 -25.77
CA TYR D 48 7.74 45.74 -25.03
CA THR D 49 10.00 43.06 -26.44
CA LEU D 50 13.13 41.74 -24.77
CA ASN D 51 15.02 38.51 -25.17
CA GLY D 52 12.31 36.34 -26.66
CA GLU D 53 9.20 36.94 -24.54
CA GLN D 54 7.15 40.13 -24.70
CA TYR D 55 5.29 42.22 -22.17
CA SER D 56 2.68 44.84 -21.71
CA PHE D 57 1.10 46.68 -18.86
CA ASP D 58 -1.97 45.36 -17.04
CA PRO D 59 -3.12 46.86 -13.73
CA ILE D 60 -6.22 44.76 -13.15
CA SER D 61 -5.99 41.04 -13.95
CA PRO D 62 -4.20 37.88 -12.79
CA ASP D 63 -1.22 36.53 -14.73
CA ALA D 64 0.42 39.89 -14.27
CA VAL D 65 3.64 38.43 -12.91
CA VAL D 66 4.06 38.59 -9.13
CA THR D 67 7.26 40.40 -8.22
CA THR D 68 7.47 39.74 -4.45
CA ASN D 69 10.27 37.16 -4.98
CA ILE D 70 13.73 38.29 -3.82
CA ALA D 71 15.44 38.03 -7.23
CA TRP D 72 13.40 40.94 -8.63
CA GLN D 73 16.63 42.98 -8.56
CA TYR D 74 18.05 40.85 -11.38
CA SER D 75 14.80 40.17 -13.25
CA ASP D 76 14.34 40.99 -16.95
CA VAL D 77 10.91 42.25 -15.87
CA ASN D 78 12.77 44.84 -13.77
CA VAL D 79 14.32 46.34 -16.92
CA VAL D 80 10.89 46.45 -18.54
CA ALA D 81 9.38 48.06 -15.47
CA VAL D 82 12.00 50.79 -15.20
CA HIS D 83 11.84 51.64 -18.91
CA HIS D 84 8.09 51.81 -18.74
CA ALA D 85 8.13 54.09 -15.72
CA LEU D 86 10.55 56.50 -17.39
CA LEU D 87 8.52 56.43 -20.62
CA THR D 88 5.63 58.03 -18.72
CA SER D 89 7.78 60.76 -17.13
CA GLY D 90 7.18 63.54 -19.64
CA LEU D 91 10.88 63.62 -20.38
CA PRO D 92 12.62 64.19 -23.72
CA VAL D 93 13.50 60.68 -24.90
CA SER D 94 17.33 60.36 -24.96
CA GLU D 95 20.45 58.83 -23.57
CA VAL D 96 20.64 59.49 -19.82
CA ASP D 97 22.41 58.21 -16.70
CA ILE D 98 20.86 56.79 -13.59
CA VAL D 99 21.30 55.78 -10.02
CA CYS D 100 19.27 52.89 -8.68
CA THR D 101 18.86 50.84 -5.49
CA LEU D 102 19.94 47.57 -3.97
CA PRO D 103 18.38 46.03 -0.84
CA LEU D 104 20.49 46.23 2.32
CA THR D 105 21.45 42.53 2.23
CA GLU D 106 22.64 42.69 -1.39
CA TYR D 107 25.49 45.19 -0.99
CA TYR D 108 27.03 43.53 2.01
CA ASP D 109 28.25 40.23 3.40
CA ARG D 110 30.05 38.71 6.45
CA ASN D 111 32.72 41.38 6.60
CA ASN D 112 30.42 44.33 5.91
CA GLN D 113 31.99 45.51 2.70
CA PRO D 114 30.45 46.25 -0.72
CA ASN D 115 29.50 43.07 -2.62
CA THR D 116 31.02 44.21 -5.92
CA GLU D 117 29.81 41.04 -7.59
CA ASN D 118 26.15 41.71 -6.79
CA ILE D 119 26.59 45.45 -7.40
CA GLU D 120 27.89 44.73 -10.91
CA ARG D 121 25.33 42.08 -11.81
CA LYS D 122 22.86 44.90 -11.09
CA LYS D 123 24.59 47.37 -13.46
CA ALA D 124 24.75 44.77 -16.18
CA ASN D 125 21.01 44.09 -16.09
CA PHE D 126 20.28 47.62 -17.38
CA ARG D 127 22.40 46.91 -20.49
CA LYS D 128 19.78 44.44 -21.74
CA LYS D 129 18.33 45.51 -25.09
CA ILE D 130 14.61 46.24 -25.28
CA THR D 131 12.19 47.39 -28.00
CA LEU D 132 8.95 49.30 -27.77
CA ASN D 133 7.12 49.06 -31.18
CA GLY D 134 5.92 52.38 -32.66
CA GLY D 135 8.34 54.59 -30.75
CA ASP D 136 11.87 55.01 -29.41
CA THR D 137 12.88 54.13 -25.86
CA PHE D 138 15.22 56.26 -23.74
CA THR D 139 18.74 54.82 -23.75
CA ILE D 140 20.23 54.15 -20.33
CA LYS D 141 23.96 54.96 -20.41
CA ASP D 142 25.83 55.15 -17.06
CA VAL D 143 24.60 53.21 -14.02
CA LYS D 144 25.43 53.40 -10.31
CA VAL D 145 23.95 51.87 -7.17
CA MET D 146 23.09 53.04 -3.65
CA PRO D 147 21.85 50.94 -0.71
CA GLU D 148 18.21 50.99 0.47
CA SER D 149 18.48 52.42 4.04
CA ILE D 150 20.74 55.45 4.55
CA PRO D 151 19.60 58.32 2.40
CA ALA D 152 16.03 58.61 3.74
CA GLY D 153 17.47 59.81 7.07
CA TYR D 154 19.54 62.45 5.29
CA GLU D 155 18.07 65.80 6.30
CA VAL D 156 17.17 64.66 9.83
CA LEU D 157 20.65 63.15 10.37
CA GLN D 158 22.21 66.52 9.52
CA GLU D 159 20.73 68.40 12.49
CA LEU D 160 21.26 65.57 14.97
CA ASP D 161 24.77 65.90 16.55
CA GLU D 162 27.74 63.46 16.79
CA LEU D 163 27.09 61.21 19.82
CA ASP D 164 23.55 59.97 19.12
CA SER D 165 21.88 57.50 16.71
CA LEU D 166 18.94 57.43 14.33
CA LEU D 167 17.13 54.18 13.63
CA ILE D 168 15.79 54.15 10.09
CA ILE D 169 13.09 51.51 9.59
CA ASP D 170 12.48 50.85 5.85
CA LEU D 171 9.52 48.52 5.30
CA GLY D 172 8.92 47.69 1.65
CA GLY D 173 6.87 45.10 -0.24
CA THR D 174 9.56 42.44 -0.06
CA THR D 175 12.17 43.63 2.45
CA LEU D 176 12.46 44.99 6.00
CA ASP D 177 15.64 47.08 6.03
CA ILE D 178 16.81 48.53 9.35
CA SER D 179 19.82 50.73 9.95
CA GLN D 180 21.15 52.64 12.94
CA VAL D 181 23.27 55.65 12.02
CA MET D 182 25.14 57.60 14.73
CA GLY D 183 24.74 61.40 14.61
CA LYS D 184 24.80 62.52 11.00
CA LEU D 185 26.29 60.09 8.46
CA SER D 186 29.42 60.45 10.58
CA GLY D 187 29.01 56.77 11.46
CA ILE D 188 26.75 53.77 10.78
CA SER D 189 26.63 51.40 13.72
CA LYS D 190 24.56 48.51 12.49
CA ILE D 191 22.49 47.38 9.51
CA TYR D 192 20.03 44.53 9.04
CA GLY D 193 18.05 43.21 6.07
CA ASP D 194 15.25 40.66 6.18
CA SER D 195 14.11 39.88 2.62
CA SER D 196 11.37 37.49 3.80
CA LEU D 197 9.62 40.18 5.86
CA GLY D 198 7.72 42.57 3.65
CA VAL D 199 4.21 43.95 3.24
CA SER D 200 3.78 40.91 0.96
CA LEU D 201 2.79 38.93 4.01
CA VAL D 202 -0.70 40.41 4.13
CA THR D 203 -1.07 41.05 0.36
CA SER D 204 -0.37 37.36 -0.31
CA ALA D 205 -3.11 36.31 2.15
CA VAL D 206 -5.62 38.90 0.93
CA LYS D 207 -5.11 37.80 -2.69
CA ASP D 208 -6.33 34.36 -1.71
CA ALA D 209 -9.24 35.90 0.27
CA LEU D 210 -10.32 37.91 -2.73
CA SER D 211 -10.33 34.68 -4.78
CA LEU D 212 -12.63 33.14 -2.14
CA ALA D 213 -14.77 36.24 -2.62
CA ARG D 214 -14.85 35.50 -6.35
CA THR D 215 -12.64 38.47 -7.11
CA LYS D 216 -9.55 36.76 -8.56
CA GLY D 217 -7.41 39.78 -9.38
CA SER D 218 -4.11 41.58 -9.72
CA SER D 219 -1.71 42.24 -6.88
CA TYR D 220 -2.38 45.91 -7.56
CA LEU D 221 -6.13 45.60 -6.87
CA ALA D 222 -5.33 43.75 -3.68
CA ASP D 223 -3.04 46.56 -2.58
CA ASP D 224 -5.82 48.95 -3.45
CA ILE D 225 -7.98 47.09 -0.92
CA ILE D 226 -5.24 47.33 1.69
CA ILE D 227 -4.84 51.07 1.05
CA HIS D 228 -8.57 51.67 1.50
CA ARG D 229 -8.97 49.25 4.39
CA LYS D 230 -10.88 51.91 6.39
CA ASP D 231 -13.88 52.56 4.09
CA ASN D 232 -16.36 49.67 3.81
CA ASN D 233 -18.19 51.66 1.13
CA TYR D 234 -15.05 51.93 -0.99
CA LEU D 235 -14.51 48.21 -0.56
CA LYS D 236 -18.09 47.64 -1.76
CA GLN D 237 -17.04 49.24 -5.08
CA ARG D 238 -14.17 46.74 -5.48
CA ILE D 239 -15.26 43.40 -3.88
CA ASN D 240 -17.29 41.72 -6.57
CA ASP D 241 -20.80 41.12 -5.39
CA GLU D 242 -21.14 40.00 -1.79
CA ASN D 243 -22.23 40.32 1.81
CA LYS D 244 -18.89 38.50 2.19
CA ILE D 245 -16.94 41.68 2.55
CA SER D 246 -17.02 39.96 5.95
CA ILE D 247 -14.85 37.01 4.90
CA VAL D 248 -12.21 39.27 3.40
CA THR D 249 -11.95 41.98 6.06
CA GLU D 250 -11.39 39.55 8.94
CA ALA D 251 -8.84 37.46 7.03
CA MET D 252 -7.12 40.72 6.16
CA ASN D 253 -7.29 41.98 9.76
CA GLU D 254 -5.90 38.77 11.23
CA ALA D 255 -2.95 38.67 8.86
CA LEU D 256 -2.33 42.39 9.52
CA ARG D 257 -2.06 41.77 13.27
CA LYS D 258 0.30 38.92 12.61
CA LEU D 259 2.64 41.14 10.61
CA GLU D 260 3.31 43.43 13.56
CA GLN D 261 4.61 40.74 15.93
CA ARG D 262 7.29 39.48 13.59
CA VAL D 263 8.42 42.99 12.61
CA LEU D 264 8.70 44.12 16.25
CA ASN D 265 10.62 40.98 17.22
CA THR D 266 13.11 41.91 14.50
CA LEU D 267 13.61 45.37 15.99
CA ASN D 268 14.70 43.95 19.34
CA GLU D 269 17.93 42.99 17.53
CA PHE D 270 19.00 46.65 17.83
CA SER D 271 19.48 48.93 20.80
CA GLY D 272 20.70 52.35 21.90
CA TYR D 273 18.82 54.28 19.23
CA THR D 274 18.13 57.89 20.26
CA HIS D 275 15.93 58.76 17.31
CA VAL D 276 13.59 56.56 15.30
CA MET D 277 12.27 57.05 11.77
CA VAL D 278 9.94 54.90 9.68
CA ILE D 279 10.03 55.21 5.83
CA GLY D 280 8.40 53.40 2.88
CA GLY D 281 4.71 53.07 2.00
CA GLY D 282 4.48 50.36 4.65
CA ALA D 283 5.47 52.90 7.35
CA GLU D 284 1.83 54.01 7.38
CA LEU D 285 0.76 50.49 8.35
CA ILE D 286 3.06 49.87 11.35
CA CYS D 287 3.92 53.37 12.63
CA ASP D 288 1.87 53.45 15.83
CA ALA D 289 2.97 50.00 17.06
CA VAL D 290 6.62 50.92 16.62
CA LYS D 291 6.33 54.37 18.21
CA LYS D 292 4.58 52.85 21.21
CA HIS D 293 6.88 49.82 21.50
CA THR D 294 10.04 51.96 21.56
CA GLN D 295 8.90 54.50 24.16
CA ILE D 296 10.49 57.36 22.21
CA ARG D 297 9.24 60.84 23.19
CA ASP D 298 7.44 62.77 20.50
CA GLU D 299 10.33 65.07 19.55
CA ARG D 300 12.59 62.11 18.73
CA PHE D 301 10.14 60.40 16.32
CA PHE D 302 9.96 61.51 12.65
CA LYS D 303 7.39 60.03 10.26
CA THR D 304 6.81 62.00 7.10
CA ASN D 305 3.83 62.89 4.93
CA ASN D 306 5.21 61.17 1.79
CA SER D 307 6.88 58.13 3.39
CA GLN D 308 6.77 56.28 0.06
CA TYR D 309 9.23 58.77 -1.45
CA ASP D 310 11.67 59.36 1.39
CA LEU D 311 14.35 57.10 -0.10
CA VAL D 312 14.49 58.43 -3.69
CA ASN D 313 14.47 62.00 -2.35
CA GLY D 314 17.45 61.10 -0.16
CA MET D 315 19.24 59.51 -3.08
CA TYR D 316 18.70 62.77 -4.94
CA LEU D 317 19.75 65.16 -2.17
CA ILE D 318 23.01 63.33 -1.95
CA MET E 1 5.25 14.30 37.77
CA LEU E 2 7.92 16.89 38.31
CA VAL E 3 9.86 16.65 35.05
CA PHE E 4 13.11 18.30 34.20
CA ILE E 5 13.53 20.42 31.12
CA ASP E 6 16.86 22.04 30.46
CA ASP E 7 15.55 24.34 27.76
CA GLY E 8 18.67 25.29 25.82
CA SER E 9 18.53 27.58 22.76
CA THR E 10 19.26 24.75 20.36
CA ASN E 11 18.34 21.52 22.14
CA ILE E 12 15.66 20.75 24.72
CA LYS E 13 17.00 18.24 27.23
CA LEU E 14 14.60 16.22 29.36
CA GLN E 15 15.11 14.20 32.49
CA TRP E 16 12.15 12.31 33.96
CA GLN E 17 11.63 9.31 36.23
CA GLU E 18 8.74 7.00 35.43
CA SER E 19 7.67 5.92 38.93
CA ASP E 20 9.34 2.53 38.31
CA GLY E 21 12.63 4.21 39.24
CA THR E 22 13.02 4.72 35.51
CA ILE E 23 14.96 7.93 34.92
CA LYS E 24 15.01 8.81 31.21
CA GLN E 25 17.15 11.29 29.24
CA HIS E 26 15.57 12.63 26.04
CA ILE E 27 16.91 15.37 23.75
CA SER E 28 15.11 17.33 21.05
CA PRO E 29 16.68 19.73 18.48
CA ASN E 30 14.73 22.95 17.93
CA SER E 31 14.05 23.83 14.30
CA PHE E 32 10.67 25.41 13.53
CA LYS E 33 9.10 27.00 10.45
CA ARG E 34 6.32 29.59 10.80
CA GLU E 35 3.76 27.58 8.83
CA TRP E 36 2.05 24.26 8.85
CA ALA E 37 3.32 20.97 7.48
CA VAL E 38 1.81 19.27 4.46
CA SER E 39 0.41 15.79 4.96
CA PHE E 40 0.55 12.38 3.41
CA GLY E 41 -1.11 10.16 5.99
CA ASP E 42 1.26 8.03 8.09
CA LYS E 43 1.67 10.13 11.28
CA LYS E 44 2.88 13.12 9.27
CA VAL E 45 1.86 15.71 11.76
CA PHE E 46 2.79 18.26 14.48
CA ASN E 47 1.35 21.64 13.51
CA TYR E 48 1.02 24.07 16.46
CA THR E 49 -1.03 27.22 16.87
CA LEU E 50 -0.34 29.94 19.42
CA ASN E 51 -1.32 33.58 19.53
CA GLY E 52 -1.98 34.19 15.87
CA GLU E 53 0.95 32.65 13.97
CA GLN E 54 1.42 28.91 13.59
CA TYR E 55 4.43 26.60 13.53
CA SER E 56 5.63 23.22 12.54
CA PHE E 57 8.84 21.31 12.70
CA ASP E 58 11.44 21.47 9.93
CA PRO E 59 14.95 20.08 10.43
CA ILE E 60 16.37 20.76 6.98
CA SER E 61 15.49 24.08 5.35
CA PRO E 62 16.05 27.82 5.80
CA ASP E 63 13.32 30.03 7.29
CA ALA E 64 13.34 27.75 10.28
CA VAL E 65 13.69 30.59 12.77
CA VAL E 66 17.20 31.13 14.16
CA THR E 67 17.18 30.98 17.94
CA THR E 68 20.72 32.17 18.77
CA ASN E 69 19.37 35.57 19.94
CA ILE E 70 19.52 36.16 23.72
CA ALA E 71 15.75 36.63 24.21
CA TRP E 72 15.03 32.98 23.38
CA GLN E 73 14.19 32.51 27.07
CA TYR E 74 11.06 34.63 26.65
CA SER E 75 10.19 33.63 23.08
CA ASP E 76 6.79 32.18 22.11
CA VAL E 77 8.82 29.77 19.97
CA ASN E 78 10.33 28.51 23.24
CA VAL E 79 6.90 27.37 24.43
CA VAL E 80 6.32 25.62 21.12
CA ALA E 81 9.72 23.96 21.30
CA VAL E 82 9.26 22.64 24.82
CA HIS E 83 5.76 21.31 24.12
CA HIS E 84 7.01 19.61 21.01
CA ALA E 85 9.91 17.99 22.80
CA LEU E 86 7.66 16.61 25.53
CA LEU E 87 5.15 15.39 22.93
CA THR E 88 7.82 13.01 21.61
CA SER E 89 8.76 11.66 25.07
CA GLY E 90 6.56 8.57 25.13
CA LEU E 91 4.79 9.94 28.16
CA PRO E 92 1.10 9.70 29.07
CA VAL E 93 -0.33 13.06 28.00
CA SER E 94 -1.49 14.93 31.15
CA GLU E 95 -1.08 17.79 33.52
CA VAL E 96 2.47 17.79 34.92
CA ASP E 97 4.93 20.10 36.68
CA ILE E 98 8.35 21.15 35.51
CA VAL E 99 11.62 22.74 36.33
CA CYS E 100 13.46 24.68 33.66
CA THR E 101 16.60 26.79 33.21
CA LEU E 102 17.69 30.38 33.10
CA PRO E 103 21.13 31.53 31.87
CA LEU E 104 23.55 32.66 34.58
CA THR E 105 23.15 36.38 33.77
CA GLU E 106 19.35 36.25 33.94
CA TYR E 107 18.94 35.23 37.59
CA TYR E 108 21.34 37.79 38.95
CA ASP E 109 22.27 41.46 38.90
CA ARG E 110 24.66 43.98 40.57
CA ASN E 111 24.05 42.74 44.09
CA ASN E 112 24.12 39.04 43.21
CA GLN E 113 20.60 38.17 44.27
CA PRO E 114 17.78 36.39 42.41
CA ASN E 115 16.19 38.58 39.72
CA THR E 116 12.62 37.75 40.69
CA GLU E 117 11.32 39.86 37.84
CA ASN E 118 13.14 37.85 35.17
CA ILE E 119 12.47 34.58 37.04
CA GLU E 120 8.73 35.30 36.96
CA ARG E 121 8.58 36.50 33.36
CA LYS E 122 10.01 33.02 32.65
CA LYS E 123 7.27 31.20 34.62
CA ALA E 124 4.58 33.23 32.95
CA ASN E 125 5.74 32.30 29.44
CA PHE E 126 4.74 28.64 30.03
CA ARG E 127 1.15 29.73 30.76
CA LYS E 128 0.67 30.70 27.11
CA LYS E 129 -2.09 28.67 25.47
CA ILE E 130 -1.20 26.45 22.53
CA THR E 131 -3.10 24.03 20.27
CA LEU E 132 -1.92 21.00 18.37
CA ASN E 133 -4.66 19.99 15.82
CA GLY E 134 -5.69 16.30 15.86
CA GLY E 135 -4.52 15.57 19.41
CA ASP E 136 -4.26 16.85 22.97
CA THR E 137 -1.15 18.55 24.35
CA PHE E 138 0.24 17.90 27.83
CA THR E 139 -0.80 20.65 30.24
CA ILE E 140 2.04 22.35 32.11
CA LYS E 141 0.90 23.16 35.65
CA ASP E 142 3.57 24.22 38.20
CA VAL E 143 6.81 25.86 37.04
CA LYS E 144 10.13 26.56 38.79
CA VAL E 145 13.54 27.75 37.63
CA MET E 146 17.17 26.81 38.29
CA PRO E 147 20.32 28.58 37.04
CA GLU E 148 22.50 27.19 34.22
CA SER E 149 25.85 26.50 35.99
CA ILE E 150 25.75 24.80 39.40
CA PRO E 151 24.04 21.46 39.12
CA ALA E 152 26.35 19.90 36.52
CA GLY E 153 29.15 19.86 39.11
CA TYR E 154 26.87 18.12 41.61
CA GLU E 155 28.30 14.63 42.06
CA VAL E 156 31.94 15.77 41.68
CA LEU E 157 31.45 18.64 44.15
CA GLN E 158 30.23 16.14 46.76
CA GLU E 159 33.51 14.24 47.07
CA LEU E 160 35.70 17.36 46.89
CA ASP E 161 36.20 18.72 50.48
CA GLU E 162 35.55 22.18 52.02
CA LEU E 163 38.62 24.34 51.25
CA ASP E 164 38.95 23.88 47.47
CA SER E 165 37.10 25.07 44.35
CA LEU E 166 35.66 23.61 41.18
CA LEU E 167 35.47 25.68 38.00
CA ILE E 168 32.45 24.67 35.95
CA ILE E 169 32.70 25.85 32.32
CA ASP E 170 29.30 25.68 30.56
CA LEU E 171 29.58 26.46 26.85
CA GLY E 172 26.25 26.45 25.05
CA GLY E 173 24.99 27.68 21.67
CA THR E 174 24.35 31.21 22.89
CA THR E 175 26.03 31.57 26.30
CA LEU E 176 29.37 30.95 28.02
CA ASP E 177 28.51 30.40 31.69
CA ILE E 178 31.38 30.04 34.17
CA SER E 179 31.12 29.39 37.89
CA GLN E 180 33.62 28.64 40.62
CA VAL E 181 32.17 26.69 43.55
CA MET E 182 34.26 26.08 46.70
CA GLY E 183 34.30 22.50 47.99
CA LYS E 184 30.84 21.02 47.62
CA LEU E 185 27.94 23.47 47.20
CA SER E 186 29.08 24.75 50.59
CA GLY E 187 29.93 28.01 48.85
CA ILE E 188 29.97 29.65 45.40
CA SER E 189 32.78 32.14 45.00
CA LYS E 190 32.16 33.71 41.62
CA ILE E 191 29.88 33.45 38.60
CA TYR E 192 30.09 34.93 35.13
CA GLY E 193 27.81 34.90 32.10
CA ASP E 194 28.68 36.04 28.59
CA SER E 195 25.58 35.77 26.36
CA SER E 196 27.47 36.94 23.24
CA LEU E 197 29.98 34.08 23.44
CA GLY E 198 28.44 30.83 22.28
CA VAL E 199 29.07 28.07 19.76
CA SER E 200 26.97 30.32 17.48
CA LEU E 201 30.15 32.10 16.53
CA VAL E 202 31.28 29.34 14.20
CA THR E 203 27.80 28.08 13.21
CA SER E 204 26.90 31.60 12.02
CA ALA E 205 30.03 31.75 9.82
CA VAL E 206 29.63 28.21 8.48
CA LYS E 207 25.99 28.92 7.52
CA ASP E 208 27.23 31.63 5.22
CA ALA E 209 29.98 29.30 3.87
CA LEU E 210 27.44 26.64 3.07
CA SER E 211 25.43 29.26 1.12
CA LEU E 212 28.61 30.05 -0.86
CA ALA E 213 28.80 26.30 -1.46
CA ARG E 214 25.25 26.42 -2.82
CA THR E 215 23.91 24.57 0.21
CA LYS E 216 21.63 27.20 1.75
CA GLY E 217 20.27 25.26 4.72
CA SER E 218 19.01 24.97 8.28
CA SER E 219 21.05 25.76 11.35
CA TYR E 220 20.64 22.10 12.21
CA LEU E 221 22.38 20.92 9.00
CA ALA E 222 25.19 23.34 9.70
CA ASP E 223 25.61 21.91 13.18
CA ASP E 224 25.60 18.50 11.60
CA ILE E 225 28.62 19.61 9.58
CA ILE E 226 30.33 20.89 12.69
CA ILE E 227 29.67 17.60 14.52
CA HIS E 228 31.17 15.58 11.68
CA ARG E 229 34.02 17.99 11.00
CA LYS E 230 36.52 15.08 11.02
CA ASP E 231 35.19 12.92 8.14
CA ASN E 232 35.59 14.44 4.67
CA ASN E 233 33.57 11.54 3.27
CA TYR E 234 30.64 12.31 5.57
CA LEU E 235 30.84 15.94 4.51
CA LYS E 236 30.72 14.80 0.87
CA GLN E 237 27.27 13.34 1.64
CA ARG E 238 26.02 16.73 2.91
CA ILE E 239 27.83 19.49 0.92
CA ASN E 240 25.80 19.81 -2.25
CA ASP E 241 27.94 19.03 -5.24
CA GLU E 242 31.47 20.38 -5.11
CA ASN E 243 35.23 20.14 -5.01
CA LYS E 244 34.62 23.22 -2.84
CA ILE E 245 34.45 21.22 0.34
CA SER E 246 37.71 23.21 0.37
CA ILE E 247 36.04 26.61 0.68
CA VAL E 248 33.87 25.47 3.57
CA THR E 249 36.38 23.51 5.66
CA GLU E 250 38.94 26.32 5.81
CA ALA E 251 36.35 28.99 6.61
CA MET E 252 35.07 26.66 9.31
CA ASN E 253 38.59 25.96 10.61
CA GLU E 254 39.55 29.63 10.79
CA ALA E 255 36.44 30.61 12.68
CA LEU E 256 36.93 27.60 15.02
CA ARG E 257 40.45 28.79 15.92
CA LYS E 258 39.10 32.25 16.55
CA LEU E 259 36.54 30.96 19.04
CA GLU E 260 39.21 29.59 21.35
CA GLN E 261 41.08 32.86 21.89
CA ARG E 262 38.05 34.79 23.07
CA VAL E 263 36.83 31.97 25.34
CA LEU E 264 40.25 31.57 26.99
CA ASN E 265 40.59 35.32 27.52
CA THR E 266 37.28 35.16 29.38
CA LEU E 267 38.61 32.46 31.71
CA ASN E 268 41.49 34.63 32.88
CA GLU E 269 38.82 36.61 34.78
CA PHE E 270 38.84 33.81 37.40
CA SER E 271 41.57 32.36 39.57
CA GLY E 272 42.31 29.95 42.39
CA TYR E 273 40.34 27.06 40.92
CA THR E 274 41.60 23.67 42.15
CA HIS E 275 39.39 21.57 39.90
CA VAL E 276 38.10 22.30 36.41
CA MET E 277 35.11 20.83 34.59
CA VAL E 278 33.73 21.50 31.11
CA ILE E 279 30.03 20.74 30.36
CA GLY E 280 27.66 21.27 27.42
CA GLY E 281 27.86 19.92 23.87
CA GLY E 282 30.43 22.62 23.15
CA ALA E 283 32.77 21.12 25.79
CA GLU E 284 33.85 18.61 23.16
CA LEU E 285 35.05 21.47 20.94
CA ILE E 286 37.25 23.39 23.41
CA CYS E 287 38.26 20.78 26.02
CA ASP E 288 41.91 20.28 25.08
CA ALA E 289 42.75 24.01 24.82
CA VAL E 290 41.28 24.65 28.26
CA LYS E 291 42.94 21.64 29.93
CA LYS E 292 46.30 22.69 28.51
CA HIS E 293 45.88 26.41 29.24
CA THR E 294 45.06 25.81 32.93
CA GLN E 295 47.91 23.41 33.71
CA ILE E 296 45.63 21.25 35.86
CA ARG E 297 46.97 17.74 36.55
CA ASP E 298 44.93 14.89 35.14
CA GLU E 299 43.23 13.88 38.40
CA ARG E 300 41.75 17.36 38.85
CA PHE E 301 40.13 17.56 35.38
CA PHE E 302 36.67 15.98 34.79
CA LYS E 303 35.09 15.91 31.32
CA THR E 304 32.25 13.46 30.89
CA ASN E 305 31.06 11.13 28.15
CA ASN E 306 27.62 12.82 27.79
CA SER E 307 28.63 16.47 28.30
CA GLN E 308 25.45 17.64 26.57
CA TYR E 309 23.33 16.20 29.39
CA ASP E 310 25.36 17.07 32.48
CA LEU E 311 23.14 20.02 33.43
CA VAL E 312 19.67 18.39 33.22
CA ASN E 313 21.00 15.36 35.11
CA GLY E 314 22.25 17.70 37.84
CA MET E 315 18.91 19.47 37.95
CA TYR E 316 17.32 16.07 38.45
CA LEU E 317 19.71 14.73 41.10
CA ILE E 318 18.95 17.76 43.16
CA MET F 1 61.49 59.85 16.38
CA LEU F 2 61.28 58.72 19.96
CA VAL F 3 57.59 59.31 20.71
CA PHE F 4 55.87 59.06 24.02
CA ILE F 5 52.83 56.91 24.53
CA ASP F 6 51.27 56.75 27.95
CA ASP F 7 49.08 53.76 27.15
CA GLY F 8 46.33 53.96 29.78
CA SER F 9 43.48 51.42 29.87
CA THR F 10 40.92 53.93 28.66
CA ASN F 11 42.86 56.69 26.90
CA ILE F 12 46.08 56.63 24.90
CA LYS F 13 48.07 59.78 25.59
CA LEU F 14 50.78 60.88 23.17
CA GLN F 15 53.61 63.35 23.51
CA TRP F 16 55.84 64.00 20.50
CA GLN F 17 58.14 66.78 19.31
CA GLU F 18 58.16 67.56 15.60
CA SER F 19 61.80 68.57 15.10
CA ASP F 20 60.68 72.22 14.88
CA GLY F 21 60.67 72.22 18.71
CA THR F 22 56.98 71.40 18.31
CA ILE F 23 55.90 69.25 21.25
CA LYS F 24 52.34 67.96 20.74
CA GLN F 25 49.87 66.35 23.19
CA HIS F 26 47.27 64.07 21.61
CA ILE F 27 44.72 61.86 23.38
CA SER F 28 42.69 58.96 22.01
CA PRO F 29 39.80 57.12 23.76
CA ASN F 30 39.88 53.32 23.35
CA SER F 31 36.61 51.75 22.24
CA PHE F 32 36.86 48.82 19.82
CA LYS F 33 34.37 46.33 18.38
CA ARG F 34 35.53 42.88 17.22
CA GLU F 35 34.37 43.36 13.62
CA TRP F 36 34.83 45.62 10.69
CA ALA F 37 33.12 48.92 10.00
CA VAL F 38 30.64 49.43 7.19
CA SER F 39 31.48 52.03 4.57
CA PHE F 40 29.90 54.94 2.83
CA GLY F 41 32.82 56.60 1.07
CA ASP F 42 34.13 59.78 2.71
CA LYS F 43 37.09 58.50 4.78
CA LYS F 44 34.86 56.05 6.64
CA VAL F 45 37.57 53.63 7.52
CA PHE F 46 39.94 52.10 10.12
CA ASN F 47 39.47 48.35 10.13
CA TYR F 48 42.41 46.41 11.63
CA THR F 49 43.43 42.78 11.35
CA LEU F 50 45.71 40.98 13.78
CA ASN F 51 46.15 37.31 14.58
CA GLY F 52 42.83 35.98 13.35
CA GLU F 53 40.17 38.33 14.73
CA GLN F 54 39.60 41.83 13.39
CA TYR F 55 38.66 45.16 14.94
CA SER F 56 37.31 48.56 14.25
CA PHE F 57 36.53 51.64 16.22
CA ASP F 58 33.14 52.21 17.85
CA PRO F 59 32.59 54.98 20.40
CA ILE F 60 28.90 54.49 21.05
CA SER F 61 27.61 50.91 21.33
CA PRO F 62 27.93 47.84 23.57
CA ASP F 63 30.17 44.93 22.55
CA ALA F 64 33.01 47.40 22.33
CA VAL F 65 35.32 45.33 24.50
CA VAL F 66 35.68 46.47 28.13
CA THR F 67 39.30 47.13 28.98
CA THR F 68 39.10 47.66 32.77
CA ASN F 69 40.64 44.20 33.40
CA ILE F 70 44.22 44.24 34.72
CA ALA F 71 45.76 42.31 31.80
CA TRP F 72 45.14 45.18 29.38
CA GLN F 73 48.91 45.77 29.39
CA TYR F 74 49.43 42.51 27.51
CA SER F 75 46.25 42.54 25.41
CA ASP F 76 46.26 42.31 21.61
CA VAL F 77 43.61 45.03 21.76
CA ASN F 78 46.29 47.24 23.33
CA VAL F 79 48.41 46.99 20.17
CA VAL F 80 45.38 47.86 18.07
CA ALA F 81 44.55 50.80 20.33
CA VAL F 82 48.04 52.28 20.23
CA HIS F 83 48.36 51.92 16.46
CA HIS F 84 44.99 53.54 16.00
CA ALA F 85 45.87 56.45 18.25
CA LEU F 86 49.10 57.12 16.38
CA LEU F 87 47.31 56.82 13.02
CA THR F 88 45.25 59.89 13.97
CA SER F 89 48.28 61.96 15.06
CA GLY F 90 48.93 63.83 11.82
CA LEU F 91 52.37 62.28 11.64
CA PRO F 92 54.29 61.09 8.60
CA VAL F 93 53.72 57.32 8.55
CA SER F 94 57.09 55.59 9.17
CA GLU F 95 59.28 53.51 11.39
CA VAL F 96 59.60 55.19 14.81
CA ASP F 97 60.61 54.36 18.38
CA ILE F 98 58.52 54.68 21.50
CA VAL F 99 58.40 54.75 25.22
CA CYS F 100 55.34 53.40 26.98
CA THR F 101 54.04 52.76 30.51
CA LEU F 102 53.67 49.96 33.00
CA PRO F 103 51.52 50.17 36.16
CA LEU F 104 53.43 50.55 39.43
CA THR F 105 52.81 46.94 40.52
CA GLU F 106 54.07 45.49 37.22
CA TYR F 107 57.67 46.72 37.33
CA TYR F 108 58.33 45.63 40.88
CA ASP F 109 58.06 42.71 43.27
CA ARG F 110 59.01 41.64 46.85
CA ASN F 111 62.53 43.00 46.67
CA ASN F 112 61.62 46.23 44.90
CA GLN F 113 63.64 45.71 41.76
CA PRO F 114 62.63 45.86 38.10
CA ASN F 115 60.54 42.86 36.98
CA THR F 116 62.48 42.27 33.76
CA GLU F 117 60.16 39.43 32.85
CA ASN F 118 57.05 41.63 32.86
CA ILE F 119 58.98 44.55 31.33
CA GLU F 120 59.99 42.34 28.40
CA ARG F 121 56.60 40.70 27.87
CA LYS F 122 55.45 44.32 27.40
CA LYS F 123 58.11 45.09 24.75
CA ALA F 124 57.30 41.91 22.88
CA ASN F 125 53.59 42.76 22.60
CA PHE F 126 54.40 45.71 20.29
CA ARG F 127 56.14 43.33 17.85
CA LYS F 128 52.79 41.77 16.94
CA LYS F 129 52.00 42.21 13.26
CA ILE F 130 48.89 44.18 12.29
CA THR F 131 47.24 45.25 9.04
CA LEU F 132 45.04 48.22 8.23
CA ASN F 133 43.37 47.63 4.79
CA GLY F 134 43.66 50.52 2.31
CA GLY F 135 46.71 52.14 3.89
CA ASP F 136 50.07 51.60 5.58
CA THR F 137 50.52 51.54 9.34
CA PHE F 138 53.45 53.19 11.13
CA THR F 139 56.09 50.61 12.05
CA ILE F 140 57.09 50.52 15.72
CA LYS F 141 60.82 49.80 15.98
CA ASP F 142 62.50 50.31 19.39
CA VAL F 143 60.49 50.03 22.62
CA LYS F 144 61.22 51.02 26.23
CA VAL F 145 59.14 51.22 29.39
CA MET F 146 58.74 53.66 32.29
CA PRO F 147 56.67 53.21 35.48
CA GLU F 148 53.32 54.98 36.06
CA SER F 149 54.07 57.24 39.09
CA ILE F 150 57.33 59.20 39.09
CA PRO F 151 57.52 61.46 36.09
CA ALA F 152 54.33 63.47 36.73
CA GLY F 153 56.00 65.01 39.78
CA TYR F 154 59.03 65.98 37.69
CA GLU F 155 59.02 69.77 37.50
CA VAL F 156 57.63 70.20 41.04
CA LEU F 157 60.17 67.74 42.48
CA GLN F 158 62.97 69.84 40.99
CA GLU F 159 62.29 72.96 43.06
CA LEU F 160 61.56 71.05 46.28
CA ASP F 161 64.86 70.53 48.22
CA GLU F 162 66.58 67.35 49.58
CA LEU F 163 64.98 66.58 52.97
CA ASP F 164 61.26 66.63 52.11
CA SER F 165 58.82 64.35 50.25
CA LEU F 166 56.18 64.64 47.56
CA LEU F 167 53.22 62.27 47.51
CA ILE F 168 52.08 61.63 43.95
CA ILE F 169 48.55 60.18 43.78
CA ASP F 170 47.85 58.68 40.31
CA LEU F 171 44.22 57.58 39.96
CA GLY F 172 43.46 55.95 36.63
CA GLY F 173 40.59 53.88 35.22
CA THR F 174 41.98 50.60 36.53
CA THR F 175 44.77 51.43 38.99
CA LEU F 176 45.46 53.62 42.04
CA ASP F 177 49.21 54.25 41.98
CA ILE F 178 50.76 56.10 44.93
CA SER F 179 54.39 57.09 45.36
CA GLN F 180 56.29 59.19 47.85
CA VAL F 181 59.47 60.74 46.49
CA MET F 182 61.89 62.58 48.82
CA GLY F 183 63.08 66.01 47.63
CA LYS F 184 63.68 65.84 43.88
CA LEU F 185 64.14 62.37 42.35
CA SER F 186 67.08 62.17 44.76
CA GLY F 187 65.21 59.35 46.49
CA ILE F 188 61.92 57.41 46.35
CA SER F 189 60.75 56.29 49.76
CA LYS F 190 57.72 54.17 49.08
CA ILE F 191 55.47 53.03 46.26
CA TYR F 192 52.11 51.31 46.22
CA GLY F 193 49.87 49.97 43.46
CA ASP F 194 46.28 48.84 43.80
CA SER F 195 45.01 47.49 40.47
CA SER F 196 41.49 46.79 41.82
CA LEU F 197 40.93 50.44 42.79
CA GLY F 198 40.22 52.55 39.73
CA VAL F 199 37.59 54.94 38.42
CA SER F 200 36.04 51.74 37.03
CA LEU F 201 34.23 51.34 40.32
CA VAL F 202 31.65 53.99 39.49
CA THR F 203 31.69 53.53 35.68
CA SER F 204 30.84 49.82 36.15
CA ALA F 205 27.85 50.70 38.36
CA VAL F 206 26.63 53.53 36.12
CA LYS F 207 26.75 51.24 33.05
CA ASP F 208 24.23 49.01 34.73
CA ALA F 209 22.12 52.06 35.74
CA LEU F 210 22.05 53.29 32.19
CA SER F 211 20.79 49.84 31.12
CA LEU F 212 17.99 50.17 33.70
CA ALA F 213 17.31 53.54 32.08
CA ARG F 214 17.03 51.77 28.72
CA THR F 215 20.29 53.29 27.53
CA LYS F 216 22.47 50.19 27.09
CA GLY F 217 25.67 51.76 25.81
CA SER F 218 29.43 51.98 25.51
CA SER F 219 31.81 52.54 28.39
CA TYR F 220 32.69 55.79 26.65
CA LEU F 221 29.11 57.12 26.80
CA ALA F 222 28.99 56.21 30.47
CA ASP F 223 32.20 58.15 31.10
CA ASP F 224 30.64 61.00 29.19
CA ILE F 225 27.85 60.98 31.77
CA ILE F 226 30.36 60.98 34.58
CA ILE F 227 32.27 63.89 33.03
CA HIS F 228 29.09 65.96 32.72
CA ARG F 229 27.65 64.89 36.07
CA LYS F 230 26.92 68.55 36.96
CA ASP F 231 24.51 69.53 34.13
CA ASN F 232 21.09 67.86 34.28
CA ASN F 233 20.30 69.44 30.90
CA TYR F 234 23.34 67.84 29.30
CA LEU F 235 22.32 64.52 30.80
CA LYS F 236 18.85 65.00 29.27
CA GLN F 237 20.55 64.97 25.85
CA ARG F 238 22.17 61.58 26.57
CA ILE F 239 19.79 59.58 28.84
CA ASN F 240 17.32 58.02 26.43
CA ASP F 241 13.84 59.21 27.19
CA GLU F 242 12.98 59.48 30.86
CA ASN F 243 12.00 61.28 34.03
CA LYS F 244 14.30 58.54 35.39
CA ILE F 245 17.35 60.71 35.16
CA SER F 246 16.48 60.28 38.87
CA ILE F 247 17.30 56.57 38.99
CA VAL F 248 20.68 57.09 37.34
CA THR F 249 21.93 60.18 39.18
CA GLU F 250 21.37 58.75 42.67
CA ALA F 251 22.91 55.37 41.81
CA MET F 252 25.84 57.30 40.36
CA ASN F 253 26.08 59.58 43.41
CA GLU F 254 26.01 56.71 45.89
CA ALA F 255 28.74 54.79 44.12
CA LEU F 256 30.79 58.00 43.83
CA ARG F 257 30.67 58.53 47.60
CA LYS F 258 31.69 54.95 48.11
CA LEU F 259 34.79 55.38 45.98
CA GLU F 260 36.24 58.05 48.26
CA GLN F 261 36.27 55.95 51.44
CA ARG F 262 38.29 53.11 49.98
CA VAL F 263 40.77 55.45 48.26
CA LEU F 264 41.37 57.47 51.45
CA ASN F 265 41.82 54.32 53.52
CA THR F 266 44.55 53.33 51.06
CA LEU F 267 46.37 56.62 51.60
CA ASN F 268 46.69 56.03 55.33
CA GLU F 269 49.31 53.40 54.36
CA PHE F 270 51.76 56.29 53.81
CA SER F 271 53.04 59.01 56.09
CA GLY F 272 55.50 61.88 56.38
CA TYR F 273 54.63 63.45 53.04
CA THR F 274 55.42 67.19 52.96
CA HIS F 275 53.86 67.85 49.57
CA VAL F 276 50.90 66.20 47.88
CA MET F 277 49.99 66.01 44.22
CA VAL F 278 47.05 64.35 42.44
CA ILE F 279 47.38 63.40 38.73
CA GLY F 280 45.25 61.53 36.17
CA GLY F 281 41.78 62.34 34.85
CA GLY F 282 40.38 60.89 38.07
CA ALA F 283 42.23 63.57 40.09
CA GLU F 284 39.36 65.92 39.27
CA LEU F 285 36.93 63.55 41.00
CA ILE F 286 38.70 63.08 44.36
CA CYS F 287 40.88 66.19 44.76
CA ASP F 288 38.92 68.04 47.46
CA ALA F 289 38.47 64.99 49.73
CA VAL F 290 42.19 64.28 49.62
CA LYS F 291 43.29 67.89 50.14
CA LYS F 292 40.97 68.16 53.14
CA HIS F 293 41.82 64.75 54.60
CA THR F 294 45.58 65.45 54.57
CA GLN F 295 45.48 68.90 56.14
CA ILE F 296 48.16 70.19 53.75
CA ARG F 297 48.41 74.00 53.56
CA ASP F 298 47.61 75.53 50.19
CA GLU F 299 51.20 76.17 49.09
CA ARG F 300 52.10 72.47 49.46
CA PHE F 301 49.25 71.15 47.29
CA PHE F 302 49.66 71.06 43.47
CA LYS F 303 46.80 69.97 41.21
CA THR F 304 47.16 70.93 37.57
CA ASN F 305 44.85 72.15 34.83
CA ASN F 306 45.52 69.15 32.52
CA SER F 307 45.76 66.35 35.12
CA GLN F 308 45.02 63.76 32.46
CA TYR F 309 48.31 64.55 30.71
CA ASP F 310 50.70 65.03 33.62
CA LEU F 311 52.29 61.59 33.23
CA VAL F 312 53.06 61.58 29.48
CA ASN F 313 54.44 65.11 29.77
CA GLY F 314 56.74 63.91 32.57
CA MET F 315 57.83 60.94 30.48
CA TYR F 316 58.71 63.40 27.75
CA LEU F 317 60.54 65.96 29.89
CA ILE F 318 62.79 63.23 31.12
CA MET G 1 26.23 39.26 79.07
CA LEU G 2 29.73 40.65 79.27
CA VAL G 3 31.47 38.69 76.51
CA PHE G 4 35.13 38.60 75.74
CA ILE G 5 36.45 39.35 72.29
CA ASP G 6 40.16 39.28 71.72
CA ASP G 7 39.98 40.94 68.32
CA GLY G 8 43.27 39.97 66.68
CA SER G 9 44.13 41.07 63.14
CA THR G 10 43.69 37.60 61.72
CA ASN G 11 41.48 35.70 64.15
CA ILE G 12 38.67 36.84 66.43
CA LYS G 13 38.80 34.91 69.69
CA LEU G 14 35.73 34.74 71.91
CA GLN G 15 35.29 33.74 75.52
CA TRP G 16 31.79 33.71 76.99
CA GLN G 17 30.03 32.00 79.90
CA GLU G 18 26.46 30.85 79.34
CA SER G 19 24.97 31.39 82.80
CA ASP G 20 25.10 27.60 83.38
CA GLY G 21 28.78 28.09 84.30
CA THR G 22 29.42 27.23 80.66
CA ILE G 23 32.52 29.10 79.51
CA LYS G 24 33.02 28.71 75.75
CA GLN G 25 36.04 29.44 73.51
CA HIS G 26 35.23 30.22 69.87
CA ILE G 27 37.61 31.38 67.15
CA SER G 28 36.85 32.96 63.79
CA PRO G 29 39.32 33.64 60.92
CA ASN G 30 38.88 37.04 59.24
CA SER G 31 38.70 36.95 55.44
CA PHE G 32 36.30 39.38 53.78
CA LYS G 33 35.58 40.41 50.19
CA ARG G 34 34.12 43.86 49.41
CA GLU G 35 31.00 42.48 47.71
CA TRP G 36 28.07 40.26 48.38
CA ALA G 37 27.90 36.49 48.16
CA VAL G 38 25.89 34.66 45.54
CA SER G 39 23.16 32.33 46.76
CA PHE G 40 21.94 28.83 46.22
CA GLY G 41 19.46 28.34 49.04
CA ASP G 42 20.69 26.22 51.96
CA LYS G 43 21.84 28.86 54.48
CA LYS G 44 24.24 30.38 51.94
CA VAL G 45 24.32 33.80 53.46
CA PHE G 46 26.15 36.49 55.48
CA ASN G 47 26.26 39.68 53.44
CA TYR G 48 26.87 42.83 55.52
CA THR G 49 26.29 46.50 54.77
CA LEU G 50 27.98 49.37 56.55
CA ASN G 51 28.61 52.95 55.53
CA GLY G 52 28.33 52.62 51.78
CA GLU G 53 30.41 49.56 50.83
CA GLN G 54 29.31 46.01 51.52
CA TYR G 55 31.08 42.82 52.55
CA SER G 56 30.81 39.11 52.69
CA PHE G 57 32.95 36.25 53.84
CA ASP G 58 35.45 34.55 51.55
CA PRO G 59 38.08 32.15 52.92
CA ILE G 60 39.72 31.12 49.65
CA SER G 61 40.33 33.84 47.06
CA PRO G 62 42.37 37.03 46.56
CA ASP G 63 40.75 40.45 46.98
CA ALA G 64 39.76 39.38 50.46
CA VAL G 65 41.20 42.49 52.10
CA VAL G 66 44.59 42.06 53.79
CA THR G 67 44.40 43.09 57.43
CA THR G 68 48.11 43.01 58.42
CA ASN G 69 48.26 46.85 58.40
CA ILE G 70 48.55 48.46 61.85
CA ALA G 71 45.29 50.47 61.63
CA TRP G 72 43.16 47.32 61.73
CA GLN G 73 42.13 48.36 65.26
CA TYR G 74 40.15 51.28 63.82
CA SER G 75 39.02 49.66 60.57
CA ASP G 76 35.36 49.40 59.54
CA VAL G 77 36.25 45.86 58.46
CA ASN G 78 37.04 45.18 62.14
CA VAL G 79 33.42 45.89 63.08
CA VAL G 80 32.25 43.58 60.31
CA ALA G 81 34.66 40.88 61.43
CA VAL G 82 33.62 40.99 65.07
CA HIS G 83 29.89 40.96 64.26
CA HIS G 84 30.40 38.05 61.93
CA ALA G 85 32.33 36.07 64.51
CA LEU G 86 29.65 36.57 67.14
CA LEU G 87 26.92 35.68 64.63
CA THR G 88 28.40 32.17 64.42
CA SER G 89 28.64 31.70 68.21
CA GLY G 90 25.35 29.88 68.79
CA LEU G 91 24.24 32.69 71.04
CA PRO G 92 20.75 34.17 71.45
CA VAL G 93 20.85 37.33 69.31
CA SER G 94 20.50 40.37 71.61
CA GLU G 95 22.01 43.43 73.16
CA VAL G 96 25.21 42.48 75.00
CA ASP G 97 28.37 44.10 76.41
CA ILE G 98 31.93 43.33 75.51
CA VAL G 99 35.55 43.69 76.36
CA CYS G 100 38.07 43.85 73.55
CA THR G 101 41.82 44.34 73.01
CA LEU G 102 44.31 47.02 72.10
CA PRO G 103 47.94 46.34 71.10
CA LEU G 104 50.55 47.21 73.73
CA THR G 105 51.74 50.34 71.90
CA GLU G 106 48.22 51.75 71.54
CA TYR G 107 47.33 52.15 75.23
CA TYR G 108 50.55 53.85 76.19
CA ASP G 109 52.90 56.68 75.28
CA ARG G 110 56.07 58.48 76.52
CA ASN G 111 54.94 58.71 80.12
CA ASN G 112 53.51 55.19 80.30
CA GLN G 113 49.93 56.11 81.04
CA PRO G 114 46.68 55.09 79.33
CA ASN G 115 46.16 56.77 75.94
CA THR G 116 42.54 57.71 76.56
CA GLU G 117 42.30 59.18 73.10
CA ASN G 118 43.18 55.91 71.37
CA ILE G 119 41.19 53.90 73.92
CA GLU G 120 38.08 55.93 73.11
CA ARG G 121 38.50 55.94 69.34
CA LYS G 122 38.40 52.14 69.80
CA LYS G 123 35.12 52.20 71.78
CA ALA G 124 33.52 54.49 69.24
CA ASN G 125 34.28 52.15 66.33
CA PHE G 126 31.86 49.55 67.74
CA ARG G 127 29.01 52.10 67.61
CA LYS G 128 29.06 52.00 63.81
CA LYS G 129 25.75 50.81 62.40
CA ILE G 130 25.69 47.62 60.33
CA THR G 131 23.02 45.56 58.56
CA LEU G 132 22.89 41.87 57.75
CA ASN G 133 20.04 41.27 55.20
CA GLY G 134 17.59 38.47 56.09
CA GLY G 135 18.27 38.49 59.83
CA ASP G 136 18.96 40.59 62.92
CA THR G 137 22.46 41.30 64.21
CA PHE G 138 23.37 41.27 67.91
CA THR G 139 23.52 44.80 69.30
CA ILE G 140 26.75 45.76 71.03
CA LYS G 141 25.97 48.00 74.02
CA ASP G 142 28.78 48.67 76.53
CA VAL G 143 32.43 48.49 75.46
CA LYS G 144 35.71 48.35 77.42
CA VAL G 145 39.32 47.71 76.49
CA MET G 146 42.24 45.71 77.92
CA PRO G 147 45.87 45.65 76.72
CA GLU G 148 47.37 42.75 74.74
CA SER G 149 50.09 41.40 77.10
CA ILE G 150 49.21 41.00 80.78
CA PRO G 151 46.29 38.66 81.20
CA ALA G 152 47.79 35.62 79.46
CA GLY G 153 50.27 35.30 82.33
CA TYR G 154 47.43 35.42 84.85
CA GLU G 155 47.28 31.98 86.45
CA VAL G 156 51.06 31.46 86.31
CA LEU G 157 51.73 34.91 87.80
CA GLN G 158 49.53 34.00 90.77
CA GLU G 159 51.74 31.18 92.04
CA LEU G 160 55.02 33.00 91.38
CA ASP G 161 55.96 35.08 94.49
CA GLU G 162 56.76 38.83 94.93
CA LEU G 163 60.46 39.28 94.05
CA ASP G 164 60.67 37.58 90.63
CA SER G 165 59.54 38.39 87.07
CA LEU G 166 57.69 36.69 84.25
CA LEU G 167 58.45 37.59 80.64
CA ILE G 168 55.35 37.23 78.50
CA ILE G 169 56.14 37.06 74.77
CA ASP G 170 53.00 37.67 72.65
CA LEU G 171 53.66 37.11 68.95
CA GLY G 172 50.66 37.84 66.75
CA GLY G 173 50.09 38.34 63.01
CA THR G 174 50.94 42.03 63.11
CA THR G 175 52.54 42.75 66.50
CA LEU G 176 55.29 41.45 68.81
CA ASP G 177 54.21 42.44 72.32
CA ILE G 178 56.61 41.80 75.19
CA SER G 179 56.03 42.46 78.86
CA GLN G 180 57.91 41.68 82.04
CA VAL G 181 55.72 41.44 85.14
CA MET G 182 57.31 41.07 88.61
CA GLY G 183 55.85 38.34 90.84
CA LYS G 184 52.09 38.27 90.36
CA LEU G 185 50.48 41.39 88.87
CA SER G 186 51.96 43.10 91.92
CA GLY G 187 54.12 45.08 89.49
CA ILE G 188 54.88 45.43 85.77
CA SER G 189 58.48 46.38 85.12
CA LYS G 190 58.66 46.96 81.40
CA ILE G 191 56.56 46.69 78.26
CA TYR G 192 57.45 46.83 74.58
CA GLY G 193 55.41 46.75 71.39
CA ASP G 194 56.73 46.32 67.87
CA SER G 195 53.86 46.60 65.36
CA SER G 196 56.13 45.92 62.36
CA LEU G 197 57.23 42.52 63.68
CA GLY G 198 54.52 39.95 63.24
CA VAL G 199 54.02 36.52 61.68
CA SER G 200 53.07 38.59 58.59
CA LEU G 201 56.73 38.61 57.67
CA VAL G 202 56.67 35.05 56.38
CA THR G 203 53.00 35.01 55.27
CA SER G 204 53.65 38.05 53.04
CA ALA G 205 56.61 36.29 51.38
CA VAL G 206 54.83 32.96 51.00
CA LYS G 207 51.83 34.68 49.36
CA ASP G 208 54.13 35.85 46.61
CA ALA G 209 55.70 32.35 46.37
CA LEU G 210 52.32 30.76 45.96
CA SER G 211 51.61 33.22 43.10
CA LEU G 212 54.88 32.08 41.46
CA ALA G 213 53.52 28.55 41.93
CA ARG G 214 50.36 29.61 40.10
CA THR G 215 48.33 29.45 43.28
CA LYS G 216 47.28 33.08 43.71
CA GLY G 217 45.17 32.84 46.85
CA SER G 218 43.83 34.17 50.14
CA SER G 219 45.95 35.02 53.14
CA TYR G 220 44.06 32.24 54.88
CA LEU G 221 45.21 29.56 52.41
CA ALA G 222 48.76 30.81 52.82
CA ASP G 223 48.48 30.48 56.59
CA ASP G 224 47.10 27.03 56.01
CA ILE G 225 50.36 26.20 54.22
CA ILE G 226 52.37 27.60 57.09
CA ILE G 227 50.36 25.57 59.62
CA HIS G 228 50.97 22.36 57.70
CA ARG G 229 54.57 23.14 56.81
CA LYS G 230 55.65 19.65 57.99
CA ASP G 231 53.61 17.42 55.63
CA ASN G 232 54.69 17.52 51.98
CA ASN G 233 51.67 15.33 51.15
CA TYR G 234 49.28 17.84 52.69
CA LEU G 235 50.97 20.59 50.73
CA LYS G 236 50.48 18.52 47.55
CA GLN G 237 46.71 18.83 48.17
CA ARG G 238 46.95 22.64 48.28
CA ILE G 239 49.77 23.73 45.90
CA ASN G 240 48.13 23.82 42.51
CA ASP G 241 49.83 21.39 40.18
CA GLU G 242 53.60 21.25 40.47
CA ASN G 243 56.93 19.63 41.18
CA LYS G 244 57.58 23.22 42.31
CA ILE G 245 56.53 22.51 45.85
CA SER G 246 60.32 23.00 45.82
CA ILE G 247 60.19 26.70 44.95
CA VAL G 248 57.67 27.43 47.70
CA THR G 249 59.12 25.40 50.58
CA GLU G 250 62.61 26.90 50.33
CA ALA G 251 61.34 30.47 49.98
CA MET G 252 59.14 29.76 53.00
CA ASN G 253 62.02 28.20 54.95
CA GLU G 254 64.41 31.07 54.25
CA ALA G 255 61.94 33.70 55.34
CA LEU G 256 61.10 31.63 58.45
CA ARG G 257 64.77 31.57 59.50
CA LYS G 258 64.95 35.29 58.96
CA LEU G 259 62.04 35.93 61.31
CA GLU G 260 63.85 34.42 64.29
CA GLN G 261 66.89 36.72 64.18
CA ARG G 262 64.91 39.92 64.34
CA VAL G 263 62.58 38.64 67.07
CA LEU G 264 65.49 37.48 69.27
CA ASN G 265 67.33 40.76 68.78
CA THR G 266 64.21 42.48 70.12
CA LEU G 267 64.24 40.33 73.26
CA ASN G 268 67.73 41.48 74.20
CA GLU G 269 66.05 44.81 75.09
CA PHE G 270 64.87 43.16 78.33
CA SER G 271 66.72 41.53 81.18
CA GLY G 272 66.33 40.01 84.64
CA TYR G 273 63.38 37.81 83.74
CA THR G 274 63.11 34.75 86.02
CA HIS G 275 60.28 33.08 84.13
CA VAL G 276 59.48 33.13 80.44
CA MET G 277 56.21 32.45 78.66
CA VAL G 278 55.31 32.51 74.95
CA ILE G 279 51.64 33.03 73.90
CA GLY G 280 49.76 33.50 70.61
CA GLY G 281 49.46 31.16 67.63
CA GLY G 282 52.93 32.29 66.58
CA ALA G 283 54.38 30.91 69.85
CA GLU G 284 54.40 27.49 68.18
CA LEU G 285 56.73 28.83 65.48
CA ILE G 286 59.45 30.42 67.64
CA CYS G 287 59.26 28.57 70.98
CA ASP G 288 62.40 26.44 70.75
CA ALA G 289 64.70 29.28 69.60
CA VAL G 290 63.55 31.45 72.49
CA LYS G 291 63.78 28.72 75.14
CA LYS G 292 67.29 27.89 73.99
CA HIS G 293 68.44 31.50 73.60
CA THR G 294 67.38 32.44 77.16
CA GLN G 295 68.94 29.48 78.95
CA ILE G 296 65.91 29.14 81.24
CA ARG G 297 65.67 25.79 83.07
CA ASP G 298 62.68 23.66 82.21
CA GLU G 299 60.62 24.44 85.32
CA ARG G 300 60.71 28.18 84.59
CA PHE G 301 59.40 27.91 81.01
CA PHE G 302 55.62 27.68 80.38
CA LYS G 303 54.23 27.18 76.87
CA THR G 304 50.64 26.01 76.72
CA ASN G 305 48.66 23.60 74.56
CA ASN G 306 46.24 26.29 73.26
CA SER G 307 48.64 29.23 72.89
CA GLN G 308 46.27 30.93 70.46
CA TYR G 309 43.68 31.37 73.24
CA ASP G 310 45.82 32.29 76.23
CA LEU G 311 44.97 36.00 76.01
CA VAL G 312 41.17 35.86 75.75
CA ASN G 313 41.09 33.29 78.56
CA GLY G 314 43.12 35.69 80.70
CA MET G 315 40.81 38.55 79.85
CA TYR G 316 37.95 36.35 81.01
CA LEU G 317 39.52 35.08 84.24
CA ILE G 318 40.06 38.64 85.29
CA MET H 1 10.88 2.71 71.86
CA LEU H 2 11.24 0.31 68.99
CA VAL H 3 14.88 0.85 67.99
CA PHE H 4 16.65 -0.51 65.00
CA ILE H 5 19.86 -2.45 65.29
CA ASP H 6 21.48 -3.78 62.17
CA ASP H 7 23.89 -6.05 64.01
CA GLY H 8 26.64 -6.66 61.46
CA SER H 9 29.69 -8.81 62.29
CA THR H 10 32.01 -5.83 62.40
CA ASN H 11 29.84 -2.77 63.00
CA ILE H 12 26.61 -2.32 64.94
CA LYS H 13 24.40 0.16 63.12
CA LEU H 14 21.57 1.90 64.99
CA GLN H 15 18.56 3.81 63.79
CA TRP H 16 16.25 5.38 66.35
CA GLN H 17 13.71 8.22 66.43
CA GLU H 18 13.59 10.36 69.56
CA SER H 19 9.87 11.20 69.72
CA ASP H 20 10.68 14.72 68.48
CA GLY H 21 10.75 13.25 64.96
CA THR H 22 14.49 12.95 65.56
CA ILE H 23 15.78 9.92 63.67
CA LYS H 24 19.42 9.21 64.55
CA GLN H 25 22.04 6.99 62.86
CA HIS H 26 24.79 5.70 65.15
CA ILE H 27 27.53 3.18 64.32
CA SER H 28 29.78 1.21 66.65
CA PRO H 29 32.82 -0.94 65.68
CA ASN H 30 33.04 -4.28 67.52
CA SER H 31 36.41 -5.04 69.09
CA PHE H 32 36.37 -6.83 72.45
CA LYS H 33 39.02 -8.38 74.68
CA ARG H 34 38.13 -11.19 77.10
CA GLU H 35 39.21 -9.29 80.22
CA TRP H 36 38.53 -6.11 82.07
CA ALA H 37 39.96 -2.67 81.40
CA VAL H 38 42.36 -0.94 83.76
CA SER H 39 41.28 2.39 85.19
CA PHE H 40 42.59 5.87 85.67
CA GLY H 41 39.53 7.83 86.71
CA ASP H 42 37.99 10.04 84.00
CA LYS H 43 35.17 7.83 82.63
CA LYS H 44 37.61 5.03 81.81
CA VAL H 45 35.11 2.25 81.97
CA PHE H 46 32.91 -0.34 80.20
CA ASN H 47 33.68 -3.76 81.63
CA TYR H 48 30.92 -6.35 81.03
CA THR H 49 30.18 -9.67 82.70
CA LEU H 50 28.09 -12.43 81.19
CA ASN H 51 27.96 -16.14 81.87
CA GLY H 52 31.36 -16.63 83.45
CA GLU H 53 33.84 -14.79 81.23
CA GLN H 54 34.11 -11.01 81.12
CA TYR H 55 34.80 -8.47 78.39
CA SER H 56 35.86 -4.97 77.69
CA PHE H 57 36.42 -2.83 74.68
CA ASP H 58 39.77 -2.67 72.90
CA PRO H 59 40.13 -1.05 69.47
CA ILE H 60 43.87 -1.45 68.99
CA SER H 61 45.43 -4.75 70.08
CA PRO H 62 45.39 -8.46 69.19
CA ASP H 63 43.37 -10.93 71.28
CA ALA H 64 40.34 -8.80 70.60
CA VAL H 65 38.23 -11.72 69.43
CA VAL H 66 37.84 -12.08 65.65
CA THR H 67 34.19 -12.09 64.68
CA THR H 68 34.39 -13.04 60.97
CA ASN H 69 33.15 -16.59 61.75
CA ILE H 70 29.59 -17.33 60.57
CA ALA H 71 28.17 -18.12 64.04
CA TRP H 72 28.53 -14.50 65.17
CA GLN H 73 24.72 -14.25 65.00
CA TYR H 74 24.43 -16.57 68.00
CA SER H 75 27.58 -15.50 69.86
CA ASP H 76 27.53 -14.26 73.47
CA VAL H 77 29.97 -11.60 72.24
CA ASN H 78 27.14 -10.37 69.99
CA VAL H 79 25.00 -9.56 73.04
CA VAL H 80 27.93 -7.72 74.59
CA ALA H 81 28.54 -5.81 71.37
CA VAL H 82 24.95 -4.69 70.95
CA HIS H 83 24.62 -3.60 74.58
CA HIS H 84 27.83 -1.67 74.33
CA ALA H 85 26.76 0.08 71.14
CA LEU H 86 23.46 1.17 72.67
CA LEU H 87 25.22 2.31 75.85
CA THR H 88 27.03 4.94 73.78
CA SER H 89 23.87 6.19 72.03
CA GLY H 90 23.04 9.10 74.31
CA LEU H 91 19.73 7.47 75.12
CA PRO H 92 17.86 7.38 78.44
CA VAL H 93 18.73 3.98 79.91
CA SER H 94 15.53 1.88 80.07
CA GLU H 95 13.54 -1.05 78.86
CA VAL H 96 13.13 -0.83 75.07
CA ASP H 97 12.23 -3.04 72.09
CA ILE H 98 14.33 -3.78 69.06
CA VAL H 99 14.49 -5.14 65.59
CA CYS H 100 17.68 -6.80 64.42
CA THR H 101 19.07 -8.66 61.39
CA LEU H 102 19.69 -12.16 60.14
CA PRO H 103 21.86 -13.00 57.10
CA LEU H 104 19.96 -14.06 53.98
CA THR H 105 20.88 -17.75 54.35
CA GLU H 106 19.71 -17.91 57.97
CA TYR H 107 16.01 -17.11 57.47
CA TYR H 108 15.50 -19.53 54.62
CA ASP H 109 16.02 -23.11 53.53
CA ARG H 110 15.21 -25.54 50.65
CA ASN H 111 11.59 -24.49 50.36
CA ASN H 112 12.22 -20.77 50.73
CA GLN H 113 10.21 -20.21 53.87
CA PRO H 114 11.15 -18.58 57.18
CA ASN H 115 13.46 -20.76 59.33
CA THR H 116 11.53 -20.22 62.56
CA GLU H 117 14.07 -22.30 64.44
CA ASN H 118 16.98 -20.04 63.53
CA ILE H 119 14.81 -16.91 63.87
CA GLU H 120 13.94 -17.91 67.44
CA ARG H 121 17.44 -18.95 68.49
CA LYS H 122 18.29 -15.35 67.51
CA LYS H 123 15.54 -13.82 69.71
CA ALA H 124 16.58 -15.96 72.64
CA ASN H 125 20.21 -14.79 72.52
CA PHE H 126 19.14 -11.26 73.53
CA ARG H 127 17.55 -12.64 76.73
CA LYS H 128 21.01 -13.47 78.09
CA LYS H 129 21.72 -11.59 81.33
CA ILE H 130 24.64 -9.16 81.40
CA THR H 131 26.16 -6.80 83.97
CA LEU H 132 28.12 -3.59 83.53
CA ASN H 133 29.78 -2.68 86.90
CA GLY H 134 29.22 0.91 88.10
CA GLY H 135 26.08 1.56 86.07
CA ASP H 136 22.80 0.14 84.78
CA THR H 137 22.40 -1.39 81.34
CA PHE H 138 19.37 -0.79 79.11
CA THR H 139 16.96 -3.73 79.29
CA ILE H 140 16.01 -5.29 75.97
CA LYS H 141 12.35 -6.35 76.06
CA ASP H 142 10.68 -7.31 72.75
CA VAL H 143 12.75 -8.66 69.84
CA LYS H 144 12.00 -9.18 66.14
CA VAL H 145 14.09 -10.05 63.10
CA MET H 146 14.34 -8.87 59.49
CA PRO H 147 16.47 -10.35 56.68
CA GLU H 148 19.67 -8.68 55.40
CA SER H 149 18.80 -7.82 51.75
CA ILE H 150 15.39 -6.28 51.05
CA PRO H 151 14.97 -3.07 52.96
CA ALA H 152 18.00 -1.21 51.55
CA GLY H 153 16.24 -1.09 48.17
CA TYR H 154 13.13 0.36 49.79
CA GLU H 155 12.84 3.93 48.51
CA VAL H 156 14.24 3.08 45.05
CA LEU H 157 11.91 0.06 44.70
CA GLN H 158 8.93 2.35 45.33
CA GLU H 159 9.39 4.47 42.22
CA LEU H 160 10.31 1.54 39.95
CA ASP H 161 7.09 0.06 38.42
CA GLU H 162 5.65 -3.52 38.42
CA LEU H 163 7.34 -5.40 35.55
CA ASP H 164 11.05 -4.74 36.26
CA SER H 165 13.63 -5.93 38.81
CA LEU H 166 16.21 -4.42 41.13
CA LEU H 167 19.34 -6.36 42.03
CA ILE H 168 20.49 -5.49 45.54
CA ILE H 169 24.11 -6.48 46.19
CA ASP H 170 24.89 -6.48 49.95
CA LEU H 171 28.59 -7.06 50.63
CA GLY H 172 29.43 -7.23 54.32
CA GLY H 173 32.44 -8.38 56.35
CA THR H 174 31.34 -12.00 56.43
CA THR H 175 28.52 -12.40 53.88
CA LEU H 176 27.70 -11.61 50.25
CA ASP H 177 23.91 -11.30 50.13
CA ILE H 178 22.24 -10.85 46.73
CA SER H 179 18.57 -10.39 46.02
CA GLN H 180 16.54 -9.56 42.95
CA VAL H 181 13.22 -7.86 43.67
CA MET H 182 10.69 -7.25 40.86
CA GLY H 183 9.22 -3.74 40.68
CA LYS H 184 8.58 -2.51 44.20
CA LEU H 185 8.38 -5.14 46.95
CA SER H 186 5.50 -6.48 44.87
CA GLY H 187 7.62 -9.60 44.31
CA ILE H 188 11.04 -11.07 45.13
CA SER H 189 12.34 -13.31 42.38
CA LYS H 190 15.52 -14.78 43.76
CA ILE H 191 17.82 -14.55 46.77
CA TYR H 192 21.31 -15.87 47.40
CA GLY H 193 23.62 -15.86 50.42
CA ASP H 194 27.29 -16.75 50.47
CA SER H 195 28.62 -16.62 54.04
CA SER H 196 32.18 -17.49 52.99
CA LEU H 197 32.48 -14.47 50.70
CA GLY H 198 32.98 -11.29 52.68
CA VAL H 199 35.39 -8.38 52.92
CA SER H 200 37.18 -10.67 55.42
CA LEU H 201 39.04 -12.16 52.50
CA VAL H 202 41.40 -9.20 52.21
CA THR H 203 41.35 -8.17 55.90
CA SER H 204 42.49 -11.70 56.87
CA ALA H 205 45.44 -11.50 54.44
CA VAL H 206 46.40 -7.95 55.39
CA LYS H 207 46.42 -8.88 59.11
CA ASP H 208 49.14 -11.38 58.36
CA ALA H 209 51.00 -8.80 56.21
CA LEU H 210 50.94 -6.30 59.03
CA SER H 211 52.45 -8.96 61.32
CA LEU H 212 55.25 -9.43 58.75
CA ALA H 213 55.64 -5.64 58.96
CA ARG H 214 56.01 -5.97 62.73
CA THR H 215 52.62 -4.37 63.32
CA LYS H 216 50.70 -7.22 64.94
CA GLY H 217 47.36 -5.54 65.58
CA SER H 218 43.59 -5.51 65.85
CA SER H 219 41.21 -6.30 63.02
CA TYR H 220 40.06 -2.71 63.39
CA LEU H 221 43.52 -1.26 62.67
CA ALA H 222 43.75 -3.49 59.63
CA ASP H 223 40.41 -2.20 58.38
CA ASP H 224 41.71 1.27 59.01
CA ILE H 225 44.53 0.49 56.58
CA ILE H 226 42.06 -0.79 54.03
CA ILE H 227 39.91 2.34 54.39
CA HIS H 228 42.91 4.60 53.82
CA ARG H 229 44.47 2.45 51.11
CA LYS H 230 44.91 5.54 48.88
CA ASP H 231 47.20 7.71 51.06
CA ASN H 232 50.75 6.39 51.51
CA ASN H 233 51.37 9.20 54.00
CA TYR H 234 48.44 8.10 56.16
CA LEU H 235 49.75 4.55 56.03
CA LYS H 236 53.15 5.86 57.18
CA GLN H 237 51.41 7.00 60.39
CA ARG H 238 50.08 3.48 61.04
CA ILE H 239 52.64 0.95 59.67
CA ASN H 240 55.19 0.63 62.45
CA ASP H 241 58.58 1.71 61.24
CA GLU H 242 59.47 0.62 57.72
CA ASN H 243 60.34 1.14 54.09
CA LYS H 244 58.29 -2.08 53.92
CA ILE H 245 55.06 -0.25 53.36
CA SER H 246 56.01 -1.98 50.08
CA ILE H 247 55.49 -5.51 51.40
CA VAL H 248 52.05 -4.67 52.79
CA THR H 249 50.59 -2.63 49.93
CA GLU H 250 51.30 -5.24 47.25
CA ALA H 251 50.03 -8.14 49.37
CA MET H 252 46.94 -6.03 50.03
CA ASN H 253 46.56 -5.13 46.34
CA GLU H 254 46.89 -8.72 45.14
CA ALA H 255 44.30 -10.01 47.56
CA LEU H 256 42.00 -7.10 46.65
CA ARG H 257 42.13 -8.05 42.95
CA LYS H 258 41.40 -11.62 43.87
CA LEU H 259 38.24 -10.65 45.74
CA GLU H 260 36.61 -9.19 42.63
CA GLN H 261 36.80 -12.34 40.49
CA ARG H 262 35.00 -14.55 42.97
CA VAL H 263 32.31 -11.94 43.72
CA LEU H 264 31.59 -11.36 40.01
CA ASN H 265 31.43 -15.08 39.32
CA THR H 266 28.75 -15.26 42.00
CA LEU H 267 26.68 -12.58 40.29
CA ASN H 268 26.45 -14.59 37.08
CA GLU H 269 24.03 -16.82 39.02
CA PHE H 270 21.36 -14.16 38.47
CA SER H 271 19.90 -12.63 35.35
CA GLY H 272 17.22 -10.29 34.03
CA TYR H 273 17.92 -7.50 36.49
CA THR H 274 16.83 -4.09 35.15
CA HIS H 275 18.28 -2.05 38.01
CA VAL H 276 21.35 -2.70 40.12
CA MET H 277 22.22 -1.39 43.57
CA VAL H 278 25.26 -2.00 45.79
CA ILE H 279 24.96 -1.50 49.60
CA GLY H 280 27.20 -2.06 52.64
CA GLY H 281 30.58 -0.53 53.48
CA GLY H 282 32.13 -2.99 51.04
CA ALA H 283 30.11 -1.45 48.18
CA GLU H 284 32.76 1.25 47.98
CA LEU H 285 35.39 -1.40 47.24
CA ILE H 286 33.71 -3.27 44.36
CA CYS H 287 31.30 -0.71 42.83
CA ASP H 288 33.13 0.11 39.60
CA ALA H 289 33.85 -3.54 38.66
CA VAL H 290 30.19 -4.44 39.10
CA LYS H 291 28.83 -1.41 37.26
CA LYS H 292 31.16 -2.12 34.34
CA HIS H 293 30.59 -5.89 34.31
CA THR H 294 26.79 -5.54 34.15
CA GLN H 295 26.63 -2.96 31.37
CA ILE H 296 23.84 -1.06 33.13
CA ARG H 297 23.27 2.50 31.86
CA ASP H 298 23.91 5.26 34.36
CA GLU H 299 20.26 5.98 35.21
CA ARG H 300 19.67 2.38 36.30
CA PHE H 301 22.58 2.21 38.76
CA PHE H 302 22.13 3.56 42.33
CA LYS H 303 25.04 3.65 44.78
CA THR H 304 24.56 5.91 47.77
CA ASN H 305 26.73 8.26 49.80
CA ASN H 306 26.28 6.33 53.08
CA SER H 307 26.29 2.75 51.77
CA GLN H 308 27.20 1.43 55.21
CA TYR H 309 23.83 2.57 56.58
CA ASP H 310 21.45 1.70 53.75
CA LEU H 311 20.14 -1.43 55.47
CA VAL H 312 19.32 -0.07 58.94
CA ASN H 313 17.67 2.97 57.34
CA GLY H 314 15.52 0.60 55.26
CA MET H 315 14.64 -1.42 58.34
CA TYR H 316 13.52 1.83 59.94
CA LEU H 317 11.52 3.22 57.02
CA ILE H 318 9.51 0.05 56.98
CA MET I 1 49.18 -37.69 20.92
CA LEU I 2 45.59 -36.77 20.22
CA VAL I 3 43.95 -37.65 23.54
CA PHE I 4 40.30 -37.71 24.36
CA ILE I 5 38.85 -35.80 27.26
CA ASP I 6 35.15 -35.95 27.89
CA ASP I 7 35.16 -33.05 30.35
CA GLY I 8 31.95 -33.57 32.31
CA SER I 9 30.94 -31.25 35.17
CA THR I 10 31.61 -33.86 37.79
CA ASN I 11 33.98 -36.40 36.26
CA ILE I 12 36.74 -36.00 33.69
CA LYS I 13 36.81 -39.04 31.43
CA LEU I 14 39.94 -39.83 29.40
CA GLN I 15 40.50 -42.11 26.44
CA TRP I 16 44.02 -42.43 25.06
CA GLN I 17 45.97 -45.00 23.03
CA GLU I 18 49.61 -45.54 23.95
CA SER I 19 51.12 -46.26 20.52
CA ASP I 20 51.28 -49.98 21.44
CA GLY I 21 47.59 -50.17 20.44
CA THR I 22 46.97 -49.60 24.15
CA ILE I 23 43.70 -47.68 24.54
CA LYS I 24 43.19 -46.63 28.17
CA GLN I 25 40.09 -45.33 30.00
CA HIS I 26 40.79 -43.14 33.04
CA ILE I 27 38.24 -41.22 35.12
CA SER I 28 38.80 -38.41 37.61
CA PRO I 29 36.24 -36.86 40.01
CA ASN I 30 36.39 -33.05 40.23
CA SER I 31 36.49 -31.61 43.75
CA PHE I 32 38.66 -28.55 44.29
CA LYS I 33 39.25 -26.17 47.19
CA ARG I 34 40.42 -22.59 46.56
CA GLU I 35 43.60 -22.94 48.60
CA TRP I 36 46.71 -25.01 48.79
CA ALA I 37 47.18 -28.38 50.46
CA VAL I 38 49.28 -28.87 53.57
CA SER I 39 52.20 -31.29 53.32
CA PHE I 40 53.69 -34.18 55.15
CA GLY I 41 56.27 -35.50 52.72
CA ASP I 42 55.27 -38.69 50.87
CA LYS I 43 53.93 -37.34 47.55
CA LYS I 44 51.38 -35.15 49.34
CA VAL I 45 51.06 -32.60 46.61
CA PHE I 46 49.07 -31.07 43.71
CA ASN I 47 48.66 -27.36 44.34
CA TYR I 48 47.82 -25.31 41.21
CA THR I 49 48.12 -21.62 40.47
CA LEU I 50 46.23 -19.81 37.74
CA ASN I 51 45.33 -16.16 37.31
CA GLY I 52 45.56 -15.00 40.90
CA GLU I 53 43.70 -17.59 42.99
CA GLN I 54 45.10 -21.04 43.72
CA TYR I 55 43.60 -24.50 44.02
CA SER I 56 44.15 -27.94 45.34
CA PHE I 57 42.25 -31.18 45.39
CA ASP I 58 39.86 -32.06 48.22
CA PRO I 59 37.46 -35.00 47.95
CA ILE I 60 35.83 -34.81 51.36
CA SER I 61 34.97 -31.35 52.70
CA PRO I 62 32.69 -28.38 51.96
CA ASP I 63 34.04 -25.28 50.21
CA ALA I 64 35.16 -27.53 47.42
CA VAL I 65 33.51 -25.43 44.72
CA VAL I 66 30.19 -26.77 43.37
CA THR I 67 30.36 -27.22 39.64
CA THR I 68 26.71 -27.98 38.79
CA ASN I 69 26.25 -24.46 37.33
CA ILE I 70 25.93 -24.32 33.52
CA ALA I 71 29.02 -22.12 32.95
CA TRP I 72 31.38 -24.88 34.05
CA GLN I 73 32.38 -25.25 30.37
CA TYR I 74 34.07 -21.84 30.52
CA SER I 75 35.28 -21.96 34.12
CA ASP I 76 38.93 -21.52 35.09
CA VAL I 77 38.26 -24.41 37.45
CA ASN I 78 37.63 -26.54 34.35
CA VAL I 79 41.21 -25.97 33.16
CA VAL I 80 42.47 -26.92 36.60
CA ALA I 81 40.32 -30.03 36.64
CA VAL I 82 41.41 -31.27 33.24
CA HIS I 83 45.09 -30.70 33.93
CA HIS I 84 44.80 -32.49 37.21
CA ALA I 85 43.07 -35.46 35.64
CA LEU I 86 45.74 -35.82 32.98
CA LEU I 87 48.50 -35.44 35.59
CA THR I 88 47.28 -38.69 37.16
CA SER I 89 47.16 -40.61 33.85
CA GLY I 90 50.57 -42.26 33.98
CA LEU I 91 51.51 -40.45 30.81
CA PRO I 92 54.85 -38.98 29.81
CA VAL I 93 54.50 -35.27 30.57
CA SER I 94 54.66 -33.34 27.25
CA GLU I 95 52.95 -31.24 24.67
CA VAL I 96 49.87 -33.08 23.36
CA ASP I 97 46.61 -32.39 21.51
CA ILE I 98 43.10 -33.00 22.68
CA VAL I 99 39.48 -33.27 21.82
CA CYS I 100 36.89 -32.27 24.36
CA THR I 101 33.12 -31.89 24.77
CA LEU I 102 30.43 -29.27 24.63
CA PRO I 103 26.85 -29.83 25.86
CA LEU I 104 24.23 -30.24 23.14
CA THR I 105 22.78 -26.74 23.64
CA GLU I 106 26.18 -25.05 23.35
CA TYR I 107 27.09 -26.01 19.78
CA TYR I 108 23.74 -25.10 18.29
CA ASP I 109 21.15 -22.36 18.05
CA ARG I 110 17.86 -21.46 16.25
CA ASN I 111 19.04 -22.56 12.83
CA ASN I 112 20.77 -25.73 14.00
CA GLN I 113 24.28 -24.88 12.92
CA PRO I 114 27.57 -24.91 14.85
CA ASN I 115 27.87 -21.99 17.31
CA THR I 116 31.42 -21.08 16.30
CA GLU I 117 31.49 -18.36 18.93
CA ASN I 118 30.84 -20.76 21.80
CA ILE I 119 33.03 -23.44 20.18
CA GLU I 120 35.95 -21.00 20.09
CA ARG I 121 35.45 -19.58 23.57
CA LYS I 122 35.86 -23.24 24.59
CA LYS I 123 39.18 -23.66 22.70
CA ALA I 124 40.53 -20.45 24.15
CA ASN I 125 39.90 -21.54 27.75
CA PHE I 126 42.55 -24.29 27.42
CA ARG I 127 45.18 -21.69 26.50
CA LYS I 128 45.09 -20.30 30.04
CA LYS I 129 48.47 -20.59 31.76
CA ILE I 130 48.72 -22.72 34.90
CA THR I 131 51.51 -23.70 37.30
CA LEU I 132 51.93 -26.75 39.49
CA ASN I 133 54.76 -26.10 42.04
CA GLY I 134 57.44 -28.82 42.26
CA GLY I 135 56.82 -30.31 38.82
CA ASP I 136 56.02 -29.63 35.18
CA THR I 137 52.50 -29.75 33.75
CA PHE I 138 51.67 -31.30 30.36
CA THR I 139 51.27 -28.61 27.70
CA ILE I 140 48.01 -28.65 25.79
CA LYS I 141 48.66 -27.70 22.17
CA ASP I 142 45.85 -28.26 19.60
CA VAL I 143 42.20 -28.30 20.69
CA LYS I 144 38.98 -29.43 19.01
CA VAL I 145 35.41 -29.96 20.17
CA MET I 146 32.68 -32.57 19.71
CA PRO I 147 29.07 -32.44 20.91
CA GLU I 148 27.79 -34.48 23.90
CA SER I 149 25.21 -36.85 22.29
CA ILE I 150 26.18 -38.57 19.03
CA PRO I 151 29.27 -40.65 19.54
CA ALA I 152 27.97 -42.92 22.32
CA GLY I 153 25.58 -44.50 19.81
CA TYR I 154 28.44 -45.14 17.39
CA GLU I 155 28.89 -48.91 17.27
CA VAL I 156 25.15 -49.64 17.66
CA LEU I 157 24.24 -47.11 14.94
CA GLN I 158 26.55 -48.92 12.53
CA GLU I 159 24.60 -52.18 12.47
CA LEU I 160 21.17 -50.52 12.44
CA ASP I 161 20.11 -49.87 8.77
CA GLU I 162 19.03 -46.67 6.93
CA LEU I 163 15.28 -46.20 7.62
CA ASP I 164 15.16 -46.43 11.43
CA SER I 165 16.17 -44.22 14.39
CA LEU I 166 18.11 -44.56 17.62
CA LEU I 167 17.21 -42.38 20.61
CA ILE I 168 20.32 -41.63 22.66
CA ILE I 169 19.47 -40.41 26.17
CA ASP I 170 22.50 -38.77 27.84
CA LEU I 171 21.83 -37.92 31.49
CA GLY I 172 24.72 -36.16 33.18
CA GLY I 173 25.19 -34.20 36.40
CA THR I 174 24.06 -30.92 34.89
CA THR I 175 22.46 -31.70 31.53
CA LEU I 176 19.87 -34.00 29.94
CA ASP I 177 20.93 -34.38 26.31
CA ILE I 178 18.63 -36.27 23.95
CA SER I 179 19.21 -37.04 20.29
CA GLN I 180 17.43 -39.14 17.70
CA VAL I 181 19.69 -40.39 14.92
CA MET I 182 18.20 -42.19 11.89
CA GLY I 183 19.91 -45.46 10.89
CA LYS I 184 23.66 -45.04 11.28
CA LEU I 185 25.00 -41.47 11.42
CA SER I 186 23.43 -41.20 7.97
CA GLY I 187 21.04 -38.65 9.46
CA ILE I 188 20.21 -36.91 12.75
CA SER I 189 16.55 -36.06 13.03
CA LYS I 190 16.29 -34.10 16.23
CA ILE I 191 18.35 -32.96 19.21
CA TYR I 192 17.42 -31.47 22.57
CA GLY I 193 19.39 -30.15 25.52
CA ASP I 194 18.01 -29.29 28.94
CA SER I 195 20.80 -27.83 31.09
CA SER I 196 18.55 -27.46 34.15
CA LEU I 197 17.74 -31.18 34.28
CA GLY I 198 20.65 -33.17 35.64
CA VAL I 199 21.39 -35.65 38.40
CA SER I 200 22.13 -32.50 40.43
CA LEU I 201 18.46 -32.40 41.32
CA VAL I 202 18.75 -35.15 43.92
CA THR I 203 22.39 -34.50 44.90
CA SER I 204 21.45 -30.90 45.73
CA ALA I 205 18.64 -32.08 48.02
CA VAL I 206 20.68 -34.84 49.65
CA LYS I 207 23.48 -32.37 50.43
CA ASP I 208 21.04 -30.44 52.53
CA ALA I 209 19.77 -33.69 54.14
CA LEU I 210 23.25 -34.69 55.09
CA SER I 211 23.72 -31.28 56.76
CA LEU I 212 20.53 -31.95 58.76
CA ALA I 213 22.17 -35.26 59.67
CA ARG I 214 25.20 -33.32 60.91
CA THR I 215 27.30 -34.54 58.01
CA LYS I 216 28.03 -31.28 56.18
CA GLY I 217 30.22 -32.56 53.36
CA SER I 218 31.51 -32.53 49.81
CA SER I 219 29.37 -33.08 46.75
CA TYR I 220 31.51 -36.14 46.16
CA LEU I 221 30.55 -37.74 49.50
CA ALA I 222 26.93 -37.05 48.71
CA ASP I 223 27.28 -38.79 45.36
CA ASP I 224 28.92 -41.63 47.19
CA ILE I 225 25.71 -41.95 49.22
CA ILE I 226 23.64 -41.93 46.08
CA ILE I 227 25.84 -44.61 44.49
CA HIS I 228 25.48 -46.89 47.51
CA ARG I 229 21.81 -46.10 48.08
CA LYS I 230 21.05 -49.84 48.37
CA ASP I 231 23.18 -50.83 51.40
CA ASN I 232 22.03 -49.40 54.74
CA ASN I 233 25.20 -50.84 56.30
CA TYR I 234 27.40 -48.95 53.86
CA LEU I 235 25.46 -45.80 54.64
CA LYS I 236 26.08 -46.43 58.36
CA GLN I 237 29.82 -46.08 57.61
CA ARG I 238 29.27 -42.64 56.02
CA ILE I 239 26.36 -40.93 57.86
CA ASN I 240 28.00 -39.43 60.94
CA ASP I 241 26.45 -40.90 64.06
CA GLU I 242 22.67 -41.39 63.89
CA ASN I 243 19.48 -43.43 63.91
CA LYS I 244 18.55 -40.64 61.47
CA ILE I 245 19.70 -42.58 58.46
CA SER I 246 15.89 -42.40 58.38
CA ILE I 247 15.70 -38.66 57.73
CA VAL I 248 18.19 -38.85 54.87
CA THR I 249 16.99 -41.96 53.04
CA GLU I 250 13.39 -40.76 52.73
CA ALA I 251 14.36 -37.25 51.63
CA MET I 252 16.68 -38.90 49.10
CA ASN I 253 13.95 -41.32 47.95
CA GLU I 254 11.32 -38.62 47.51
CA ALA I 255 13.59 -36.42 45.44
CA LEU I 256 14.65 -39.47 43.38
CA ARG I 257 11.03 -40.21 42.49
CA LYS I 258 10.55 -36.59 41.55
CA LEU I 259 13.45 -36.70 39.13
CA GLU I 260 11.83 -39.37 36.98
CA GLN I 261 8.64 -37.44 36.24
CA ARG I 262 10.37 -34.41 34.81
CA VAL I 263 12.82 -36.48 32.75
CA LEU I 264 10.04 -38.62 31.25
CA ASN I 265 7.92 -35.57 30.43
CA THR I 266 10.93 -34.27 28.48
CA LEU I 267 11.11 -37.45 26.42
CA ASN I 268 7.55 -37.04 25.17
CA GLU I 269 8.96 -34.22 23.01
CA PHE I 270 10.34 -36.90 20.67
CA SER I 271 8.66 -39.66 18.70
CA GLY I 272 9.21 -42.38 16.11
CA TYR I 273 12.33 -43.78 17.73
CA THR I 274 12.91 -47.44 16.81
CA HIS I 275 15.81 -48.02 19.16
CA VAL I 276 16.53 -46.47 22.55
CA MET I 277 19.83 -46.15 24.39
CA VAL I 278 20.65 -44.60 27.78
CA ILE I 279 24.25 -43.42 28.49
CA GLY I 280 26.03 -41.57 31.30
CA GLY I 281 26.46 -42.55 34.95
CA GLY I 282 22.91 -41.36 35.53
CA ALA I 283 21.61 -44.00 33.08
CA GLU I 284 21.83 -46.48 35.94
CA LEU I 285 19.37 -44.38 37.94
CA ILE I 286 16.57 -43.99 35.38
CA CYS I 287 16.96 -47.00 33.06
CA ASP I 288 13.98 -49.11 34.11
CA ALA I 289 11.47 -46.22 34.10
CA VAL I 290 12.49 -45.26 30.57
CA LYS I 291 12.52 -48.82 29.19
CA LYS I 292 9.06 -49.41 30.62
CA HIS I 293 7.64 -46.03 29.58
CA THR I 294 8.69 -46.47 25.93
CA GLN I 295 7.36 -50.01 25.44
CA ILE I 296 10.45 -50.98 23.43
CA ARG I 297 10.98 -54.76 23.07
CA ASP I 298 14.13 -56.14 24.62
CA GLU I 299 16.15 -56.46 21.40
CA ARG I 300 15.76 -52.75 20.63
CA PHE I 301 17.04 -51.49 24.02
CA PHE I 302 20.81 -51.16 24.63
CA LYS I 303 22.17 -50.16 28.05
CA THR I 304 25.83 -50.88 28.63
CA ASN I 305 27.96 -52.11 31.50
CA ASN I 306 30.16 -48.95 31.62
CA SER I 307 27.52 -46.30 30.87
CA GLN I 308 29.71 -43.60 32.38
CA TYR I 309 32.30 -44.07 29.63
CA ASP I 310 30.15 -44.55 26.54
CA LEU I 311 30.69 -40.98 25.28
CA VAL I 312 34.49 -40.70 25.52
CA ASN I 313 34.83 -44.14 23.93
CA GLY I 314 32.65 -42.94 21.06
CA MET I 315 34.72 -39.79 20.72
CA TYR I 316 37.76 -42.03 20.44
CA LEU I 317 36.36 -44.58 17.99
CA ILE I 318 35.58 -41.74 15.66
CA MET J 1 -22.37 -23.25 40.07
CA LEU J 2 -21.59 -24.44 36.59
CA VAL J 3 -18.62 -22.22 35.69
CA PHE J 4 -16.95 -21.89 32.36
CA ILE J 5 -13.28 -22.40 31.96
CA ASP J 6 -11.74 -22.05 28.54
CA ASP J 7 -8.40 -23.53 29.51
CA GLY J 8 -6.04 -22.26 26.81
CA SER J 9 -2.32 -23.09 26.84
CA THR J 10 -1.32 -19.57 27.77
CA ASN J 11 -4.38 -17.94 29.35
CA ILE J 12 -7.20 -19.39 31.44
CA LYS J 13 -10.45 -17.66 30.53
CA LEU J 14 -13.40 -17.76 32.93
CA GLN J 15 -17.06 -16.98 32.46
CA TRP J 16 -19.37 -17.27 35.46
CA GLN J 17 -22.76 -15.88 36.50
CA GLU J 18 -23.20 -14.90 40.13
CA SER J 19 -26.88 -15.74 40.65
CA ASP J 20 -27.67 -11.99 40.54
CA GLY J 21 -27.59 -12.32 36.73
CA THR J 22 -23.98 -11.21 37.09
CA ILE J 23 -21.94 -12.79 34.31
CA LYS J 24 -18.22 -12.14 34.81
CA GLN J 25 -15.23 -12.56 32.46
CA HIS J 26 -11.87 -13.18 34.16
CA ILE J 27 -8.56 -14.04 32.50
CA SER J 28 -5.39 -15.47 34.04
CA PRO J 29 -1.96 -15.82 32.35
CA ASN J 30 -0.20 -19.12 33.08
CA SER J 31 3.42 -18.83 34.24
CA PHE J 32 4.59 -21.28 36.91
CA LYS J 33 7.94 -22.14 38.47
CA ARG J 34 8.57 -25.60 39.94
CA GLU J 35 9.31 -24.32 43.45
CA TRP J 36 7.71 -22.32 46.15
CA ALA J 37 7.62 -18.54 46.54
CA VAL J 38 9.51 -16.68 49.24
CA SER J 39 7.48 -14.57 51.63
CA PHE J 40 7.42 -11.14 53.12
CA GLY J 41 4.05 -10.99 54.83
CA ASP J 42 1.38 -8.98 52.99
CA LYS J 43 -0.54 -11.69 51.09
CA LYS J 44 2.64 -12.88 49.36
CA VAL J 45 1.43 -16.37 48.76
CA PHE J 46 0.16 -19.08 46.38
CA ASN J 47 2.36 -22.15 46.66
CA TYR J 48 0.76 -25.38 45.43
CA THR J 49 1.62 -29.01 46.01
CA LEU J 50 0.54 -31.89 43.82
CA ASN J 51 1.94 -35.37 43.33
CA GLY J 52 5.46 -34.82 44.58
CA GLU J 53 6.71 -31.60 42.96
CA GLN J 54 5.50 -28.16 43.98
CA TYR J 55 4.72 -24.95 42.13
CA SER J 56 4.20 -21.28 42.46
CA PHE J 57 3.46 -18.37 40.24
CA ASP J 58 6.17 -16.39 38.49
CA PRO J 59 5.36 -13.92 35.71
CA ILE J 60 8.84 -12.62 34.99
CA SER J 61 11.70 -15.11 34.94
CA PRO J 62 12.93 -18.17 33.02
CA ASP J 63 12.35 -21.69 34.33
CA ALA J 64 8.67 -20.90 34.42
CA VAL J 65 7.68 -24.01 32.48
CA VAL J 66 6.88 -23.46 28.79
CA THR J 67 3.41 -24.71 27.97
CA THR J 68 3.38 -24.49 24.15
CA ASN J 69 3.71 -28.30 23.85
CA ILE J 70 0.58 -30.10 22.62
CA ALA J 71 0.11 -32.30 25.74
CA TRP J 72 -0.76 -29.29 27.90
CA GLN J 73 -4.35 -30.59 27.95
CA TYR J 74 -3.25 -33.52 30.11
CA SER J 75 -0.51 -31.78 32.10
CA ASP J 76 -0.48 -31.68 35.91
CA VAL J 77 0.53 -28.04 35.47
CA ASN J 78 -2.86 -27.53 33.78
CA VAL J 79 -4.64 -28.50 37.01
CA VAL J 80 -2.44 -26.10 38.95
CA ALA J 81 -3.10 -23.33 36.44
CA VAL J 82 -6.87 -23.72 36.51
CA HIS J 83 -7.02 -23.86 40.32
CA HIS J 84 -4.86 -20.79 40.55
CA ALA J 85 -7.00 -18.87 38.09
CA LEU J 86 -10.19 -19.67 39.98
CA LEU J 87 -8.52 -18.80 43.30
CA THR J 88 -8.21 -15.21 42.07
CA SER J 89 -11.84 -14.95 40.88
CA GLY J 90 -13.36 -13.36 43.97
CA LEU J 91 -15.63 -16.37 44.37
CA PRO J 92 -16.79 -18.07 47.56
CA VAL J 93 -14.47 -21.07 47.89
CA SER J 94 -16.57 -24.26 47.50
CA GLU J 95 -17.44 -27.32 45.52
CA VAL J 96 -18.47 -26.32 42.00
CA ASP J 97 -18.93 -27.82 38.52
CA ILE J 98 -17.22 -26.80 35.34
CA VAL J 99 -17.04 -27.06 31.62
CA CYS J 100 -13.69 -26.88 29.88
CA THR J 101 -12.19 -27.09 26.39
CA LEU J 102 -10.47 -29.56 24.12
CA PRO J 103 -8.64 -28.59 20.90
CA LEU J 104 -10.44 -29.47 17.67
CA THR J 105 -8.12 -32.41 16.89
CA GLU J 106 -8.60 -33.99 20.33
CA TYR J 107 -12.35 -34.66 20.20
CA TYR J 108 -12.33 -36.23 16.78
CA ASP J 109 -10.65 -38.85 14.62
CA ARG J 110 -10.90 -40.53 11.17
CA ASN J 111 -14.65 -41.02 11.32
CA ASN J 112 -15.46 -37.63 12.82
CA GLN J 113 -17.01 -38.80 16.05
CA PRO J 114 -16.25 -37.86 19.68
CA ASN J 115 -12.99 -39.38 20.95
CA THR J 116 -14.44 -40.58 24.25
CA GLU J 117 -11.04 -41.84 25.33
CA ASN J 118 -9.41 -38.42 25.04
CA ILE J 119 -12.54 -36.69 26.39
CA GLU J 120 -12.39 -38.85 29.53
CA ARG J 121 -8.64 -38.60 30.09
CA LYS J 122 -9.41 -34.86 30.23
CA LYS J 123 -12.15 -35.23 32.87
CA ALA J 124 -9.93 -37.45 34.97
CA ASN J 125 -7.09 -34.91 35.08
CA PHE J 126 -9.26 -32.53 37.16
CA ARG J 127 -9.67 -35.23 39.84
CA LYS J 128 -6.00 -34.88 40.78
CA LYS J 129 -5.57 -33.81 44.42
CA ILE J 130 -3.82 -30.52 45.13
CA THR J 131 -2.94 -28.50 48.23
CA LEU J 132 -2.47 -24.79 48.72
CA ASN J 133 -0.79 -24.19 52.15
CA GLY J 134 -2.49 -21.59 54.38
CA GLY J 135 -5.92 -21.79 52.77
CA ASP J 136 -8.56 -24.04 51.23
CA THR J 137 -8.86 -24.63 47.49
CA PHE J 138 -12.19 -24.77 45.65
CA THR J 139 -13.24 -28.37 45.02
CA ILE J 140 -14.01 -29.25 41.41
CA LYS J 141 -16.92 -31.69 41.30
CA ASP J 142 -18.60 -32.37 37.92
CA VAL J 143 -16.66 -31.93 34.66
CA LYS J 144 -17.71 -31.74 31.00
CA VAL J 145 -15.95 -30.81 27.76
CA MET J 146 -16.72 -28.74 24.67
CA PRO J 147 -14.63 -28.38 21.48
CA GLU J 148 -12.55 -25.26 20.70
CA SER J 149 -14.22 -23.90 17.51
CA ILE J 150 -18.03 -23.78 17.43
CA PRO J 151 -19.34 -21.64 20.23
CA ALA J 152 -17.51 -18.41 19.33
CA GLY J 153 -19.69 -18.13 16.20
CA TYR J 154 -22.83 -18.57 18.30
CA GLU J 155 -24.65 -15.24 18.16
CA VAL J 156 -23.60 -14.49 14.57
CA LEU J 157 -24.61 -17.98 13.39
CA GLN J 158 -28.10 -17.40 14.78
CA GLU J 159 -29.00 -14.54 12.43
CA LEU J 160 -27.37 -16.11 9.36
CA ASP J 161 -29.96 -18.33 7.57
CA GLU J 162 -29.91 -22.04 6.54
CA LEU J 163 -28.09 -22.23 3.17
CA ASP J 164 -24.86 -20.33 3.94
CA SER J 165 -21.65 -20.98 5.92
CA LEU J 166 -19.52 -19.21 8.50
CA LEU J 167 -15.79 -19.85 8.65
CA ILE J 168 -14.57 -19.55 12.24
CA ILE J 169 -10.78 -19.10 12.43
CA ASP J 170 -9.49 -19.76 15.98
CA LEU J 171 -5.79 -18.94 16.32
CA GLY J 172 -4.38 -19.70 19.76
CA GLY J 173 -0.89 -20.01 21.24
CA THR J 174 -0.50 -23.64 20.25
CA THR J 175 -3.31 -24.47 17.80
CA LEU J 176 -4.93 -23.16 14.61
CA ASP J 177 -8.52 -24.41 14.73
CA ILE J 178 -10.73 -23.80 11.68
CA SER J 179 -14.37 -24.74 11.26
CA GLN J 180 -16.99 -24.04 8.63
CA VAL J 181 -20.55 -24.11 9.95
CA MET J 182 -23.52 -23.87 7.55
CA GLY J 183 -26.23 -21.36 8.50
CA LYS J 184 -26.74 -21.49 12.25
CA LEU J 185 -25.49 -24.59 14.07
CA SER J 186 -27.93 -26.39 11.78
CA GLY J 187 -24.90 -28.06 10.19
CA ILE J 188 -21.10 -28.19 10.43
CA SER J 189 -19.48 -28.89 7.08
CA LYS J 190 -15.82 -29.23 7.87
CA ILE J 191 -13.34 -28.89 10.72
CA TYR J 192 -9.56 -28.74 10.85
CA GLY J 193 -6.99 -28.57 13.62
CA ASP J 194 -3.28 -27.86 13.26
CA SER J 195 -1.58 -28.16 16.67
CA SER J 196 1.84 -27.18 15.28
CA LEU J 197 0.59 -23.81 14.00
CA GLY J 198 0.14 -21.37 16.84
CA VAL J 199 1.27 -17.90 17.87
CA SER J 200 4.15 -19.82 19.49
CA LEU J 201 5.97 -19.57 16.20
CA VAL J 202 6.96 -15.95 16.73
CA THR J 203 7.08 -16.05 20.56
CA SER J 204 9.61 -18.91 20.37
CA ALA J 205 11.85 -16.89 18.02
CA VAL J 206 11.52 -13.65 19.99
CA LYS J 207 12.46 -15.44 23.23
CA ASP J 208 15.79 -16.31 21.68
CA ALA J 209 16.16 -12.72 20.36
CA LEU J 210 15.59 -11.30 23.80
CA SER J 211 18.33 -13.62 25.13
CA LEU J 212 20.67 -12.19 22.44
CA ALA J 213 19.62 -8.80 23.78
CA ARG J 214 20.65 -9.91 27.26
CA THR J 215 17.05 -10.07 28.41
CA LYS J 216 16.63 -13.79 29.12
CA GLY J 217 13.04 -13.86 30.36
CA SER J 218 9.63 -15.43 30.78
CA SER J 219 7.35 -16.34 27.93
CA TYR J 220 4.96 -13.80 29.41
CA LEU J 221 7.45 -10.91 29.05
CA ALA J 222 8.05 -11.96 25.48
CA ASP J 223 4.32 -11.88 24.77
CA ASP J 224 4.27 -8.49 26.39
CA ILE J 225 6.77 -7.37 23.75
CA ILE J 226 4.63 -8.83 21.00
CA ILE J 227 1.51 -7.07 22.36
CA HIS J 228 3.29 -3.71 22.41
CA ARG J 229 5.14 -4.24 19.13
CA LYS J 230 4.01 -0.76 17.93
CA ASP J 231 5.61 1.50 20.60
CA ASN J 232 9.41 1.68 20.50
CA ASN J 233 9.29 3.73 23.72
CA TYR J 234 7.37 1.02 25.53
CA LEU J 235 9.89 -1.53 24.29
CA LYS J 236 12.68 0.69 25.68
CA GLN J 237 11.14 0.13 29.13
CA ARG J 238 11.38 -3.66 28.73
CA ILE J 239 14.48 -4.43 26.58
CA ASN J 240 17.32 -4.38 29.09
CA ASP J 241 19.82 -1.71 28.13
CA GLU J 242 20.49 -1.40 24.40
CA ASN J 243 20.55 0.36 21.06
CA LYS J 244 19.87 -3.25 20.00
CA ILE J 245 16.13 -2.82 20.11
CA SER J 246 17.17 -3.08 16.43
CA ILE J 247 18.25 -6.73 16.64
CA VAL J 248 15.02 -7.77 18.31
CA THR J 249 12.46 -5.84 16.26
CA GLU J 250 13.69 -7.12 12.89
CA ALA J 251 13.96 -10.73 14.06
CA MET J 252 10.45 -10.33 15.44
CA ASN J 253 9.18 -8.73 12.21
CA GLU J 254 10.67 -11.41 9.96
CA ALA J 255 9.19 -14.24 11.97
CA LEU J 256 5.83 -12.42 12.06
CA ARG J 257 5.74 -12.22 8.26
CA LYS J 258 6.58 -15.88 8.07
CA LEU J 259 3.63 -16.83 10.26
CA GLU J 260 1.11 -15.39 7.80
CA GLN J 261 2.15 -17.50 4.81
CA ARG J 262 1.74 -20.82 6.55
CA VAL J 263 -1.59 -19.83 8.14
CA LEU J 264 -3.05 -18.63 4.81
CA ASN J 265 -1.87 -21.78 3.02
CA THR J 266 -3.83 -23.75 5.63
CA LEU J 267 -7.01 -21.81 4.86
CA ASN J 268 -6.94 -22.80 1.20
CA GLU J 269 -7.98 -26.27 2.44
CA PHE J 270 -11.53 -24.89 2.83
CA SER J 271 -13.93 -23.31 0.36
CA GLY J 272 -17.45 -22.00 -0.11
CA TYR J 273 -17.51 -19.97 3.08
CA THR J 274 -20.02 -17.09 2.90
CA HIS J 275 -19.04 -15.47 6.17
CA VAL J 276 -15.66 -15.34 7.89
CA MET J 277 -14.84 -14.74 11.55
CA VAL J 278 -11.50 -14.61 13.36
CA ILE J 279 -11.38 -15.29 17.16
CA GLY J 280 -8.65 -15.67 19.80
CA GLY J 281 -6.02 -13.18 20.95
CA GLY J 282 -4.05 -14.05 17.82
CA ALA J 283 -6.92 -12.77 15.63
CA GLU J 284 -5.56 -9.26 16.18
CA LEU J 285 -2.27 -10.30 14.59
CA ILE J 286 -3.52 -11.85 11.33
CA CYS J 287 -6.92 -10.21 10.74
CA ASP J 288 -6.07 -7.89 7.84
CA ALA J 289 -4.17 -10.53 5.81
CA VAL J 290 -7.09 -12.94 6.10
CA LYS J 291 -9.80 -10.36 5.30
CA LYS J 292 -7.85 -9.26 2.23
CA HIS J 293 -6.93 -12.79 1.08
CA THR J 294 -10.57 -14.00 1.17
CA GLN J 295 -12.12 -11.08 -0.71
CA ILE J 296 -15.12 -11.03 1.63
CA ARG J 297 -17.16 -7.80 1.52
CA ASP J 298 -17.27 -5.81 4.73
CA GLU J 299 -20.76 -6.91 5.86
CA ARG J 300 -19.73 -10.59 5.82
CA PHE J 301 -16.64 -10.17 8.03
CA PHE J 302 -17.00 -10.13 11.84
CA LYS J 303 -14.00 -9.49 14.11
CA THR J 304 -14.83 -8.52 17.66
CA ASN J 305 -13.46 -6.10 20.23
CA ASN J 306 -12.63 -8.84 22.81
CA SER J 307 -11.44 -11.61 20.45
CA GLN J 308 -9.59 -13.29 23.31
CA TYR J 309 -12.88 -14.05 25.07
CA ASP J 310 -15.15 -15.03 22.20
CA LEU J 311 -14.89 -18.76 22.91
CA VAL J 312 -15.61 -18.82 26.66
CA ASN J 313 -18.53 -16.44 26.12
CA GLY J 314 -19.90 -18.84 23.52
CA MET J 315 -19.44 -21.78 25.86
CA TYR J 316 -21.46 -19.82 28.41
CA LEU J 317 -24.27 -18.66 26.11
CA ILE J 318 -24.89 -22.25 25.22
CA MET K 1 19.98 -29.12 -22.09
CA LEU K 2 16.27 -29.58 -22.33
CA VAL K 3 15.61 -31.92 -19.39
CA PHE K 4 12.41 -33.66 -18.53
CA ILE K 5 10.83 -33.37 -15.13
CA ASP K 6 7.59 -35.14 -14.46
CA ASP K 7 6.89 -33.32 -11.22
CA GLY K 8 4.43 -35.60 -9.42
CA SER K 9 3.08 -34.77 -5.96
CA THR K 10 5.09 -37.50 -4.29
CA ASN K 11 7.98 -38.31 -6.62
CA ILE K 12 9.95 -36.15 -9.03
CA LYS K 13 10.80 -38.17 -12.13
CA LEU K 14 13.64 -37.04 -14.40
CA GLN K 15 14.57 -37.99 -17.93
CA TRP K 16 17.69 -36.48 -19.46
CA GLN K 17 20.11 -37.38 -22.26
CA GLU K 18 23.79 -36.65 -21.69
CA SER K 19 24.91 -35.73 -25.22
CA ASP K 20 26.60 -39.15 -25.49
CA GLY K 21 23.15 -40.55 -26.37
CA THR K 22 22.93 -41.32 -22.65
CA ILE K 23 19.29 -41.07 -21.59
CA LYS K 24 18.96 -41.35 -17.80
CA GLN K 25 15.92 -41.95 -15.56
CA HIS K 26 16.21 -40.59 -12.02
CA ILE K 27 13.50 -40.48 -9.34
CA SER K 28 13.35 -38.48 -6.12
CA PRO K 29 10.80 -38.82 -3.27
CA ASN K 30 9.55 -35.51 -1.87
CA SER K 31 9.67 -35.18 1.91
CA PHE K 32 10.62 -31.77 3.31
CA LYS K 33 10.68 -30.24 6.78
CA ARG K 34 10.32 -26.47 7.27
CA GLU K 35 13.69 -26.06 9.00
CA TRP K 36 17.32 -26.68 8.45
CA ALA K 37 19.26 -29.88 8.96
CA VAL K 38 21.86 -30.33 11.69
CA SER K 39 25.37 -31.17 10.60
CA PHE K 40 28.12 -33.61 11.38
CA GLY K 41 30.58 -33.09 8.56
CA ASP K 42 30.57 -35.77 5.84
CA LYS K 43 28.33 -34.20 3.14
CA LYS K 44 25.47 -33.81 5.61
CA VAL K 45 23.79 -30.97 3.83
CA PHE K 46 20.94 -29.63 1.64
CA ASN K 47 19.31 -26.73 3.42
CA TYR K 48 17.30 -24.41 1.11
CA THR K 49 16.05 -20.88 1.57
CA LEU K 50 13.23 -19.31 -0.41
CA ASN K 51 10.97 -16.37 0.33
CA GLY K 52 11.31 -16.23 4.10
CA GLU K 53 10.91 -19.81 5.33
CA GLN K 54 13.58 -22.46 4.89
CA TYR K 55 13.55 -26.19 4.17
CA SER K 56 15.55 -29.33 4.31
CA PHE K 57 15.04 -32.93 3.44
CA ASP K 58 13.60 -35.43 5.91
CA PRO K 59 12.46 -38.91 4.81
CA ILE K 60 11.44 -40.32 8.17
CA SER K 61 9.57 -38.01 10.54
CA PRO K 62 6.25 -36.14 10.83
CA ASP K 63 6.06 -32.40 10.11
CA ALA K 64 7.50 -33.14 6.71
CA VAL K 65 4.80 -31.24 4.85
CA VAL K 66 2.06 -33.38 3.28
CA THR K 67 1.79 -32.69 -0.42
CA THR K 68 -1.42 -34.59 -1.32
CA ASN K 69 -3.37 -31.29 -1.61
CA ILE K 70 -4.32 -30.28 -5.17
CA ALA K 71 -2.42 -26.95 -5.19
CA TRP K 72 0.95 -28.72 -5.09
CA GLN K 73 1.44 -27.59 -8.70
CA TYR K 74 1.77 -23.98 -7.55
CA SER K 75 3.46 -24.60 -4.19
CA ASP K 76 6.79 -23.01 -3.23
CA VAL K 77 7.65 -26.45 -1.85
CA ASN K 78 7.35 -27.71 -5.45
CA VAL K 79 10.22 -25.45 -6.52
CA VAL K 80 12.30 -26.70 -3.61
CA ALA K 81 11.49 -30.30 -4.46
CA VAL K 82 12.41 -30.01 -8.12
CA HIS K 83 15.69 -28.20 -7.38
CA HIS K 84 16.58 -30.81 -4.83
CA ALA K 85 15.86 -33.66 -7.20
CA LEU K 86 18.04 -32.15 -9.91
CA LEU K 87 20.80 -31.45 -7.40
CA THR K 88 21.16 -35.21 -6.88
CA SER K 89 21.27 -36.03 -10.62
CA GLY K 90 25.02 -36.12 -11.12
CA LEU K 91 24.72 -33.30 -13.62
CA PRO K 92 27.07 -30.38 -14.21
CA VAL K 93 25.46 -27.50 -12.33
CA SER K 94 24.37 -24.86 -14.88
CA GLU K 95 21.62 -23.01 -16.62
CA VAL K 96 19.29 -25.50 -18.32
CA ASP K 97 15.77 -25.69 -19.78
CA ILE K 98 12.97 -27.98 -18.73
CA VAL K 99 9.64 -29.44 -19.53
CA CYS K 100 7.29 -30.28 -16.70
CA THR K 101 3.75 -31.58 -16.11
CA LEU K 102 0.27 -30.35 -15.35
CA PRO K 103 -2.61 -32.61 -14.22
CA LEU K 104 -5.28 -33.27 -16.86
CA THR K 105 -7.83 -30.94 -15.25
CA GLU K 106 -5.40 -28.01 -15.09
CA TYR K 107 -4.75 -27.54 -18.81
CA TYR K 108 -8.38 -27.65 -19.83
CA ASP K 109 -11.81 -26.22 -19.11
CA ARG K 110 -15.43 -26.26 -20.41
CA ASN K 111 -14.47 -25.83 -24.04
CA ASN K 112 -11.52 -28.23 -23.98
CA GLN K 113 -8.80 -25.76 -24.86
CA PRO K 114 -5.47 -24.98 -23.14
CA ASN K 115 -5.92 -22.99 -19.91
CA THR K 116 -3.17 -20.49 -20.69
CA GLU K 117 -3.71 -18.81 -17.35
CA ASN K 118 -2.96 -21.97 -15.36
CA ILE K 119 -0.21 -22.99 -17.80
CA GLU K 120 1.54 -19.66 -17.22
CA ARG K 121 1.10 -19.57 -13.45
CA LYS K 122 3.00 -22.88 -13.61
CA LYS K 123 5.90 -21.42 -15.67
CA ALA K 124 6.15 -18.45 -13.35
CA ASN K 125 6.55 -20.62 -10.24
CA PHE K 126 9.95 -21.88 -11.49
CA ARG K 127 11.23 -18.28 -11.63
CA LYS K 128 11.17 -18.08 -7.83
CA LYS K 129 14.63 -17.44 -6.41
CA ILE K 130 16.15 -20.05 -4.09
CA THR K 131 19.43 -20.45 -2.23
CA LEU K 132 21.30 -23.55 -1.12
CA ASN K 133 24.04 -22.51 1.41
CA GLY K 134 27.55 -23.87 0.68
CA GLY K 135 27.01 -24.49 -3.03
CA ASP K 136 25.45 -23.23 -6.25
CA THR K 137 22.06 -24.36 -7.53
CA PHE K 138 21.35 -25.12 -11.19
CA THR K 139 19.58 -22.20 -12.86
CA ILE K 140 16.30 -23.03 -14.57
CA LYS K 141 15.99 -20.95 -17.75
CA ASP K 142 13.23 -21.89 -20.25
CA VAL K 143 10.09 -23.69 -19.09
CA LYS K 144 7.30 -25.52 -20.96
CA VAL K 145 4.41 -27.72 -19.91
CA MET K 146 2.82 -30.98 -21.10
CA PRO K 147 -0.37 -32.66 -19.81
CA GLU K 148 -0.32 -35.76 -17.57
CA SER K 149 -2.04 -38.43 -19.75
CA ILE K 150 -1.00 -38.64 -23.41
CA PRO K 151 2.69 -39.34 -23.68
CA ALA K 152 2.76 -42.61 -21.70
CA GLY K 153 0.78 -44.27 -24.50
CA TYR K 154 3.28 -43.03 -27.08
CA GLU K 155 5.07 -46.11 -28.39
CA VAL K 156 1.98 -48.35 -28.14
CA LEU K 157 -0.22 -45.77 -29.88
CA GLN K 158 2.19 -45.75 -32.82
CA GLU K 159 1.62 -49.37 -33.84
CA LEU K 160 -2.14 -49.29 -33.23
CA ASP K 161 -3.92 -48.14 -36.47
CA GLU K 162 -6.39 -45.27 -37.18
CA LEU K 163 -9.87 -46.56 -36.27
CA ASP K 164 -9.31 -47.85 -32.71
CA SER K 165 -8.76 -46.34 -29.25
CA LEU K 166 -6.37 -46.73 -26.35
CA LEU K 167 -7.53 -46.01 -22.80
CA ILE K 168 -4.66 -44.67 -20.73
CA ILE K 169 -5.35 -44.91 -16.98
CA ASP K 170 -2.92 -42.71 -14.98
CA LEU K 171 -3.30 -43.23 -11.23
CA GLY K 172 -1.05 -40.99 -9.16
CA GLY K 173 -0.86 -39.99 -5.50
CA THR K 174 -3.35 -37.15 -5.87
CA THR K 175 -5.05 -37.55 -9.26
CA LEU K 176 -6.80 -40.18 -11.40
CA ASP K 177 -6.24 -39.08 -15.01
CA ILE K 178 -7.99 -41.03 -17.76
CA SER K 179 -7.74 -40.44 -21.50
CA GLN K 180 -8.99 -42.29 -24.55
CA VAL K 181 -6.89 -41.72 -27.67
CA MET K 182 -8.05 -43.06 -31.06
CA GLY K 183 -5.42 -44.95 -33.08
CA LYS K 184 -2.09 -43.18 -32.69
CA LEU K 185 -2.18 -39.57 -31.50
CA SER K 186 -4.23 -39.01 -34.64
CA GLY K 187 -7.14 -38.16 -32.34
CA ILE K 188 -8.05 -37.86 -28.65
CA SER K 189 -11.69 -38.68 -28.00
CA LYS K 190 -12.15 -37.95 -24.33
CA ILE K 191 -10.23 -36.94 -21.22
CA TYR K 192 -11.12 -36.95 -17.54
CA GLY K 193 -9.36 -35.81 -14.38
CA ASP K 194 -10.40 -36.53 -10.81
CA SER K 195 -8.06 -34.72 -8.41
CA SER K 196 -9.79 -36.15 -5.31
CA LEU K 197 -9.13 -39.75 -6.33
CA GLY K 198 -5.52 -40.69 -5.76
CA VAL K 199 -3.47 -43.33 -3.93
CA SER K 200 -3.69 -40.82 -1.05
CA LEU K 201 -6.93 -42.46 -0.05
CA VAL K 202 -5.22 -45.44 1.53
CA THR K 203 -1.99 -43.66 2.55
CA SER K 204 -4.05 -41.13 4.54
CA ALA K 205 -5.85 -43.94 6.41
CA VAL K 206 -2.70 -45.97 7.01
CA LYS K 207 -0.90 -42.91 8.44
CA ASP K 208 -3.53 -42.76 11.14
CA ALA K 209 -3.26 -46.56 11.69
CA LEU K 210 0.46 -46.31 12.15
CA SER K 211 -0.14 -43.58 14.79
CA LEU K 212 -2.50 -46.01 16.58
CA ALA K 213 0.38 -48.50 16.36
CA ARG K 214 2.62 -45.92 18.04
CA THR K 215 4.55 -45.35 14.84
CA LYS K 216 3.75 -41.70 14.09
CA GLY K 217 5.78 -41.17 10.94
CA SER K 218 6.39 -39.64 7.54
CA SER K 219 4.18 -40.14 4.53
CA TYR K 220 7.19 -41.80 2.96
CA LEU K 221 7.41 -44.51 5.66
CA ALA K 222 3.71 -45.13 5.23
CA ASP K 223 4.17 -45.60 1.49
CA ASP K 224 7.01 -47.93 2.31
CA ILE K 225 4.50 -50.05 4.23
CA ILE K 226 2.12 -50.00 1.31
CA ILE K 227 4.89 -51.03 -1.10
CA HIS K 228 5.86 -53.97 1.09
CA ARG K 229 2.30 -54.93 2.00
CA LYS K 230 3.03 -58.60 1.12
CA ASP K 231 5.84 -59.41 3.60
CA ASN K 232 4.77 -59.54 7.26
CA ASN K 233 8.45 -59.96 8.20
CA TYR K 234 9.38 -56.75 6.39
CA LEU K 235 6.56 -54.98 8.17
CA LYS K 236 7.92 -56.30 11.48
CA GLN K 237 11.10 -54.29 10.76
CA ARG K 238 9.07 -51.07 10.35
CA ILE K 239 6.04 -51.26 12.70
CA ASN K 240 7.39 -50.14 16.04
CA ASP K 241 7.00 -52.88 18.59
CA GLU K 242 3.74 -54.81 18.41
CA ASN K 243 1.60 -57.87 17.90
CA LYS K 244 -0.65 -55.14 16.49
CA ILE K 245 0.67 -55.53 13.00
CA SER K 246 -2.89 -56.91 13.07
CA ILE K 247 -4.55 -53.53 13.64
CA VAL K 248 -2.64 -51.92 10.80
CA THR K 249 -2.88 -54.62 8.12
CA GLU K 250 -6.67 -54.93 8.33
CA ALA K 251 -7.25 -51.17 8.36
CA MET K 252 -4.93 -50.99 5.36
CA ASN K 253 -6.70 -53.89 3.60
CA GLU K 254 -10.17 -52.44 4.12
CA ALA K 255 -9.23 -49.05 2.78
CA LEU K 256 -7.44 -50.72 -0.18
CA ARG K 257 -10.63 -52.58 -1.14
CA LYS K 258 -12.56 -49.37 -0.89
CA LEU K 259 -10.25 -47.62 -3.34
CA GLU K 260 -11.07 -50.04 -6.15
CA GLN K 261 -14.84 -49.46 -6.15
CA ARG K 262 -14.61 -45.71 -6.60
CA VAL K 263 -11.91 -45.96 -9.28
CA LEU K 264 -13.87 -48.53 -11.30
CA ASN K 265 -17.07 -46.48 -11.05
CA THR K 266 -15.11 -43.61 -12.59
CA LEU K 267 -14.07 -45.77 -15.55
CA ASN K 268 -17.67 -46.49 -16.49
CA GLU K 269 -17.77 -42.86 -17.69
CA PHE K 270 -15.89 -43.99 -20.82
CA SER K 271 -16.67 -46.55 -23.49
CA GLY K 272 -15.55 -47.99 -26.81
CA TYR K 273 -11.92 -48.41 -25.82
CA THR K 274 -10.18 -51.12 -27.86
CA HIS K 275 -6.94 -51.11 -25.90
CA VAL K 276 -6.33 -50.39 -22.23
CA MET K 277 -3.15 -49.29 -20.48
CA VAL K 278 -2.46 -48.53 -16.81
CA ILE K 279 0.51 -46.23 -15.89
CA GLY K 280 1.87 -44.66 -12.69
CA GLY K 281 3.19 -46.35 -9.55
CA GLY K 282 -0.43 -46.91 -8.52
CA ALA K 283 -0.99 -49.09 -11.63
CA GLU K 284 0.59 -51.95 -9.69
CA LEU K 285 -2.13 -51.65 -7.05
CA ILE K 286 -5.25 -51.74 -9.25
CA CYS K 287 -4.13 -53.54 -12.44
CA ASP K 288 -5.89 -56.89 -11.98
CA ALA K 289 -9.28 -55.37 -11.02
CA VAL K 290 -9.25 -53.16 -14.09
CA LYS K 291 -8.11 -55.88 -16.51
CA LYS K 292 -10.83 -58.18 -15.22
CA HIS K 293 -13.56 -55.52 -15.12
CA THR K 294 -12.98 -54.47 -18.75
CA GLN K 295 -12.96 -57.95 -20.29
CA ILE K 296 -10.08 -57.01 -22.60
CA ARG K 297 -8.24 -59.99 -24.14
CA ASP K 298 -4.60 -60.36 -23.19
CA GLU K 299 -3.13 -58.95 -26.42
CA ARG K 300 -4.99 -55.65 -25.97
CA PHE K 301 -3.77 -54.97 -22.41
CA PHE K 302 -0.35 -53.33 -21.83
CA LYS K 303 1.04 -52.85 -18.32
CA THR K 304 4.75 -52.15 -18.14
CA ASN K 305 7.62 -53.15 -15.87
CA ASN K 306 8.45 -49.54 -14.84
CA SER K 307 4.92 -48.07 -14.65
CA GLN K 308 6.16 -45.26 -12.42
CA TYR K 309 8.28 -43.88 -15.27
CA ASP K 310 6.01 -44.31 -18.28
CA LEU K 311 4.98 -40.64 -18.37
CA VAL K 312 8.40 -38.93 -18.18
CA ASN K 313 9.74 -41.38 -20.78
CA GLY K 314 6.85 -40.41 -23.06
CA MET K 315 7.52 -36.74 -22.48
CA TYR K 316 11.10 -37.40 -23.53
CA LEU K 317 10.38 -39.51 -26.61
CA ILE K 318 8.25 -36.71 -27.91
CA MET L 1 -47.89 -50.61 2.97
CA LEU L 2 -47.26 -50.39 -0.74
CA VAL L 3 -45.51 -47.00 -0.99
CA PHE L 4 -44.62 -45.13 -4.11
CA ILE L 5 -41.12 -43.92 -4.76
CA ASP L 6 -40.40 -42.09 -7.96
CA ASP L 7 -36.64 -42.31 -7.61
CA GLY L 8 -35.38 -39.51 -9.86
CA SER L 9 -31.66 -38.75 -10.23
CA THR L 10 -31.92 -35.53 -8.27
CA ASN L 11 -35.07 -35.77 -6.16
CA ILE L 12 -36.78 -38.74 -4.54
CA LYS L 13 -40.54 -38.29 -4.74
CA LEU L 14 -42.82 -40.24 -2.41
CA GLN L 15 -46.52 -40.95 -2.49
CA TRP L 16 -48.07 -42.91 0.36
CA GLN L 17 -51.54 -43.30 1.89
CA GLU L 18 -51.75 -43.63 5.66
CA SER L 19 -54.72 -45.99 6.02
CA ASP L 20 -56.87 -43.01 7.11
CA GLY L 21 -57.25 -42.21 3.39
CA THR L 22 -54.31 -39.89 3.96
CA ILE L 23 -52.28 -39.71 0.74
CA LYS L 24 -49.04 -37.79 1.29
CA GLN L 25 -46.52 -36.31 -1.18
CA HIS L 26 -42.96 -35.95 0.13
CA ILE L 27 -39.86 -34.91 -1.82
CA SER L 28 -36.20 -35.29 -0.91
CA PRO L 29 -33.18 -33.77 -2.73
CA ASN L 30 -30.22 -36.15 -3.13
CA SER L 31 -26.86 -34.74 -2.06
CA PHE L 32 -24.46 -37.16 -0.35
CA LYS L 33 -20.83 -36.99 0.75
CA ARG L 34 -18.74 -40.17 1.06
CA GLU L 35 -17.99 -39.70 4.76
CA TRP L 36 -19.73 -39.32 8.04
CA ALA L 37 -21.17 -36.18 9.58
CA VAL L 38 -19.72 -34.52 12.65
CA SER L 39 -21.99 -34.16 15.66
CA PHE L 40 -23.10 -31.58 18.14
CA GLY L 41 -26.00 -33.25 19.91
CA ASP L 42 -29.47 -32.06 18.86
CA LYS L 43 -30.52 -34.70 16.29
CA LYS L 44 -27.43 -34.02 14.18
CA VAL L 45 -27.32 -37.39 12.56
CA PHE L 46 -27.86 -39.62 9.47
CA ASN L 47 -24.64 -41.46 8.73
CA TYR L 48 -25.11 -44.59 6.56
CA THR L 49 -22.88 -47.59 5.99
CA LEU L 50 -23.15 -49.94 3.03
CA ASN L 51 -20.64 -52.28 1.44
CA GLY L 52 -17.42 -50.73 2.67
CA GLU L 53 -17.76 -46.97 2.09
CA GLN L 54 -20.01 -44.73 4.17
CA TYR L 55 -22.19 -41.73 3.44
CA SER L 56 -23.94 -38.81 4.96
CA PHE L 57 -26.07 -35.98 3.77
CA ASP L 58 -24.59 -32.67 2.63
CA PRO L 59 -26.70 -30.08 0.78
CA ILE L 60 -24.10 -27.34 0.40
CA SER L 61 -20.56 -28.39 -0.50
CA PRO L 62 -18.61 -30.01 -3.36
CA ASP L 63 -17.61 -33.68 -3.19
CA ALA L 64 -21.25 -34.49 -2.72
CA VAL L 65 -21.30 -37.08 -5.50
CA VAL L 66 -22.80 -35.91 -8.81
CA THR L 67 -25.64 -38.18 -9.85
CA THR L 68 -26.33 -36.95 -13.42
CA ASN L 69 -24.65 -40.07 -14.90
CA ILE L 70 -27.05 -42.57 -16.52
CA ALA L 71 -26.18 -45.52 -14.24
CA TRP L 72 -27.76 -43.83 -11.21
CA GLN L 73 -30.55 -46.44 -11.45
CA TYR L 74 -28.12 -49.15 -10.36
CA SER L 75 -25.95 -47.07 -8.01
CA ASP L 76 -25.37 -48.00 -4.36
CA VAL L 77 -25.87 -44.28 -3.68
CA ASN L 78 -29.42 -44.76 -5.00
CA VAL L 79 -30.18 -47.20 -2.18
CA VAL L 80 -28.77 -44.74 0.33
CA ALA L 81 -30.80 -41.91 -1.16
CA VAL L 82 -34.10 -43.78 -1.10
CA HIS L 83 -33.60 -45.01 2.48
CA HIS L 84 -32.73 -41.52 3.58
CA ALA L 85 -35.79 -40.03 1.92
CA LEU L 86 -38.10 -42.54 3.57
CA LEU L 87 -36.41 -42.00 6.93
CA THR L 88 -37.63 -38.40 6.88
CA SER L 89 -41.23 -39.32 5.96
CA GLY L 90 -42.74 -39.38 9.44
CA LEU L 91 -43.62 -43.02 8.95
CA PRO L 92 -43.56 -45.85 11.49
CA VAL L 93 -40.26 -47.64 10.79
CA SER L 94 -41.06 -51.16 9.50
CA GLU L 95 -41.02 -53.65 6.70
CA VAL L 96 -42.90 -52.21 3.70
CA ASP L 97 -43.27 -52.75 -0.06
CA ILE L 98 -42.56 -50.29 -2.81
CA VAL L 99 -42.93 -49.41 -6.42
CA CYS L 100 -40.19 -47.45 -8.12
CA THR L 101 -39.27 -46.09 -11.56
CA LEU L 102 -37.13 -46.94 -14.53
CA PRO L 103 -36.32 -44.48 -17.36
CA LEU L 104 -38.14 -45.10 -20.64
CA THR L 105 -35.06 -46.52 -22.38
CA GLU L 106 -34.36 -49.03 -19.61
CA TYR L 107 -37.55 -51.09 -19.80
CA TYR L 108 -37.46 -51.52 -23.55
CA ASP L 109 -35.28 -52.55 -26.47
CA ARG L 110 -35.44 -53.17 -30.27
CA ASN L 111 -38.66 -55.17 -30.15
CA ASN L 112 -40.41 -52.93 -27.64
CA GLN L 113 -40.89 -55.45 -24.88
CA PRO L 114 -40.01 -55.31 -21.17
CA ASN L 115 -36.26 -55.68 -20.54
CA THR L 116 -36.64 -58.21 -17.73
CA GLU L 117 -32.90 -58.24 -17.22
CA ASN L 118 -32.71 -54.52 -16.47
CA ILE L 119 -36.01 -54.63 -14.55
CA GLU L 120 -34.58 -57.32 -12.26
CA ARG L 121 -31.16 -55.73 -11.78
CA LYS L 122 -33.23 -52.81 -10.45
CA LYS L 123 -35.18 -54.97 -7.96
CA ALA L 124 -32.01 -56.59 -6.74
CA ASN L 125 -30.34 -53.25 -5.92
CA PHE L 126 -32.89 -52.62 -3.14
CA ARG L 127 -31.85 -55.87 -1.44
CA LYS L 128 -28.47 -54.36 -0.55
CA LYS L 129 -27.92 -54.23 3.20
CA ILE L 130 -27.44 -50.84 4.84
CA THR L 131 -26.91 -49.59 8.39
CA LEU L 132 -27.78 -46.28 10.01
CA ASN L 133 -25.91 -46.02 13.40
CA GLY L 134 -28.08 -45.05 16.40
CA GLY L 135 -31.39 -46.17 14.90
CA ASP L 136 -33.22 -48.76 12.83
CA THR L 137 -33.86 -48.38 9.12
CA PHE L 138 -37.15 -49.33 7.44
CA THR L 139 -36.88 -52.73 5.74
CA ILE L 140 -37.81 -52.81 2.06
CA LYS L 141 -39.58 -56.10 1.31
CA ASP L 142 -41.38 -56.42 -2.07
CA VAL L 143 -40.27 -54.36 -5.08
CA LYS L 144 -41.89 -53.61 -8.44
CA VAL L 145 -41.11 -51.23 -11.29
CA MET L 146 -43.06 -48.87 -13.55
CA PRO L 147 -41.78 -46.87 -16.54
CA GLU L 148 -41.16 -43.08 -16.40
CA SER L 149 -43.69 -41.71 -18.94
CA ILE L 150 -47.23 -43.11 -18.86
CA PRO L 151 -48.79 -42.54 -15.48
CA ALA L 152 -48.47 -38.74 -15.39
CA GLY L 153 -51.05 -38.52 -18.20
CA TYR L 154 -53.43 -40.73 -16.24
CA GLU L 155 -56.35 -38.52 -15.26
CA VAL L 156 -56.23 -36.46 -18.48
CA LEU L 157 -56.05 -39.60 -20.65
CA GLN L 158 -59.25 -40.86 -19.03
CA GLU L 159 -61.49 -38.07 -20.33
CA LEU L 160 -59.88 -37.96 -23.79
CA ASP L 161 -61.72 -40.46 -26.10
CA GLU L 162 -60.44 -43.40 -28.24
CA LEU L 163 -59.24 -41.91 -31.55
CA ASP L 164 -56.87 -39.14 -30.35
CA SER L 165 -53.39 -38.96 -28.79
CA LEU L 166 -51.69 -37.28 -25.86
CA LEU L 167 -48.01 -36.38 -26.02
CA ILE L 168 -46.44 -36.59 -22.57
CA ILE L 169 -43.13 -34.73 -22.38
CA ASP L 170 -41.14 -35.76 -19.25
CA LEU L 171 -38.01 -33.64 -18.80
CA GLY L 172 -35.90 -34.68 -15.83
CA GLY L 173 -32.37 -33.96 -14.63
CA THR L 174 -30.81 -36.71 -16.72
CA THR L 175 -33.44 -37.89 -19.21
CA LEU L 176 -35.91 -36.52 -21.77
CA ASP L 177 -38.71 -39.09 -21.95
CA ILE L 178 -41.44 -38.61 -24.56
CA SER L 179 -44.48 -40.79 -25.12
CA GLN L 180 -47.55 -40.51 -27.31
CA VAL L 181 -50.58 -42.37 -25.96
CA MET L 182 -53.76 -42.70 -28.06
CA GLY L 183 -57.02 -41.85 -26.29
CA LYS L 184 -56.87 -43.19 -22.75
CA LEU L 185 -54.29 -45.90 -22.04
CA SER L 186 -56.19 -47.83 -24.69
CA GLY L 187 -53.02 -47.68 -26.79
CA ILE L 188 -49.48 -46.28 -26.76
CA SER L 189 -48.26 -45.32 -30.21
CA LYS L 190 -44.66 -44.35 -29.69
CA ILE L 191 -42.07 -43.85 -26.95
CA TYR L 192 -38.65 -42.23 -26.94
CA GLY L 193 -35.94 -41.82 -24.34
CA ASP L 194 -32.87 -39.61 -24.58
CA SER L 195 -30.68 -40.11 -21.50
CA SER L 196 -28.12 -37.50 -22.62
CA LEU L 197 -30.71 -34.71 -22.74
CA GLY L 198 -31.60 -33.53 -19.27
CA VAL L 199 -31.70 -30.32 -17.23
CA SER L 200 -28.09 -31.29 -16.40
CA LEU L 201 -27.03 -29.45 -19.51
CA VAL L 202 -27.40 -26.03 -17.91
CA THR L 203 -26.65 -27.11 -14.31
CA SER L 204 -23.29 -28.54 -15.46
CA ALA L 205 -22.37 -25.23 -17.14
CA VAL L 206 -23.58 -23.07 -14.25
CA LYS L 207 -21.55 -25.14 -11.75
CA ASP L 208 -18.43 -24.14 -13.63
CA ALA L 209 -19.63 -20.49 -13.76
CA LEU L 210 -20.15 -20.43 -10.04
CA SER L 211 -16.56 -21.70 -9.60
CA LEU L 212 -15.39 -18.79 -11.78
CA ALA L 213 -17.42 -16.61 -9.42
CA ARG L 214 -15.50 -18.11 -6.50
CA THR L 215 -18.56 -20.02 -5.33
CA LYS L 216 -17.44 -23.63 -5.77
CA GLY L 217 -20.50 -25.46 -4.50
CA SER L 218 -22.97 -28.33 -4.51
CA SER L 219 -25.17 -29.28 -7.42
CA TYR L 220 -28.06 -28.41 -5.13
CA LEU L 221 -26.92 -24.79 -4.66
CA ALA L 222 -26.54 -24.49 -8.41
CA ASP L 223 -30.09 -25.73 -8.91
CA ASP L 224 -31.14 -23.22 -6.32
CA ILE L 225 -29.69 -20.52 -8.56
CA ILE L 226 -31.53 -21.91 -11.55
CA ILE L 227 -34.81 -21.99 -9.61
CA HIS L 228 -34.43 -18.35 -8.57
CA ARG L 229 -33.07 -17.18 -11.91
CA LYS L 230 -35.57 -14.26 -11.92
CA ASP L 231 -34.55 -12.38 -8.75
CA ASN L 232 -31.16 -10.66 -8.92
CA ASN L 233 -31.53 -9.81 -5.22
CA TYR L 234 -31.99 -13.45 -4.29
CA LEU L 235 -28.93 -14.30 -6.34
CA LYS L 236 -27.00 -11.63 -4.44
CA GLN L 237 -27.65 -13.68 -1.27
CA ARG L 238 -26.09 -16.78 -2.85
CA ILE L 239 -23.31 -15.63 -5.24
CA ASN L 240 -20.31 -15.13 -2.99
CA ASP L 241 -19.17 -11.55 -3.14
CA GLU L 242 -19.25 -9.96 -6.58
CA ASN L 243 -20.39 -7.49 -9.19
CA LYS L 244 -19.82 -10.62 -11.31
CA ILE L 245 -23.37 -11.79 -10.93
CA SER L 246 -22.90 -10.59 -14.52
CA ILE L 247 -20.52 -13.39 -15.51
CA VAL L 248 -22.83 -16.07 -14.13
CA THR L 249 -26.21 -14.85 -15.38
CA GLU L 250 -25.13 -14.55 -19.02
CA ALA L 251 -23.35 -17.92 -19.04
CA MET L 252 -26.50 -19.36 -17.50
CA ASN L 253 -28.75 -17.59 -20.02
CA GLU L 254 -26.74 -18.72 -23.03
CA ALA L 255 -26.73 -22.34 -21.96
CA LEU L 256 -30.48 -22.11 -21.19
CA ARG L 257 -31.22 -20.94 -24.74
CA LYS L 258 -29.11 -23.75 -26.10
CA LEU L 259 -31.12 -26.35 -24.21
CA GLU L 260 -34.34 -25.45 -26.01
CA GLN L 261 -33.06 -26.05 -29.54
CA ARG L 262 -31.94 -29.59 -28.91
CA VAL L 263 -35.10 -30.51 -26.98
CA LEU L 264 -37.39 -29.13 -29.72
CA ASN L 265 -35.43 -30.93 -32.45
CA THR L 266 -36.09 -34.15 -30.52
CA LEU L 267 -39.84 -33.51 -30.54
CA ASN L 268 -39.97 -33.35 -34.32
CA GLU L 269 -39.44 -37.14 -34.19
CA PHE L 270 -43.14 -37.47 -33.29
CA SER L 271 -46.31 -36.40 -35.04
CA GLY L 272 -50.09 -36.58 -34.96
CA TYR L 273 -50.41 -35.65 -31.29
CA THR L 274 -53.80 -34.07 -30.50
CA HIS L 275 -52.99 -33.16 -26.91
CA VAL L 276 -49.69 -32.16 -25.35
CA MET L 277 -48.59 -32.31 -21.72
CA VAL L 278 -45.30 -31.36 -20.06
CA ILE L 279 -44.36 -32.94 -16.68
CA GLY L 280 -41.30 -32.90 -14.39
CA GLY L 281 -39.65 -29.97 -12.60
CA GLY L 282 -38.01 -29.09 -15.91
CA ALA L 283 -41.46 -28.53 -17.49
CA GLU L 284 -41.43 -25.08 -15.92
CA LEU L 285 -38.28 -24.22 -17.87
CA ILE L 286 -39.36 -25.19 -21.40
CA CYS L 287 -43.17 -24.97 -21.34
CA ASP L 288 -43.70 -21.81 -23.38
CA ALA L 289 -41.31 -22.79 -26.19
CA VAL L 290 -43.03 -26.14 -26.59
CA LYS L 291 -46.58 -24.75 -26.45
CA LYS L 292 -45.69 -22.17 -29.10
CA HIS L 293 -43.72 -24.57 -31.31
CA THR L 294 -46.57 -27.11 -31.48
CA GLN L 295 -49.38 -24.66 -32.32
CA ILE L 296 -51.78 -26.49 -29.99
CA ARG L 297 -54.88 -24.46 -29.00
CA ASP L 298 -55.20 -23.63 -25.33
CA GLU L 299 -57.80 -26.30 -24.48
CA ARG L 300 -55.51 -29.09 -25.70
CA PHE L 301 -52.49 -28.08 -23.57
CA PHE L 302 -52.24 -29.25 -19.92
CA LYS L 303 -49.40 -28.10 -17.66
CA THR L 304 -49.98 -28.56 -13.96
CA ASN L 305 -49.20 -26.59 -10.81
CA ASN L 306 -47.02 -29.35 -9.25
CA SER L 307 -45.28 -30.65 -12.40
CA GLN L 308 -42.50 -32.16 -10.28
CA TYR L 309 -44.97 -34.62 -8.73
CA ASP L 310 -47.13 -35.61 -11.69
CA LEU L 311 -45.38 -38.96 -12.18
CA VAL L 312 -45.44 -40.33 -8.61
CA ASN L 313 -49.08 -39.27 -8.29
CA GLY L 314 -49.84 -41.21 -11.47
CA MET L 315 -47.97 -44.23 -10.18
CA TYR L 316 -50.16 -44.02 -7.08
CA LEU L 317 -53.51 -43.52 -8.79
CA ILE L 318 -52.87 -46.64 -10.76
CA MET M 1 -16.58 -21.61 -59.29
CA LEU M 2 -19.85 -23.45 -59.53
CA VAL M 3 -19.13 -26.57 -57.45
CA PHE M 4 -21.27 -29.60 -57.08
CA ILE M 5 -22.29 -30.91 -53.71
CA ASP M 6 -24.48 -33.95 -53.52
CA ASP M 7 -25.32 -33.53 -49.85
CA GLY M 8 -26.42 -37.01 -48.79
CA SER M 9 -27.44 -37.77 -45.20
CA THR M 10 -24.32 -39.80 -44.52
CA ASN M 11 -21.74 -38.70 -47.08
CA ILE M 12 -21.11 -35.36 -48.76
CA LYS M 13 -20.06 -35.93 -52.36
CA LEU M 14 -18.24 -33.19 -54.25
CA GLN M 15 -17.58 -32.67 -57.93
CA TRP M 16 -15.53 -29.67 -59.01
CA GLN M 17 -13.41 -28.71 -62.04
CA GLU M 18 -10.23 -26.75 -61.39
CA SER M 19 -10.09 -24.54 -64.50
CA ASP M 20 -7.31 -26.78 -65.87
CA GLY M 21 -10.08 -29.14 -67.02
CA THR M 22 -9.43 -30.92 -63.74
CA ILE M 23 -12.68 -32.45 -62.52
CA LYS M 24 -12.30 -33.87 -59.01
CA GLN M 25 -14.50 -36.24 -56.97
CA HIS M 26 -14.20 -35.92 -53.20
CA ILE M 27 -16.30 -37.66 -50.53
CA SER M 28 -16.69 -36.83 -46.85
CA PRO M 29 -18.45 -38.94 -44.16
CA ASN M 30 -20.62 -36.93 -41.75
CA SER M 31 -20.04 -37.64 -38.07
CA PHE M 32 -20.23 -34.67 -35.70
CA LYS M 33 -20.21 -34.27 -31.92
CA ARG M 34 -21.87 -31.25 -30.27
CA GLU M 35 -18.67 -29.99 -28.61
CA TRP M 36 -15.20 -28.91 -29.44
CA ALA M 37 -12.15 -31.09 -30.03
CA VAL M 38 -9.19 -31.17 -27.68
CA SER M 39 -5.82 -30.19 -29.09
CA PHE M 40 -2.29 -31.43 -29.20
CA GLY M 41 -0.66 -29.22 -31.79
CA ASP M 42 -0.11 -30.82 -35.21
CA LYS M 43 -3.15 -29.60 -37.20
CA LYS M 44 -5.54 -31.09 -34.65
CA VAL M 45 -8.40 -28.79 -35.39
CA PHE M 46 -11.84 -28.18 -36.96
CA ASN M 47 -14.15 -26.79 -34.30
CA TYR M 48 -17.21 -24.95 -35.71
CA THR M 49 -19.60 -22.48 -34.13
CA LEU M 50 -23.07 -21.71 -35.41
CA ASN M 51 -26.12 -20.26 -33.72
CA GLY M 52 -25.28 -21.04 -30.12
CA GLU M 53 -24.12 -24.67 -30.06
CA GLN M 54 -20.76 -25.79 -31.38
CA TYR M 55 -19.51 -28.85 -33.23
CA SER M 56 -16.49 -30.82 -34.15
CA PHE M 57 -15.74 -33.94 -36.10
CA ASP M 58 -15.73 -37.37 -34.48
CA PRO M 59 -15.65 -40.56 -36.59
CA ILE M 60 -15.54 -43.12 -33.80
CA SER M 61 -17.74 -42.51 -30.76
CA PRO M 62 -21.43 -42.30 -29.78
CA ASP M 63 -23.11 -38.93 -29.31
CA ALA M 64 -22.04 -38.07 -32.81
CA VAL M 65 -25.52 -36.97 -33.87
CA VAL M 66 -27.48 -39.51 -35.95
CA THR M 67 -28.55 -37.99 -39.25
CA THR M 68 -30.91 -40.69 -40.59
CA ASN M 69 -33.98 -38.52 -39.76
CA ILE M 70 -35.77 -37.06 -42.80
CA ALA M 71 -35.27 -33.38 -41.82
CA TRP M 72 -31.52 -33.59 -42.39
CA GLN M 73 -32.06 -31.42 -45.50
CA TYR M 74 -32.92 -28.45 -43.28
CA SER M 75 -30.61 -29.24 -40.35
CA ASP M 76 -28.02 -26.77 -39.04
CA VAL M 77 -25.72 -29.79 -38.85
CA ASN M 78 -26.08 -30.03 -42.64
CA VAL M 79 -24.47 -26.60 -43.04
CA VAL M 80 -21.66 -27.66 -40.74
CA ALA M 81 -21.19 -30.90 -42.65
CA VAL M 82 -21.01 -29.26 -46.06
CA HIS M 83 -18.58 -26.57 -44.90
CA HIS M 84 -16.39 -29.19 -43.32
CA ALA M 85 -16.35 -31.32 -46.44
CA LEU M 86 -15.35 -28.38 -48.63
CA LEU M 87 -12.68 -27.34 -46.11
CA THR M 88 -10.88 -30.62 -46.80
CA SER M 89 -11.06 -30.28 -50.61
CA GLY M 90 -7.67 -28.71 -51.23
CA LEU M 91 -9.38 -25.68 -52.72
CA PRO M 92 -8.40 -22.02 -52.44
CA VAL M 93 -10.67 -20.66 -49.69
CA SER M 94 -13.05 -18.10 -51.25
CA GLU M 95 -16.53 -17.11 -52.24
CA VAL M 96 -17.99 -19.77 -54.55
CA ASP M 97 -21.36 -20.95 -55.88
CA ILE M 98 -22.91 -24.36 -55.52
CA VAL M 99 -25.54 -26.77 -56.62
CA CYS M 100 -26.93 -29.22 -54.12
CA THR M 101 -29.59 -31.95 -53.86
CA LEU M 102 -33.12 -32.47 -52.64
CA PRO M 103 -34.75 -35.90 -52.18
CA LEU M 104 -37.34 -36.85 -54.80
CA THR M 105 -40.30 -36.29 -52.47
CA GLU M 106 -39.16 -32.79 -51.47
CA TYR M 107 -39.30 -31.09 -54.88
CA TYR M 108 -42.74 -32.37 -55.78
CA ASP M 109 -46.29 -32.70 -54.51
CA ARG M 110 -49.81 -33.81 -55.64
CA ASN M 111 -49.65 -32.05 -58.98
CA ASN M 112 -46.06 -32.99 -59.76
CA GLN M 113 -44.61 -29.51 -59.94
CA PRO M 114 -41.61 -27.98 -58.17
CA ASN M 115 -42.24 -27.28 -54.46
CA THR M 116 -40.75 -23.79 -54.52
CA GLU M 117 -41.37 -23.45 -50.80
CA ASN M 118 -39.21 -26.45 -49.91
CA ILE M 119 -36.68 -25.56 -52.63
CA GLU M 120 -36.23 -22.11 -51.10
CA ARG M 121 -36.09 -23.24 -47.47
CA LYS M 122 -33.14 -25.31 -48.72
CA LYS M 123 -31.36 -22.32 -50.32
CA ALA M 124 -31.86 -20.26 -47.19
CA ASN M 125 -30.21 -22.86 -44.93
CA PHE M 126 -26.83 -22.23 -46.63
CA ARG M 127 -27.02 -18.54 -45.68
CA LYS M 128 -26.56 -19.43 -42.01
CA LYS M 129 -23.41 -17.88 -40.57
CA ILE M 130 -20.69 -20.16 -39.23
CA THR M 131 -17.24 -19.70 -37.69
CA LEU M 132 -14.21 -21.97 -37.68
CA ASN M 133 -11.69 -20.66 -35.05
CA GLY M 134 -8.10 -20.24 -36.28
CA GLY M 135 -8.94 -19.98 -39.98
CA ASP M 136 -11.32 -18.61 -42.59
CA THR M 137 -14.20 -20.61 -44.04
CA PHE M 138 -15.13 -20.57 -47.74
CA THR M 139 -18.11 -18.28 -48.34
CA ILE M 140 -21.06 -19.84 -50.13
CA LYS M 141 -22.63 -17.27 -52.48
CA ASP M 142 -25.17 -18.52 -55.06
CA VAL M 143 -27.21 -21.68 -54.42
CA LYS M 144 -29.35 -23.89 -56.67
CA VAL M 145 -31.01 -27.27 -56.27
CA MET M 146 -31.43 -30.42 -58.36
CA PRO M 147 -33.53 -33.51 -57.58
CA GLU M 148 -32.00 -36.83 -56.43
CA SER M 149 -32.92 -39.25 -59.28
CA ILE M 150 -32.45 -38.02 -62.86
CA PRO M 151 -28.87 -37.06 -63.48
CA ALA M 152 -27.26 -40.41 -62.59
CA GLY M 153 -28.87 -41.91 -65.70
CA TYR M 154 -27.46 -39.11 -67.84
CA GLU M 155 -24.88 -40.71 -70.11
CA VAL M 156 -26.82 -43.98 -70.46
CA LEU M 157 -30.07 -42.13 -71.24
CA GLN M 158 -28.31 -40.34 -74.10
CA GLU M 159 -27.64 -43.46 -76.16
CA LEU M 160 -31.03 -45.06 -75.45
CA ASP M 161 -33.57 -43.89 -78.12
CA GLU M 162 -37.01 -42.19 -77.81
CA LEU M 163 -39.58 -44.97 -77.24
CA ASP M 164 -38.03 -46.86 -74.29
CA SER M 165 -37.56 -46.25 -70.55
CA LEU M 166 -34.78 -46.43 -67.99
CA LEU M 167 -35.57 -47.25 -64.37
CA ILE M 168 -33.12 -45.50 -62.05
CA ILE M 169 -33.08 -47.01 -58.55
CA ASP M 170 -31.37 -44.66 -56.05
CA LEU M 171 -30.95 -46.29 -52.64
CA GLY M 172 -29.40 -43.99 -50.05
CA GLY M 173 -29.03 -44.04 -46.26
CA THR M 174 -32.43 -42.48 -45.65
CA THR M 175 -34.36 -42.57 -48.94
CA LEU M 176 -35.31 -44.98 -51.73
CA ASP M 177 -35.78 -42.81 -54.83
CA ILE M 178 -37.09 -44.47 -58.00
CA SER M 179 -37.63 -42.83 -61.37
CA GLN M 180 -38.55 -44.09 -64.80
CA VAL M 181 -37.33 -41.89 -67.65
CA MET M 182 -38.41 -42.60 -71.25
CA GLY M 183 -35.62 -42.63 -73.85
CA LYS M 184 -33.17 -39.86 -73.04
CA LEU M 185 -34.41 -37.07 -70.76
CA SER M 186 -36.99 -36.56 -73.50
CA GLY M 187 -39.62 -37.57 -70.94
CA ILE M 188 -39.97 -38.71 -67.31
CA SER M 189 -42.88 -41.08 -66.84
CA LYS M 190 -43.03 -41.67 -63.12
CA ILE M 191 -41.17 -40.86 -59.91
CA TYR M 192 -41.44 -42.23 -56.40
CA GLY M 193 -39.76 -41.38 -53.11
CA ASP M 194 -39.87 -43.40 -49.92
CA SER M 195 -38.03 -41.54 -47.14
CA SER M 196 -38.60 -44.34 -44.58
CA LEU M 197 -36.81 -46.94 -46.71
CA GLY M 198 -33.06 -46.47 -46.57
CA VAL M 199 -29.93 -48.44 -45.73
CA SER M 200 -30.61 -47.14 -42.21
CA LEU M 201 -32.81 -50.15 -41.66
CA VAL M 202 -29.88 -52.49 -41.16
CA THR M 203 -27.44 -49.91 -39.74
CA SER M 204 -29.97 -49.08 -36.99
CA ALA M 205 -30.28 -52.77 -36.04
CA VAL M 206 -26.54 -53.45 -36.21
CA LYS M 207 -25.82 -50.45 -33.95
CA ASP M 208 -27.86 -52.12 -31.26
CA ALA M 209 -26.12 -55.47 -31.93
CA LEU M 210 -22.73 -53.88 -31.53
CA SER M 211 -23.88 -52.47 -28.17
CA LEU M 212 -24.86 -56.02 -27.14
CA ALA M 213 -21.34 -56.98 -28.22
CA ARG M 214 -19.99 -54.29 -25.89
CA THR M 215 -18.93 -52.13 -28.82
CA LYS M 216 -21.14 -49.06 -28.35
CA GLY M 217 -19.97 -46.91 -31.24
CA SER M 218 -20.51 -44.39 -34.02
CA SER M 219 -22.82 -44.89 -36.97
CA TYR M 220 -19.67 -44.71 -39.08
CA LEU M 221 -18.06 -47.72 -37.36
CA ALA M 222 -21.28 -49.65 -37.84
CA ASP M 223 -21.25 -48.84 -41.55
CA ASP M 224 -17.66 -49.94 -41.59
CA ILE M 225 -18.86 -53.34 -40.35
CA ILE M 226 -21.52 -53.45 -43.04
CA ILE M 227 -18.97 -52.58 -45.73
CA HIS M 228 -16.65 -55.37 -44.62
CA ARG M 229 -19.41 -57.88 -43.94
CA LYS M 230 -17.50 -60.54 -45.95
CA ASP M 231 -14.25 -60.79 -43.93
CA ASN M 232 -14.61 -62.34 -40.47
CA ASN M 233 -10.95 -61.48 -39.83
CA TYR M 234 -11.55 -57.81 -40.55
CA LEU M 235 -14.53 -57.90 -38.22
CA LYS M 236 -12.28 -59.42 -35.54
CA GLN M 237 -10.23 -56.19 -35.70
CA ARG M 238 -13.34 -54.07 -35.01
CA ILE M 239 -15.70 -56.10 -32.75
CA ASN M 240 -14.36 -55.50 -29.27
CA ASP M 241 -13.30 -58.75 -27.70
CA GLU M 242 -15.59 -61.71 -28.37
CA ASN M 243 -16.48 -65.09 -29.74
CA LYS M 244 -19.78 -63.23 -30.14
CA ILE M 245 -18.96 -62.08 -33.62
CA SER M 246 -21.71 -64.73 -33.87
CA ILE M 247 -24.39 -62.61 -32.22
CA VAL M 248 -23.68 -59.65 -34.47
CA THR M 249 -23.32 -61.37 -37.85
CA GLU M 250 -26.63 -63.23 -37.64
CA ALA M 251 -28.57 -60.19 -36.41
CA MET M 252 -26.97 -58.27 -39.27
CA ASN M 253 -27.77 -61.03 -41.78
CA GLU M 254 -31.41 -61.31 -40.73
CA ALA M 255 -32.02 -57.60 -40.97
CA LEU M 256 -30.22 -57.54 -44.36
CA ARG M 257 -32.59 -60.18 -45.76
CA LYS M 258 -35.52 -58.22 -44.44
CA LEU M 259 -34.44 -55.10 -46.30
CA GLU M 260 -34.73 -56.78 -49.70
CA GLN M 261 -38.40 -57.78 -49.40
CA ARG M 262 -39.65 -54.29 -48.67
CA VAL M 263 -37.50 -52.68 -51.38
CA LEU M 264 -38.66 -55.17 -54.04
CA ASN M 265 -42.30 -54.74 -53.05
CA THR M 266 -41.81 -51.01 -53.67
CA LEU M 267 -40.52 -51.66 -57.18
CA ASN M 268 -43.68 -53.47 -58.20
CA GLU M 269 -45.30 -50.00 -58.18
CA PHE M 270 -43.64 -49.38 -61.56
CA SER M 271 -43.84 -51.19 -64.88
CA GLY M 272 -42.79 -51.07 -68.51
CA TYR M 273 -39.15 -50.28 -67.83
CA THR M 274 -36.86 -51.41 -70.67
CA HIS M 275 -33.61 -50.61 -68.91
CA VAL M 276 -32.75 -50.75 -65.23
CA MET M 277 -29.98 -48.99 -63.33
CA VAL M 278 -29.06 -49.04 -59.63
CA ILE M 279 -27.07 -46.10 -58.14
CA GLY M 280 -25.90 -45.07 -54.65
CA GLY M 281 -23.58 -46.86 -52.22
CA GLY M 282 -26.51 -49.09 -51.31
CA ALA M 283 -26.70 -50.35 -54.92
CA GLU M 284 -23.88 -52.75 -54.04
CA LEU M 285 -26.08 -54.32 -51.36
CA ILE M 286 -29.25 -55.04 -53.38
CA CYS M 287 -28.05 -55.29 -57.00
CA ASP M 288 -28.34 -59.04 -57.55
CA ALA M 289 -31.85 -59.36 -56.06
CA VAL M 290 -33.12 -56.57 -58.27
CA LYS M 291 -31.44 -57.82 -61.46
CA LYS M 292 -32.87 -61.29 -60.86
CA HIS M 293 -36.35 -60.09 -59.83
CA THR M 294 -36.78 -57.96 -62.97
CA GLN M 295 -35.67 -60.55 -65.52
CA ILE M 296 -33.75 -57.93 -67.51
CA ARG M 297 -31.21 -59.36 -69.99
CA ASP M 298 -27.60 -58.49 -69.31
CA GLU M 299 -27.25 -55.78 -71.97
CA ARG M 300 -30.12 -53.77 -70.46
CA PHE M 301 -28.71 -53.66 -66.91
CA PHE M 302 -26.11 -51.00 -65.96
CA LYS M 303 -24.48 -50.97 -62.54
CA THR M 304 -21.31 -48.93 -62.27
CA ASN M 305 -17.97 -49.28 -60.51
CA ASN M 306 -18.40 -46.07 -58.42
CA SER M 307 -22.15 -46.26 -57.67
CA GLN M 308 -21.72 -43.92 -54.71
CA TYR M 309 -20.74 -41.07 -57.05
CA ASP M 310 -23.11 -41.55 -59.97
CA LEU M 311 -25.44 -38.73 -58.88
CA VAL M 312 -22.91 -35.92 -58.27
CA ASN M 313 -21.18 -36.80 -61.55
CA GLY M 314 -24.54 -36.49 -63.32
CA MET M 315 -25.21 -33.17 -61.64
CA TYR M 316 -21.85 -32.02 -62.96
CA LEU M 317 -22.19 -33.32 -66.54
CA ILE M 318 -25.39 -31.39 -66.84
CA MET N 1 -66.75 -73.78 -40.35
CA LEU N 2 -66.85 -72.27 -43.79
CA VAL N 3 -66.54 -68.56 -43.00
CA PHE N 4 -66.92 -65.69 -45.37
CA ILE N 5 -64.26 -63.05 -45.72
CA ASP N 6 -64.79 -60.26 -48.18
CA ASP N 7 -61.21 -59.04 -48.04
CA GLY N 8 -61.45 -55.45 -49.31
CA SER N 9 -58.38 -53.21 -49.53
CA THR N 10 -59.49 -51.05 -46.63
CA ASN N 11 -61.94 -53.13 -44.60
CA ILE N 12 -62.16 -56.85 -43.97
CA LYS N 13 -65.81 -57.92 -43.88
CA LEU N 14 -66.78 -61.19 -42.24
CA GLN N 15 -69.93 -63.26 -42.42
CA TRP N 16 -70.18 -66.40 -40.31
CA GLN N 17 -72.96 -68.58 -38.88
CA GLU N 18 -72.44 -70.01 -35.40
CA SER N 19 -74.24 -73.36 -35.73
CA ASP N 20 -77.13 -71.92 -33.66
CA GLY N 21 -78.38 -70.33 -36.92
CA THR N 22 -76.44 -67.29 -35.73
CA ILE N 23 -75.15 -65.41 -38.77
CA LYS N 24 -72.80 -62.60 -37.73
CA GLN N 25 -71.44 -59.59 -39.68
CA HIS N 26 -68.11 -58.23 -38.45
CA ILE N 27 -65.97 -55.53 -40.06
CA SER N 28 -62.31 -54.66 -39.45
CA PRO N 29 -60.40 -51.61 -40.78
CA ASN N 30 -56.89 -52.38 -42.03
CA SER N 31 -54.15 -50.11 -40.69
CA PHE N 32 -50.79 -51.74 -39.92
CA LYS N 33 -47.36 -50.45 -38.95
CA ARG N 34 -44.21 -52.46 -39.76
CA GLU N 35 -43.11 -52.82 -36.13
CA TRP N 36 -44.32 -54.11 -32.85
CA ALA N 37 -46.56 -52.39 -30.33
CA VAL N 38 -45.36 -51.24 -26.94
CA SER N 39 -47.08 -52.71 -23.90
CA PHE N 40 -48.66 -51.59 -20.70
CA GLY N 41 -50.41 -54.70 -19.45
CA ASP N 42 -54.20 -54.77 -19.94
CA LYS N 43 -54.59 -56.76 -23.18
CA LYS N 44 -52.36 -54.33 -25.07
CA VAL N 45 -51.27 -56.76 -27.70
CA PHE N 46 -51.44 -58.04 -31.32
CA ASN N 47 -47.93 -58.13 -32.73
CA TYR N 48 -47.54 -60.44 -35.77
CA THR N 49 -44.50 -62.00 -37.37
CA LEU N 50 -44.35 -63.31 -40.92
CA ASN N 51 -41.44 -63.89 -43.27
CA GLY N 52 -38.87 -61.59 -41.71
CA GLU N 53 -40.66 -58.29 -41.03
CA GLN N 54 -43.20 -57.84 -38.26
CA TYR N 55 -46.42 -55.89 -37.90
CA SER N 56 -48.85 -54.48 -35.46
CA PHE N 57 -52.05 -52.53 -35.60
CA ASP N 58 -52.09 -48.72 -35.65
CA PRO N 59 -55.27 -46.79 -36.49
CA ILE N 60 -53.97 -43.26 -36.04
CA SER N 61 -50.48 -42.50 -37.36
CA PRO N 62 -48.54 -42.30 -40.65
CA ASP N 63 -46.25 -45.15 -41.71
CA ALA N 64 -49.22 -47.44 -41.42
CA VAL N 65 -48.75 -48.94 -44.88
CA VAL N 66 -51.08 -47.59 -47.59
CA THR N 67 -53.00 -50.42 -49.21
CA THR N 68 -54.66 -48.61 -52.14
CA ASN N 69 -52.21 -50.22 -54.62
CA ILE N 70 -53.74 -52.89 -56.88
CA ALA N 71 -51.49 -55.76 -55.69
CA TRP N 72 -53.08 -55.78 -52.24
CA GLN N 73 -54.72 -59.10 -53.22
CA TYR N 74 -51.33 -60.81 -53.15
CA SER N 75 -49.74 -58.79 -50.32
CA ASP N 76 -48.27 -60.40 -47.21
CA VAL N 77 -49.99 -57.56 -45.33
CA ASN N 78 -53.28 -59.02 -46.62
CA VAL N 79 -52.63 -62.26 -44.72
CA VAL N 80 -51.83 -60.27 -41.59
CA ALA N 81 -54.98 -58.19 -42.02
CA VAL N 82 -57.30 -61.16 -42.45
CA HIS N 83 -55.81 -63.04 -39.49
CA HIS N 84 -56.14 -59.97 -37.34
CA ALA N 85 -59.75 -59.41 -38.32
CA LEU N 86 -60.68 -63.00 -37.50
CA LEU N 87 -58.78 -62.81 -34.20
CA THR N 88 -61.25 -60.15 -33.05
CA SER N 89 -64.35 -62.13 -34.09
CA GLY N 90 -65.16 -63.77 -30.76
CA LEU N 91 -64.70 -67.17 -32.38
CA PRO N 92 -63.19 -70.32 -30.90
CA VAL N 93 -59.63 -70.36 -32.25
CA SER N 94 -59.25 -73.38 -34.58
CA GLU N 95 -58.76 -74.73 -38.04
CA VAL N 96 -61.48 -73.39 -40.34
CA ASP N 97 -62.22 -72.94 -44.06
CA ILE N 98 -62.92 -69.73 -45.89
CA VAL N 99 -64.17 -68.09 -49.00
CA CYS N 100 -62.65 -64.79 -50.06
CA THR N 101 -62.86 -62.26 -52.92
CA LEU N 102 -61.07 -61.30 -56.08
CA PRO N 103 -61.66 -58.04 -57.99
CA LEU N 104 -63.63 -58.37 -61.22
CA THR N 105 -60.57 -57.88 -63.45
CA GLU N 106 -58.55 -60.56 -61.66
CA TYR N 107 -60.75 -63.59 -62.40
CA TYR N 108 -61.13 -62.88 -66.08
CA ASP N 109 -59.21 -62.06 -69.24
CA ARG N 110 -59.71 -61.60 -73.03
CA ASN N 111 -61.90 -64.65 -73.46
CA ASN N 112 -63.96 -64.10 -70.31
CA GLN N 113 -63.04 -67.29 -68.51
CA PRO N 114 -61.67 -67.87 -65.00
CA ASN N 115 -58.00 -66.86 -64.63
CA THR N 116 -56.98 -70.02 -62.77
CA GLU N 117 -53.45 -68.70 -62.43
CA ASN N 118 -54.53 -65.58 -60.52
CA ILE N 119 -57.20 -67.54 -58.63
CA GLU N 120 -54.54 -69.96 -57.38
CA ARG N 121 -51.91 -67.36 -56.53
CA LYS N 122 -54.66 -66.01 -54.25
CA LYS N 123 -55.27 -69.38 -52.52
CA ALA N 124 -51.56 -69.87 -52.00
CA ASN N 125 -51.14 -66.53 -50.22
CA PHE N 126 -53.26 -67.79 -47.28
CA ARG N 127 -50.84 -70.70 -46.76
CA LYS N 128 -48.16 -68.27 -45.56
CA LYS N 129 -47.11 -69.01 -41.98
CA ILE N 130 -47.65 -66.33 -39.35
CA THR N 131 -47.06 -66.04 -35.60
CA LEU N 132 -48.81 -63.96 -32.97
CA ASN N 133 -46.66 -63.95 -29.75
CA GLY N 134 -48.53 -64.83 -26.53
CA GLY N 135 -51.39 -66.69 -28.18
CA ASP N 136 -52.44 -69.09 -30.92
CA THR N 137 -53.76 -67.97 -34.30
CA PHE N 138 -56.69 -69.64 -36.07
CA THR N 139 -55.44 -72.00 -38.79
CA ILE N 140 -56.86 -71.40 -42.26
CA LYS N 141 -57.39 -74.76 -43.99
CA ASP N 142 -59.46 -74.81 -47.22
CA VAL N 143 -59.68 -71.71 -49.43
CA LYS N 144 -61.99 -70.73 -52.31
CA VAL N 145 -62.60 -67.54 -54.25
CA MET N 146 -65.62 -65.63 -55.56
CA PRO N 147 -65.67 -62.53 -57.80
CA GLU N 148 -66.48 -59.03 -56.48
CA SER N 149 -69.71 -58.13 -58.35
CA ILE N 150 -72.43 -60.78 -58.59
CA PRO N 151 -73.54 -61.88 -55.16
CA ALA N 152 -74.60 -58.46 -53.84
CA GLY N 153 -77.49 -58.50 -56.33
CA TYR N 154 -78.55 -61.93 -55.12
CA GLU N 155 -81.88 -61.46 -53.38
CA VAL N 156 -83.03 -58.70 -55.76
CA LEU N 157 -82.05 -60.75 -58.83
CA GLN N 158 -84.26 -63.59 -57.59
CA GLU N 159 -87.54 -61.68 -57.83
CA LEU N 160 -86.68 -59.96 -61.13
CA ASP N 161 -87.81 -62.22 -64.06
CA GLU N 162 -85.91 -63.66 -67.08
CA LEU N 163 -85.87 -60.93 -69.78
CA ASP N 164 -84.53 -57.93 -67.83
CA SER N 165 -81.16 -56.82 -66.40
CA LEU N 166 -79.77 -55.51 -63.15
CA LEU N 167 -76.77 -53.19 -63.14
CA ILE N 168 -74.69 -53.72 -60.01
CA ILE N 169 -72.30 -50.83 -59.33
CA ASP N 170 -69.61 -51.83 -56.79
CA LEU N 171 -67.44 -48.85 -55.78
CA GLY N 172 -64.66 -49.77 -53.37
CA GLY N 173 -61.50 -48.06 -52.12
CA THR N 174 -59.39 -49.24 -55.04
CA THR N 175 -61.76 -50.61 -57.69
CA LEU N 176 -64.94 -49.67 -59.59
CA ASP N 177 -66.58 -52.99 -60.49
CA ILE N 178 -69.66 -52.92 -62.73
CA SER N 179 -71.74 -55.86 -63.85
CA GLN N 180 -75.00 -56.25 -65.70
CA VAL N 181 -76.87 -59.46 -64.92
CA MET N 182 -80.01 -60.42 -66.92
CA GLY N 183 -83.03 -61.50 -64.87
CA LYS N 184 -81.82 -63.60 -61.95
CA LEU N 185 -78.34 -65.13 -62.24
CA SER N 186 -79.80 -66.82 -65.31
CA GLY N 187 -77.30 -64.83 -67.35
CA ILE N 188 -74.55 -62.20 -66.98
CA SER N 189 -74.34 -59.90 -69.97
CA LYS N 190 -71.31 -57.75 -69.31
CA ILE N 191 -68.70 -57.04 -66.65
CA TYR N 192 -66.17 -54.27 -66.25
CA GLY N 193 -63.41 -53.58 -63.74
CA ASP N 194 -61.46 -50.36 -63.34
CA SER N 195 -58.77 -50.79 -60.67
CA SER N 196 -57.58 -47.16 -60.97
CA LEU N 197 -61.00 -45.74 -60.09
CA GLY N 198 -61.69 -46.06 -56.39
CA VAL N 199 -62.64 -43.89 -53.43
CA SER N 200 -58.85 -43.51 -53.07
CA LEU N 201 -59.05 -40.60 -55.46
CA VAL N 202 -60.39 -38.23 -52.81
CA THR N 203 -58.73 -39.90 -49.80
CA SER N 204 -55.32 -39.47 -51.45
CA ALA N 205 -55.96 -35.75 -52.01
CA VAL N 206 -57.40 -35.17 -48.53
CA LYS N 207 -54.38 -36.86 -46.92
CA ASP N 208 -52.19 -34.21 -48.45
CA ALA N 209 -54.66 -31.47 -47.37
CA LEU N 210 -54.57 -32.68 -43.81
CA SER N 211 -50.75 -32.49 -43.93
CA LEU N 212 -51.08 -28.86 -45.09
CA ALA N 213 -53.37 -28.43 -42.08
CA ARG N 214 -50.59 -29.81 -39.88
CA THR N 215 -52.51 -33.02 -39.28
CA LYS N 216 -50.22 -35.59 -40.89
CA GLY N 217 -52.14 -38.79 -40.19
CA SER N 218 -53.35 -42.27 -41.05
CA SER N 219 -55.48 -43.15 -44.04
CA TYR N 220 -58.08 -44.19 -41.49
CA LEU N 221 -58.29 -40.71 -39.91
CA ALA N 222 -58.65 -39.24 -43.37
CA ASP N 223 -61.52 -41.59 -44.12
CA ASP N 224 -63.00 -40.57 -40.82
CA ILE N 225 -63.03 -36.99 -42.12
CA ILE N 226 -64.69 -38.10 -45.33
CA ILE N 227 -67.34 -40.04 -43.40
CA HIS N 228 -68.17 -37.01 -41.26
CA ARG N 229 -67.90 -34.49 -44.08
CA LYS N 230 -71.26 -32.96 -43.07
CA ASP N 231 -70.50 -31.82 -39.49
CA ASN N 232 -68.05 -28.90 -39.20
CA ASN N 233 -68.13 -29.35 -35.42
CA TYR N 234 -67.06 -32.98 -35.71
CA LEU N 235 -64.27 -31.92 -38.04
CA LYS N 236 -63.18 -29.34 -35.43
CA GLN N 237 -62.52 -32.29 -33.07
CA ARG N 238 -60.19 -33.93 -35.62
CA ILE N 239 -58.45 -31.14 -37.62
CA ASN N 240 -55.54 -30.13 -35.43
CA ASP N 241 -55.83 -26.51 -34.45
CA GLU N 242 -57.04 -24.19 -37.18
CA ASN N 243 -59.41 -21.75 -38.81
CA LYS N 244 -58.07 -23.64 -41.84
CA ILE N 245 -60.84 -26.19 -41.74
CA SER N 246 -61.42 -23.95 -44.77
CA ILE N 247 -58.37 -25.16 -46.69
CA VAL N 248 -59.27 -28.80 -46.17
CA THR N 249 -63.03 -28.73 -46.84
CA GLU N 250 -62.72 -27.00 -50.22
CA ALA N 251 -59.85 -29.22 -51.40
CA MET N 252 -61.96 -32.18 -50.30
CA ASN N 253 -65.08 -30.81 -52.03
CA GLU N 254 -63.30 -30.14 -55.31
CA ALA N 255 -61.79 -33.59 -55.48
CA LEU N 256 -65.18 -35.11 -54.55
CA ARG N 257 -66.86 -33.37 -57.50
CA LYS N 258 -64.12 -34.59 -59.75
CA LEU N 259 -64.70 -38.20 -58.76
CA GLU N 260 -68.28 -38.19 -60.07
CA GLN N 261 -67.44 -37.20 -63.65
CA ARG N 262 -65.00 -40.02 -64.24
CA VAL N 263 -67.26 -42.63 -62.61
CA LEU N 264 -70.30 -41.58 -64.66
CA ASN N 265 -68.28 -41.58 -67.88
CA THR N 266 -67.38 -45.19 -67.09
CA LEU N 267 -71.04 -46.13 -66.76
CA ASN N 268 -71.83 -44.99 -70.29
CA GLU N 269 -69.92 -48.12 -71.39
CA PHE N 270 -73.05 -50.14 -70.52
CA SER N 271 -76.61 -49.97 -71.74
CA GLY N 272 -80.00 -51.66 -71.58
CA TYR N 273 -80.06 -52.02 -67.80
CA THR N 274 -83.62 -52.23 -66.44
CA HIS N 275 -82.64 -52.14 -62.77
CA VAL N 276 -79.74 -50.39 -61.08
CA MET N 277 -78.10 -51.10 -57.74
CA VAL N 278 -75.17 -49.43 -55.98
CA ILE N 279 -73.18 -51.39 -53.33
CA GLY N 280 -70.04 -50.78 -51.25
CA GLY N 281 -69.32 -48.08 -48.66
CA GLY N 282 -68.67 -45.71 -51.55
CA ALA N 283 -72.28 -46.15 -52.75
CA GLU N 284 -73.28 -43.57 -50.15
CA LEU N 285 -71.03 -41.01 -51.83
CA ILE N 286 -72.22 -41.29 -55.44
CA CYS N 287 -75.79 -42.65 -55.19
CA ASP N 288 -77.76 -39.52 -56.07
CA ALA N 289 -75.65 -38.61 -59.14
CA VAL N 290 -76.05 -42.11 -60.54
CA LYS N 291 -79.78 -42.37 -59.83
CA LYS N 292 -80.34 -39.01 -61.51
CA HIS N 293 -78.01 -39.67 -64.46
CA THR N 294 -79.72 -42.97 -65.36
CA GLN N 295 -83.31 -41.74 -65.22
CA ILE N 296 -84.45 -44.94 -63.52
CA ARG N 297 -87.89 -44.73 -61.85
CA ASP N 298 -87.92 -45.16 -58.10
CA GLU N 299 -89.17 -48.77 -58.04
CA ARG N 300 -86.24 -49.94 -60.19
CA PHE N 301 -83.51 -48.46 -57.97
CA PHE N 302 -82.28 -50.41 -54.90
CA LYS N 303 -79.74 -48.91 -52.51
CA THR N 304 -79.51 -50.59 -49.13
CA ASN N 305 -79.03 -49.47 -45.54
CA ASN N 306 -75.75 -51.44 -45.05
CA SER N 307 -74.18 -50.98 -48.50
CA GLN N 308 -70.74 -51.79 -47.08
CA TYR N 309 -71.85 -55.36 -46.33
CA ASP N 310 -73.93 -56.25 -49.37
CA LEU N 311 -71.17 -58.33 -50.98
CA VAL N 312 -70.15 -60.55 -48.05
CA ASN N 313 -73.83 -61.19 -47.27
CA GLY N 314 -74.33 -62.28 -50.89
CA MET N 315 -71.30 -64.53 -50.71
CA TYR N 316 -72.87 -66.10 -47.64
CA LEU N 317 -76.41 -66.51 -48.99
CA ILE N 318 -75.01 -68.41 -51.89
#